data_9DHQ
#
_entry.id   9DHQ
#
_cell.length_a   1.00
_cell.length_b   1.00
_cell.length_c   1.00
_cell.angle_alpha   90.00
_cell.angle_beta   90.00
_cell.angle_gamma   90.00
#
_symmetry.space_group_name_H-M   'P 1'
#
loop_
_entity.id
_entity.type
_entity.pdbx_description
1 polymer 'Isoform Flip of Glutamate receptor 2'
2 polymer 'Voltage-dependent calcium channel gamma-2 subunit'
#
loop_
_entity_poly.entity_id
_entity_poly.type
_entity_poly.pdbx_seq_one_letter_code
_entity_poly.pdbx_strand_id
1 'polypeptide(L)'
;EQKTVVVTTILESPYVMMKKNHEMLEGNERYEGYCVDLAAEIAKHCGFKYKLTIVGDGKYGARDADTKIWNGMVGELVYG
KADIAIAPLTITLVREEVIDFSKPFMSLGISIMIKKPQKSKPGVFSFLDPLAYEIWMCIVFAYIGVSVVLFLVSRFSPYE
WHTEEFEDGRETQSSESTNEFGIFNSLWFSLGAFMQQGCDISPRSLSGRIVGGVWWFFTLIIISSYTANLAAFLTVERMV
SPIESAEDLSKQTEIAYGTLDSGSTKEFFRRSKIAVFDKMWTYMRSAEPSVFVRTTAEGVARVRKSKGKYAYLLESTMNE
YIEQRKPCDTMKVGGNLDSKGYGIATPKGSSLGTPVNLAVLKLSEQGVLDKLKNKWWYDKGECGAKDSGSKEKTSALSLS
NVAGVFYILVGGLGLAMLVALIEFCYKSRA
;
A,B,C,D
2 'polypeptide(L)'
;RGVQMLLTTVGAFAAFSLMTIAVGTDYWLYSRGVCKTKSVSENETSKKNEEVMTHSGLWRTCCLEGNFKGLCKQIDHFPE
DADYEADTAEYFLRAVRASSIFPILSVILLFMGGLCIAASEFYKTRHNIILSAGIFFVSAGLSNIIGIIVYISANAGDPS
KSDSKKNSYSYGWSFYFGALSFIIAEMVGVLAVHMFIDRHKQLTG
;
E,F,G,H
#
# COMPACT_ATOMS: atom_id res chain seq x y z
N GLU A 1 -15.30 -38.37 69.80
CA GLU A 1 -14.91 -37.12 69.15
C GLU A 1 -13.54 -37.30 68.50
N GLN A 2 -13.33 -36.64 67.36
CA GLN A 2 -12.16 -36.86 66.52
C GLN A 2 -11.55 -35.51 66.13
N LYS A 3 -10.30 -35.58 65.69
CA LYS A 3 -9.46 -34.40 65.54
C LYS A 3 -10.03 -33.39 64.55
N THR A 4 -10.02 -32.12 64.95
CA THR A 4 -10.18 -31.01 64.02
C THR A 4 -9.00 -30.97 63.05
N VAL A 5 -9.27 -30.48 61.84
CA VAL A 5 -8.36 -30.60 60.70
C VAL A 5 -7.60 -29.28 60.55
N VAL A 6 -6.28 -29.37 60.40
CA VAL A 6 -5.40 -28.22 60.27
C VAL A 6 -5.22 -27.88 58.80
N VAL A 7 -5.75 -26.72 58.38
CA VAL A 7 -5.75 -26.27 56.99
C VAL A 7 -4.77 -25.11 56.87
N THR A 8 -3.96 -25.12 55.82
CA THR A 8 -2.95 -24.09 55.63
C THR A 8 -2.79 -23.75 54.16
N THR A 9 -2.35 -22.52 53.90
CA THR A 9 -2.43 -21.89 52.59
C THR A 9 -1.52 -20.67 52.59
N ILE A 10 -1.44 -19.99 51.45
CA ILE A 10 -0.51 -18.88 51.25
C ILE A 10 -1.29 -17.59 50.99
N LEU A 11 -0.76 -16.49 51.52
CA LEU A 11 -1.38 -15.17 51.49
C LEU A 11 -1.33 -14.50 50.12
N GLU A 12 -1.16 -15.27 49.05
CA GLU A 12 -0.92 -14.67 47.75
C GLU A 12 -2.17 -13.99 47.19
N SER A 13 -1.94 -12.87 46.52
CA SER A 13 -3.02 -12.04 46.00
C SER A 13 -3.77 -12.76 44.88
N PRO A 14 -5.12 -12.74 44.88
CA PRO A 14 -6.03 -12.46 45.98
C PRO A 14 -6.49 -13.71 46.71
N TYR A 15 -5.96 -14.88 46.34
CA TYR A 15 -6.59 -16.16 46.65
C TYR A 15 -6.93 -16.28 48.14
N VAL A 16 -6.07 -15.77 49.01
CA VAL A 16 -6.43 -15.45 50.39
C VAL A 16 -5.84 -14.09 50.73
N MET A 17 -6.65 -13.24 51.38
CA MET A 17 -6.20 -11.95 51.84
C MET A 17 -6.83 -11.67 53.20
N MET A 18 -6.18 -10.80 53.97
CA MET A 18 -6.61 -10.53 55.33
C MET A 18 -8.00 -9.91 55.34
N LYS A 19 -8.90 -10.47 56.14
CA LYS A 19 -10.16 -9.80 56.45
C LYS A 19 -9.86 -8.55 57.28
N LYS A 20 -10.02 -7.38 56.67
CA LYS A 20 -9.33 -6.17 57.13
C LYS A 20 -9.70 -5.78 58.56
N ASN A 21 -10.84 -6.25 59.07
CA ASN A 21 -11.17 -6.15 60.49
C ASN A 21 -10.36 -7.08 61.39
N HIS A 22 -9.13 -7.41 60.99
CA HIS A 22 -8.45 -8.57 61.54
C HIS A 22 -8.06 -8.42 63.01
N GLU A 23 -7.91 -7.19 63.52
CA GLU A 23 -7.67 -7.02 64.95
C GLU A 23 -8.93 -7.18 65.80
N MET A 24 -10.11 -7.25 65.21
CA MET A 24 -11.36 -7.36 65.95
C MET A 24 -11.96 -8.75 65.93
N LEU A 25 -11.85 -9.47 64.81
CA LEU A 25 -12.44 -10.79 64.72
C LEU A 25 -11.52 -11.83 65.34
N GLU A 26 -12.12 -12.96 65.76
CA GLU A 26 -11.36 -14.09 66.26
C GLU A 26 -12.14 -15.37 65.98
N GLY A 27 -11.54 -16.27 65.20
CA GLY A 27 -12.23 -17.47 64.75
C GLY A 27 -11.60 -18.07 63.51
N ASN A 28 -12.44 -18.56 62.60
CA ASN A 28 -12.01 -18.82 61.23
C ASN A 28 -12.23 -17.64 60.31
N GLU A 29 -13.02 -16.65 60.72
CA GLU A 29 -13.42 -15.53 59.87
C GLU A 29 -12.26 -14.56 59.66
N ARG A 30 -11.03 -15.04 59.78
CA ARG A 30 -9.85 -14.19 59.68
C ARG A 30 -9.54 -13.79 58.24
N TYR A 31 -10.11 -14.47 57.26
CA TYR A 31 -9.68 -14.37 55.88
C TYR A 31 -10.89 -14.39 54.96
N GLU A 32 -10.69 -13.86 53.76
CA GLU A 32 -11.64 -14.03 52.66
C GLU A 32 -10.86 -14.29 51.38
N GLY A 33 -11.57 -14.78 50.38
CA GLY A 33 -10.94 -15.09 49.10
C GLY A 33 -11.44 -16.37 48.44
N TYR A 34 -10.93 -16.61 47.22
CA TYR A 34 -11.35 -17.75 46.41
C TYR A 34 -11.23 -19.08 47.15
N CYS A 35 -10.25 -19.20 48.05
CA CYS A 35 -10.09 -20.45 48.79
C CYS A 35 -11.12 -20.62 49.89
N VAL A 36 -11.63 -19.53 50.46
CA VAL A 36 -12.36 -19.62 51.71
C VAL A 36 -13.73 -20.28 51.48
N ASP A 37 -14.43 -19.85 50.44
CA ASP A 37 -15.71 -20.50 50.16
C ASP A 37 -15.53 -21.96 49.78
N LEU A 38 -14.41 -22.30 49.12
CA LEU A 38 -14.14 -23.70 48.84
C LEU A 38 -13.93 -24.49 50.13
N ALA A 39 -13.27 -23.87 51.11
CA ALA A 39 -13.15 -24.45 52.45
C ALA A 39 -14.48 -24.47 53.19
N ALA A 40 -15.47 -23.73 52.71
CA ALA A 40 -16.84 -23.91 53.18
C ALA A 40 -17.52 -25.10 52.54
N GLU A 41 -17.05 -25.53 51.36
CA GLU A 41 -17.64 -26.61 50.60
C GLU A 41 -17.11 -27.96 51.06
N ILE A 42 -15.78 -28.09 51.08
CA ILE A 42 -15.16 -29.40 51.24
C ILE A 42 -15.57 -30.01 52.59
N ALA A 43 -15.46 -29.22 53.66
CA ALA A 43 -15.90 -29.70 54.97
C ALA A 43 -17.41 -29.89 55.05
N LYS A 44 -18.18 -29.15 54.25
CA LYS A 44 -19.62 -29.36 54.22
C LYS A 44 -19.98 -30.64 53.51
N HIS A 45 -19.06 -31.19 52.71
CA HIS A 45 -19.18 -32.57 52.27
C HIS A 45 -18.70 -33.55 53.34
N CYS A 46 -17.43 -33.46 53.74
CA CYS A 46 -16.87 -34.50 54.59
C CYS A 46 -17.31 -34.40 56.03
N GLY A 47 -17.85 -33.25 56.45
CA GLY A 47 -18.42 -33.09 57.78
C GLY A 47 -17.43 -32.75 58.86
N PHE A 48 -16.17 -32.45 58.53
CA PHE A 48 -15.16 -32.21 59.54
C PHE A 48 -15.16 -30.76 60.01
N LYS A 49 -14.75 -30.57 61.26
CA LYS A 49 -14.34 -29.27 61.74
C LYS A 49 -12.89 -29.00 61.33
N TYR A 50 -12.57 -27.72 61.15
CA TYR A 50 -11.23 -27.38 60.69
C TYR A 50 -10.77 -26.06 61.30
N LYS A 51 -9.46 -25.84 61.20
CA LYS A 51 -8.80 -24.61 61.63
C LYS A 51 -7.84 -24.15 60.55
N LEU A 52 -7.84 -22.84 60.27
CA LEU A 52 -6.94 -22.24 59.30
C LEU A 52 -5.79 -21.55 60.01
N THR A 53 -4.57 -21.82 59.55
CA THR A 53 -3.38 -21.04 59.89
C THR A 53 -2.51 -20.89 58.66
N ILE A 54 -1.82 -19.76 58.57
CA ILE A 54 -1.02 -19.44 57.40
C ILE A 54 0.20 -20.36 57.32
N VAL A 55 0.75 -20.50 56.11
CA VAL A 55 2.06 -21.08 55.87
C VAL A 55 3.09 -20.43 56.79
N GLY A 56 4.12 -21.18 57.18
CA GLY A 56 5.12 -20.63 58.08
C GLY A 56 5.96 -19.53 57.48
N ASP A 57 6.38 -19.69 56.22
CA ASP A 57 7.40 -18.79 55.67
C ASP A 57 7.24 -18.61 54.17
N GLY A 58 6.00 -18.49 53.70
CA GLY A 58 5.74 -17.80 52.45
C GLY A 58 6.31 -18.41 51.20
N LYS A 59 6.60 -19.71 51.19
CA LYS A 59 7.11 -20.38 50.00
C LYS A 59 6.43 -21.72 49.81
N TYR A 60 6.18 -22.07 48.55
CA TYR A 60 5.59 -23.38 48.25
C TYR A 60 6.51 -24.51 48.69
N GLY A 61 7.81 -24.34 48.51
CA GLY A 61 8.77 -25.36 48.87
C GLY A 61 9.29 -26.14 47.68
N ALA A 62 10.54 -26.58 47.78
CA ALA A 62 11.21 -27.35 46.74
C ALA A 62 12.21 -28.28 47.42
N ARG A 63 12.75 -29.21 46.64
CA ARG A 63 13.81 -30.08 47.15
C ARG A 63 15.07 -29.26 47.40
N ASP A 64 15.53 -29.27 48.64
CA ASP A 64 16.74 -28.53 48.99
C ASP A 64 17.97 -29.20 48.42
N ALA A 65 19.00 -28.40 48.15
CA ALA A 65 20.24 -28.88 47.55
C ALA A 65 21.03 -29.76 48.53
N ASP A 66 21.01 -31.07 48.27
CA ASP A 66 21.87 -32.07 48.90
C ASP A 66 21.70 -32.26 50.41
N THR A 67 20.98 -31.35 51.08
CA THR A 67 20.31 -31.76 52.31
C THR A 67 19.17 -32.73 52.02
N LYS A 68 18.62 -32.66 50.81
CA LYS A 68 17.41 -33.38 50.40
C LYS A 68 16.21 -33.06 51.27
N ILE A 69 16.27 -31.97 52.05
CA ILE A 69 15.13 -31.54 52.84
C ILE A 69 14.04 -31.04 51.90
N TRP A 70 12.78 -31.24 52.28
CA TRP A 70 11.68 -30.48 51.70
C TRP A 70 11.43 -29.24 52.57
N ASN A 71 11.85 -28.08 52.07
CA ASN A 71 11.55 -26.81 52.69
C ASN A 71 10.13 -26.36 52.34
N GLY A 72 9.74 -25.21 52.87
CA GLY A 72 8.53 -24.53 52.47
C GLY A 72 7.23 -25.30 52.73
N MET A 73 6.17 -24.79 52.09
CA MET A 73 4.81 -25.22 52.41
C MET A 73 4.62 -26.72 52.22
N VAL A 74 5.23 -27.29 51.18
CA VAL A 74 5.21 -28.74 51.00
C VAL A 74 5.70 -29.45 52.26
N GLY A 75 6.69 -28.85 52.95
CA GLY A 75 7.19 -29.43 54.19
C GLY A 75 6.12 -29.62 55.24
N GLU A 76 5.12 -28.74 55.28
CA GLU A 76 4.02 -28.86 56.23
C GLU A 76 3.22 -30.14 56.07
N LEU A 77 3.22 -30.75 54.88
CA LEU A 77 2.58 -32.05 54.69
C LEU A 77 3.55 -33.22 54.68
N VAL A 78 4.76 -33.04 54.15
CA VAL A 78 5.72 -34.14 54.09
C VAL A 78 6.15 -34.54 55.50
N TYR A 79 6.33 -33.57 56.39
CA TYR A 79 6.64 -33.84 57.79
C TYR A 79 5.39 -33.96 58.66
N GLY A 80 4.21 -34.06 58.05
CA GLY A 80 3.00 -34.29 58.83
C GLY A 80 2.57 -33.14 59.71
N LYS A 81 3.23 -31.97 59.60
CA LYS A 81 2.90 -30.84 60.45
C LYS A 81 1.43 -30.45 60.32
N ALA A 82 0.87 -30.59 59.12
CA ALA A 82 -0.48 -30.12 58.83
C ALA A 82 -1.23 -31.23 58.10
N ASP A 83 -2.55 -31.02 57.95
CA ASP A 83 -3.47 -32.09 57.57
C ASP A 83 -3.96 -32.02 56.14
N ILE A 84 -4.08 -30.82 55.57
CA ILE A 84 -4.49 -30.69 54.18
C ILE A 84 -4.00 -29.33 53.69
N ALA A 85 -3.78 -29.24 52.38
CA ALA A 85 -3.39 -27.99 51.74
C ALA A 85 -4.43 -27.56 50.71
N ILE A 86 -4.66 -26.26 50.62
CA ILE A 86 -5.56 -25.66 49.65
C ILE A 86 -4.93 -24.34 49.24
N ALA A 87 -4.29 -24.31 48.07
CA ALA A 87 -3.64 -23.12 47.55
C ALA A 87 -3.48 -23.28 46.06
N PRO A 88 -3.28 -22.18 45.32
CA PRO A 88 -2.61 -22.29 44.03
C PRO A 88 -1.24 -22.93 44.22
N LEU A 89 -1.00 -24.03 43.50
CA LEU A 89 0.13 -24.91 43.81
C LEU A 89 0.43 -25.77 42.60
N THR A 90 1.52 -25.47 41.90
CA THR A 90 1.78 -26.05 40.59
C THR A 90 2.15 -27.52 40.75
N ILE A 91 1.54 -28.36 39.92
CA ILE A 91 1.69 -29.82 40.01
C ILE A 91 2.72 -30.28 38.98
N THR A 92 3.71 -31.04 39.44
CA THR A 92 4.80 -31.54 38.61
C THR A 92 5.35 -32.81 39.24
N LEU A 93 6.12 -33.54 38.42
CA LEU A 93 6.67 -34.84 38.82
C LEU A 93 7.33 -34.82 40.20
N VAL A 94 8.11 -33.78 40.49
CA VAL A 94 8.85 -33.75 41.75
C VAL A 94 7.95 -33.73 42.99
N ARG A 95 6.69 -33.30 42.84
CA ARG A 95 5.73 -33.40 43.93
C ARG A 95 4.95 -34.71 43.90
N GLU A 96 4.57 -35.17 42.71
CA GLU A 96 3.76 -36.39 42.57
C GLU A 96 4.43 -37.62 43.13
N GLU A 97 5.76 -37.62 43.31
CA GLU A 97 6.42 -38.74 43.96
C GLU A 97 6.05 -38.85 45.43
N VAL A 98 5.80 -37.73 46.11
CA VAL A 98 5.79 -37.76 47.57
C VAL A 98 4.43 -37.36 48.13
N ILE A 99 3.65 -36.59 47.36
CA ILE A 99 2.28 -36.26 47.73
C ILE A 99 1.37 -36.52 46.54
N ASP A 100 0.15 -36.98 46.84
CA ASP A 100 -0.87 -37.18 45.82
C ASP A 100 -1.51 -35.85 45.44
N PHE A 101 -2.31 -35.89 44.37
CA PHE A 101 -3.18 -34.77 44.02
C PHE A 101 -4.53 -35.29 43.55
N SER A 102 -5.55 -34.48 43.73
CA SER A 102 -6.82 -34.70 43.06
C SER A 102 -6.69 -34.40 41.57
N LYS A 103 -7.78 -34.60 40.83
CA LYS A 103 -7.94 -33.95 39.54
C LYS A 103 -7.87 -32.43 39.69
N PRO A 104 -7.41 -31.71 38.66
CA PRO A 104 -7.24 -30.27 38.79
C PRO A 104 -8.58 -29.54 38.73
N PHE A 105 -8.72 -28.52 39.57
CA PHE A 105 -9.96 -27.75 39.59
C PHE A 105 -9.94 -26.53 38.67
N MET A 106 -8.80 -26.17 38.08
CA MET A 106 -8.77 -25.00 37.22
C MET A 106 -7.64 -25.13 36.19
N SER A 107 -7.90 -24.60 34.99
CA SER A 107 -6.91 -24.46 33.93
C SER A 107 -6.09 -23.19 34.12
N LEU A 108 -4.88 -23.18 33.56
CA LEU A 108 -4.19 -21.92 33.29
C LEU A 108 -3.20 -22.14 32.15
N GLY A 109 -2.68 -21.02 31.64
CA GLY A 109 -1.61 -21.06 30.66
C GLY A 109 -0.68 -19.88 30.78
N ILE A 110 0.50 -20.03 30.16
CA ILE A 110 1.43 -18.92 29.98
C ILE A 110 0.81 -17.86 29.09
N SER A 111 0.88 -16.60 29.52
CA SER A 111 0.09 -15.54 28.91
C SER A 111 0.91 -14.27 28.84
N ILE A 112 0.43 -13.34 28.00
CA ILE A 112 1.17 -12.14 27.60
C ILE A 112 0.41 -10.91 28.05
N MET A 113 1.15 -9.88 28.47
CA MET A 113 0.58 -8.60 28.88
C MET A 113 1.31 -7.49 28.14
N ILE A 114 0.55 -6.48 27.68
CA ILE A 114 1.11 -5.29 27.05
C ILE A 114 0.35 -4.06 27.53
N LYS A 115 0.92 -2.90 27.23
CA LYS A 115 0.27 -1.62 27.51
C LYS A 115 -0.91 -1.34 26.59
N LYS A 116 -2.02 -0.91 27.18
CA LYS A 116 -3.19 -0.50 26.43
C LYS A 116 -2.82 0.67 25.51
N PRO A 117 -3.29 0.69 24.26
CA PRO A 117 -2.62 1.47 23.23
C PRO A 117 -3.00 2.94 23.17
N GLN A 118 -3.81 3.43 24.11
CA GLN A 118 -4.45 4.74 24.04
C GLN A 118 -5.31 4.86 22.78
N LYS A 119 -5.85 6.03 22.46
CA LYS A 119 -6.72 6.20 21.29
C LYS A 119 -6.42 7.51 20.58
N SER A 120 -6.80 7.57 19.31
CA SER A 120 -6.56 8.75 18.49
C SER A 120 -7.33 9.97 19.00
N LYS A 121 -6.63 11.10 19.08
CA LYS A 121 -7.24 12.38 19.46
C LYS A 121 -6.70 13.45 18.51
N PRO A 122 -7.26 13.54 17.31
CA PRO A 122 -6.77 14.54 16.34
C PRO A 122 -6.90 15.97 16.88
N GLY A 123 -5.88 16.78 16.59
CA GLY A 123 -6.04 18.22 16.65
C GLY A 123 -6.95 18.73 15.55
N VAL A 124 -7.71 19.78 15.87
CA VAL A 124 -8.77 20.24 14.99
C VAL A 124 -8.24 20.69 13.63
N PHE A 125 -7.04 21.26 13.60
CA PHE A 125 -6.42 21.70 12.37
C PHE A 125 -5.64 20.60 11.63
N SER A 126 -5.81 19.33 12.02
CA SER A 126 -4.97 18.27 11.48
C SER A 126 -5.10 18.10 9.97
N PHE A 127 -6.14 18.67 9.35
CA PHE A 127 -6.26 18.63 7.90
C PHE A 127 -5.09 19.29 7.18
N LEU A 128 -4.32 20.15 7.85
CA LEU A 128 -3.12 20.71 7.26
C LEU A 128 -1.93 19.76 7.28
N ASP A 129 -1.92 18.80 8.21
CA ASP A 129 -0.72 18.02 8.55
C ASP A 129 -0.04 17.34 7.35
N PRO A 130 -0.78 16.87 6.33
CA PRO A 130 -0.09 16.31 5.16
C PRO A 130 0.78 17.29 4.39
N LEU A 131 0.70 18.59 4.65
CA LEU A 131 1.48 19.57 3.89
C LEU A 131 2.13 20.58 4.82
N ALA A 132 3.39 20.88 4.55
CA ALA A 132 4.24 21.61 5.49
C ALA A 132 3.91 23.10 5.55
N TYR A 133 4.14 23.67 6.74
CA TYR A 133 3.80 25.06 7.03
C TYR A 133 4.46 26.01 6.03
N GLU A 134 5.71 25.71 5.66
CA GLU A 134 6.44 26.52 4.68
C GLU A 134 5.69 26.58 3.36
N ILE A 135 5.05 25.48 2.97
CA ILE A 135 4.35 25.46 1.68
C ILE A 135 3.25 26.51 1.67
N TRP A 136 2.43 26.53 2.72
CA TRP A 136 1.37 27.54 2.82
C TRP A 136 1.94 28.95 2.84
N MET A 137 2.99 29.17 3.64
CA MET A 137 3.59 30.50 3.70
C MET A 137 4.16 30.96 2.36
N CYS A 138 4.65 30.03 1.54
CA CYS A 138 5.13 30.41 0.22
C CYS A 138 4.00 30.60 -0.78
N ILE A 139 2.93 29.79 -0.66
CA ILE A 139 1.74 29.97 -1.47
C ILE A 139 1.18 31.38 -1.29
N VAL A 140 1.07 31.84 -0.05
CA VAL A 140 0.51 33.17 0.21
C VAL A 140 1.35 34.27 -0.44
N PHE A 141 2.68 34.18 -0.30
CA PHE A 141 3.56 35.14 -0.98
C PHE A 141 3.41 35.08 -2.49
N ALA A 142 3.31 33.89 -3.07
CA ALA A 142 3.09 33.79 -4.52
C ALA A 142 1.78 34.43 -4.93
N TYR A 143 0.73 34.19 -4.15
CA TYR A 143 -0.60 34.72 -4.44
C TYR A 143 -0.62 36.24 -4.41
N ILE A 144 0.15 36.86 -3.50
CA ILE A 144 0.32 38.30 -3.59
C ILE A 144 1.19 38.69 -4.80
N GLY A 145 2.33 38.04 -4.94
CA GLY A 145 3.30 38.42 -5.97
C GLY A 145 2.73 38.44 -7.37
N VAL A 146 1.86 37.49 -7.69
CA VAL A 146 1.26 37.43 -9.03
C VAL A 146 0.32 38.60 -9.33
N SER A 147 -0.22 39.28 -8.32
CA SER A 147 -1.23 40.31 -8.59
C SER A 147 -0.61 41.61 -9.10
N VAL A 148 0.50 42.05 -8.49
CA VAL A 148 1.00 43.41 -8.76
C VAL A 148 1.45 43.55 -10.21
N VAL A 149 2.19 42.57 -10.73
CA VAL A 149 2.64 42.62 -12.12
C VAL A 149 1.46 42.51 -13.08
N LEU A 150 0.53 41.60 -12.79
CA LEU A 150 -0.66 41.44 -13.63
C LEU A 150 -1.47 42.72 -13.72
N PHE A 151 -1.54 43.49 -12.64
CA PHE A 151 -2.09 44.84 -12.74
C PHE A 151 -1.21 45.77 -13.56
N LEU A 152 0.05 45.96 -13.12
CA LEU A 152 0.90 47.00 -13.70
C LEU A 152 1.01 46.87 -15.21
N VAL A 153 1.15 45.65 -15.71
CA VAL A 153 1.20 45.46 -17.16
C VAL A 153 -0.13 45.82 -17.82
N SER A 154 -1.25 45.50 -17.16
CA SER A 154 -2.55 45.66 -17.79
C SER A 154 -3.01 47.11 -17.92
N ARG A 155 -2.33 48.06 -17.29
CA ARG A 155 -2.66 49.47 -17.41
C ARG A 155 -1.48 50.32 -17.89
N PHE A 156 -0.61 49.74 -18.72
CA PHE A 156 0.24 50.55 -19.57
C PHE A 156 -0.57 51.22 -20.68
N SER A 157 0.04 52.24 -21.28
CA SER A 157 -0.67 53.25 -22.06
C SER A 157 -1.37 52.64 -23.26
N PRO A 158 -2.70 52.71 -23.35
CA PRO A 158 -3.36 52.41 -24.63
C PRO A 158 -2.99 53.38 -25.73
N TYR A 159 -2.66 54.63 -25.39
CA TYR A 159 -2.39 55.64 -26.41
C TYR A 159 -0.99 55.47 -26.99
N SER A 175 -10.09 56.04 -22.23
CA SER A 175 -9.65 54.88 -23.01
C SER A 175 -9.64 53.62 -22.17
N GLU A 176 -10.04 53.75 -20.91
CA GLU A 176 -9.78 52.70 -19.92
C GLU A 176 -10.54 51.41 -20.23
N SER A 177 -11.62 51.49 -21.01
CA SER A 177 -12.29 50.30 -21.49
C SER A 177 -11.41 49.42 -22.38
N THR A 178 -10.21 49.88 -22.75
CA THR A 178 -9.24 49.00 -23.36
C THR A 178 -8.84 47.85 -22.44
N ASN A 179 -8.79 48.09 -21.14
CA ASN A 179 -8.38 47.03 -20.20
C ASN A 179 -9.10 47.20 -18.87
N GLU A 180 -10.09 46.35 -18.63
CA GLU A 180 -10.86 46.36 -17.38
C GLU A 180 -10.01 45.97 -16.17
N PHE A 181 -8.84 45.36 -16.42
CA PHE A 181 -8.06 44.65 -15.41
C PHE A 181 -7.27 45.59 -14.49
N GLY A 182 -7.99 46.48 -13.81
CA GLY A 182 -7.40 47.31 -12.80
C GLY A 182 -6.95 46.52 -11.58
N ILE A 183 -6.53 47.27 -10.55
CA ILE A 183 -5.96 46.68 -9.34
C ILE A 183 -6.92 45.67 -8.72
N PHE A 184 -8.17 46.09 -8.49
CA PHE A 184 -9.14 45.23 -7.84
C PHE A 184 -9.41 43.98 -8.69
N ASN A 185 -9.66 44.19 -9.99
CA ASN A 185 -9.88 43.06 -10.89
C ASN A 185 -8.63 42.18 -11.02
N SER A 186 -7.44 42.78 -10.97
CA SER A 186 -6.19 42.03 -10.98
C SER A 186 -5.95 41.25 -9.69
N LEU A 187 -6.66 41.59 -8.62
CA LEU A 187 -6.72 40.69 -7.47
C LEU A 187 -7.71 39.56 -7.70
N TRP A 188 -8.96 39.91 -8.04
CA TRP A 188 -10.03 38.92 -8.17
C TRP A 188 -9.69 37.82 -9.16
N PHE A 189 -9.17 38.19 -10.33
CA PHE A 189 -8.77 37.21 -11.34
C PHE A 189 -7.86 36.13 -10.76
N SER A 190 -6.97 36.51 -9.85
CA SER A 190 -5.99 35.54 -9.34
C SER A 190 -6.63 34.51 -8.41
N LEU A 191 -7.59 34.94 -7.59
CA LEU A 191 -8.20 34.04 -6.62
C LEU A 191 -8.95 32.90 -7.30
N GLY A 192 -9.81 33.23 -8.26
CA GLY A 192 -10.51 32.20 -9.01
C GLY A 192 -9.58 31.26 -9.77
N ALA A 193 -8.50 31.80 -10.32
CA ALA A 193 -7.51 30.97 -11.01
C ALA A 193 -6.83 30.02 -10.04
N PHE A 194 -6.56 30.46 -8.81
CA PHE A 194 -5.96 29.59 -7.81
C PHE A 194 -6.93 28.51 -7.32
N MET A 195 -8.24 28.79 -7.31
CA MET A 195 -9.21 27.81 -6.88
C MET A 195 -9.76 26.93 -7.99
N GLN A 196 -9.24 27.08 -9.21
CA GLN A 196 -9.75 26.36 -10.40
C GLN A 196 -11.20 26.69 -10.72
N GLN A 197 -11.68 27.85 -10.29
CA GLN A 197 -13.07 28.24 -10.48
C GLN A 197 -13.24 29.27 -11.59
N GLY A 198 -12.18 29.53 -12.36
CA GLY A 198 -12.27 30.37 -13.54
C GLY A 198 -12.41 31.84 -13.20
N CYS A 199 -13.15 32.54 -14.05
CA CYS A 199 -13.20 34.00 -13.98
C CYS A 199 -14.42 34.50 -14.73
N ASP A 200 -14.75 35.78 -14.51
CA ASP A 200 -15.65 36.50 -15.40
C ASP A 200 -14.94 37.21 -16.54
N ILE A 201 -13.63 37.48 -16.41
CA ILE A 201 -12.86 38.17 -17.43
C ILE A 201 -11.45 37.60 -17.42
N SER A 202 -10.76 37.74 -18.56
CA SER A 202 -9.38 37.32 -18.69
C SER A 202 -8.62 38.28 -19.59
N PRO A 203 -7.32 38.44 -19.36
CA PRO A 203 -6.56 39.45 -20.09
C PRO A 203 -6.38 39.10 -21.56
N ARG A 204 -6.09 40.12 -22.34
CA ARG A 204 -6.06 40.03 -23.80
C ARG A 204 -4.74 40.50 -24.41
N SER A 205 -3.95 41.28 -23.70
CA SER A 205 -2.58 41.58 -24.13
C SER A 205 -1.72 40.33 -24.07
N LEU A 206 -0.64 40.33 -24.87
CA LEU A 206 0.40 39.31 -24.76
C LEU A 206 1.02 39.29 -23.38
N SER A 207 1.61 40.42 -22.96
CA SER A 207 2.27 40.50 -21.66
C SER A 207 1.29 40.35 -20.51
N GLY A 208 0.01 40.62 -20.75
CA GLY A 208 -1.01 40.32 -19.76
C GLY A 208 -1.34 38.83 -19.67
N ARG A 209 -1.48 38.16 -20.81
CA ARG A 209 -1.89 36.76 -20.81
C ARG A 209 -0.81 35.83 -20.27
N ILE A 210 0.48 36.11 -20.57
CA ILE A 210 1.55 35.18 -20.25
C ILE A 210 1.57 34.79 -18.77
N VAL A 211 1.27 35.75 -17.88
CA VAL A 211 1.25 35.42 -16.46
C VAL A 211 0.13 34.42 -16.16
N GLY A 212 -1.06 34.63 -16.72
CA GLY A 212 -2.11 33.62 -16.57
C GLY A 212 -1.66 32.28 -17.11
N GLY A 213 -1.03 32.28 -18.28
CA GLY A 213 -0.40 31.13 -18.88
C GLY A 213 0.75 30.51 -18.11
N VAL A 214 1.08 31.07 -16.95
CA VAL A 214 2.04 30.47 -16.03
C VAL A 214 1.37 30.10 -14.69
N TRP A 215 0.58 31.01 -14.13
CA TRP A 215 0.02 30.85 -12.79
C TRP A 215 -0.79 29.55 -12.62
N TRP A 216 -1.50 29.11 -13.67
CA TRP A 216 -2.26 27.87 -13.60
C TRP A 216 -1.38 26.67 -13.22
N PHE A 217 -0.21 26.55 -13.84
CA PHE A 217 0.62 25.35 -13.68
C PHE A 217 0.99 25.13 -12.22
N PHE A 218 1.24 26.22 -11.48
CA PHE A 218 1.57 26.13 -10.06
C PHE A 218 0.47 25.43 -9.27
N THR A 219 -0.80 25.78 -9.53
CA THR A 219 -1.91 25.10 -8.87
C THR A 219 -2.03 23.66 -9.32
N LEU A 220 -1.80 23.43 -10.62
CA LEU A 220 -1.88 22.09 -11.20
C LEU A 220 -0.91 21.14 -10.51
N ILE A 221 0.30 21.60 -10.24
CA ILE A 221 1.24 20.80 -9.45
C ILE A 221 0.73 20.64 -8.02
N ILE A 222 0.58 21.77 -7.31
CA ILE A 222 0.54 21.71 -5.85
C ILE A 222 -0.70 20.97 -5.35
N ILE A 223 -1.87 21.19 -5.96
CA ILE A 223 -3.02 20.41 -5.49
C ILE A 223 -2.83 18.92 -5.74
N SER A 224 -2.11 18.55 -6.81
CA SER A 224 -1.86 17.14 -7.09
C SER A 224 -0.96 16.52 -6.04
N SER A 225 0.07 17.26 -5.63
CA SER A 225 0.92 16.82 -4.52
C SER A 225 0.13 16.73 -3.21
N TYR A 226 -0.73 17.70 -2.94
CA TYR A 226 -1.55 17.65 -1.72
C TYR A 226 -2.45 16.43 -1.69
N THR A 227 -3.03 16.05 -2.84
CA THR A 227 -3.78 14.79 -2.92
C THR A 227 -2.88 13.58 -2.69
N ALA A 228 -1.71 13.57 -3.33
CA ALA A 228 -0.81 12.42 -3.19
C ALA A 228 -0.45 12.21 -1.72
N ASN A 229 -0.07 13.27 -1.02
CA ASN A 229 0.23 13.13 0.40
C ASN A 229 -1.00 12.78 1.22
N LEU A 230 -2.18 13.30 0.85
CA LEU A 230 -3.41 12.94 1.55
C LEU A 230 -3.73 11.45 1.45
N ALA A 231 -3.18 10.77 0.44
CA ALA A 231 -3.30 9.32 0.35
C ALA A 231 -2.32 8.56 1.25
N ALA A 232 -1.21 9.18 1.65
CA ALA A 232 -0.18 8.49 2.42
C ALA A 232 -0.70 8.00 3.77
N PHE A 233 -1.11 8.92 4.64
CA PHE A 233 -1.59 8.51 5.96
C PHE A 233 -2.80 7.59 5.84
N LEU A 234 -3.70 7.89 4.91
CA LEU A 234 -4.89 7.07 4.72
C LEU A 234 -4.59 5.69 4.14
N THR A 235 -3.32 5.41 3.87
CA THR A 235 -2.99 4.04 3.42
C THR A 235 -2.18 3.35 4.49
N VAL A 236 -0.89 3.66 4.59
CA VAL A 236 0.00 2.97 5.57
C VAL A 236 -0.79 2.69 6.86
N GLU A 237 -1.52 3.69 7.37
CA GLU A 237 -2.22 3.52 8.68
C GLU A 237 -3.14 2.29 8.64
N ARG A 238 -3.89 2.10 7.55
CA ARG A 238 -4.86 0.97 7.50
C ARG A 238 -4.11 -0.33 7.22
N MET A 239 -2.73 -0.30 7.15
CA MET A 239 -1.69 -1.39 6.92
C MET A 239 -0.94 -1.69 8.26
N VAL A 240 -1.57 -1.94 9.46
CA VAL A 240 -0.71 -1.99 10.68
C VAL A 240 -0.85 -3.34 11.40
N SER A 241 -2.06 -3.69 11.88
CA SER A 241 -2.26 -4.94 12.68
C SER A 241 -1.60 -4.85 14.06
N PRO A 242 -2.08 -5.61 15.08
CA PRO A 242 -1.48 -5.59 16.41
C PRO A 242 -0.66 -6.83 16.75
N ILE A 243 -0.60 -7.18 18.02
CA ILE A 243 0.14 -8.39 18.48
C ILE A 243 -0.90 -9.41 18.97
N GLU A 244 -0.25 -10.32 18.30
CA GLU A 244 -1.17 -11.45 18.46
C GLU A 244 -0.38 -12.75 18.60
N SER A 245 -1.01 -13.72 19.29
CA SER A 245 -0.69 -15.14 19.27
C SER A 245 0.72 -15.47 19.75
N ALA A 246 1.43 -14.50 20.36
CA ALA A 246 2.84 -14.62 20.74
C ALA A 246 3.79 -14.81 19.57
N GLU A 247 3.35 -15.52 18.54
CA GLU A 247 4.17 -15.74 17.35
C GLU A 247 4.58 -14.42 16.68
N ASP A 248 3.76 -13.38 16.83
CA ASP A 248 4.06 -12.10 16.21
C ASP A 248 5.34 -11.48 16.77
N LEU A 249 5.72 -11.83 18.00
CA LEU A 249 6.97 -11.37 18.59
C LEU A 249 8.21 -11.96 17.95
N SER A 250 8.05 -12.81 16.93
CA SER A 250 9.16 -13.19 16.05
C SER A 250 9.55 -12.13 15.05
N LYS A 251 8.73 -11.10 14.81
CA LYS A 251 8.95 -10.23 13.66
C LYS A 251 9.15 -8.77 14.04
N GLN A 252 8.19 -8.15 14.75
CA GLN A 252 8.42 -6.81 15.28
C GLN A 252 9.22 -6.85 16.59
N THR A 253 10.39 -7.49 16.51
CA THR A 253 11.20 -7.85 17.68
C THR A 253 11.72 -6.65 18.45
N GLU A 254 11.68 -5.45 17.87
CA GLU A 254 12.14 -4.26 18.57
C GLU A 254 11.20 -3.83 19.69
N ILE A 255 9.98 -4.33 19.72
CA ILE A 255 9.16 -4.25 20.94
C ILE A 255 9.68 -5.32 21.88
N ALA A 256 10.35 -4.91 22.95
CA ALA A 256 11.07 -5.86 23.78
C ALA A 256 10.14 -6.66 24.69
N TYR A 257 10.64 -7.80 25.14
CA TYR A 257 9.91 -8.70 26.02
C TYR A 257 10.90 -9.53 26.83
N GLY A 258 10.39 -10.22 27.84
CA GLY A 258 11.23 -10.98 28.75
C GLY A 258 10.42 -11.88 29.67
N THR A 259 10.96 -12.22 30.84
CA THR A 259 10.23 -13.03 31.81
C THR A 259 10.54 -12.56 33.23
N LEU A 260 9.68 -12.99 34.15
CA LEU A 260 10.06 -13.09 35.56
C LEU A 260 11.35 -13.86 35.71
N ASP A 261 12.24 -13.38 36.56
CA ASP A 261 13.55 -13.98 36.74
C ASP A 261 13.48 -15.21 37.65
N SER A 262 14.34 -16.19 37.34
CA SER A 262 14.50 -17.42 38.11
C SER A 262 13.23 -18.26 38.31
N GLY A 263 12.06 -17.72 37.98
CA GLY A 263 10.85 -18.52 38.06
C GLY A 263 10.79 -19.63 37.02
N SER A 264 9.77 -20.47 37.18
CA SER A 264 9.64 -21.68 36.38
C SER A 264 9.61 -21.39 34.89
N THR A 265 8.98 -20.27 34.50
CA THR A 265 8.83 -19.94 33.09
C THR A 265 10.17 -19.68 32.41
N LYS A 266 11.12 -19.08 33.14
CA LYS A 266 12.43 -18.82 32.56
C LYS A 266 13.12 -20.11 32.17
N GLU A 267 13.16 -21.08 33.09
CA GLU A 267 13.76 -22.37 32.78
C GLU A 267 12.97 -23.10 31.71
N PHE A 268 11.64 -22.97 31.74
CA PHE A 268 10.78 -23.60 30.75
C PHE A 268 11.13 -23.18 29.33
N PHE A 269 11.38 -21.88 29.12
CA PHE A 269 11.82 -21.44 27.79
C PHE A 269 13.16 -22.03 27.38
N ARG A 270 14.10 -22.12 28.32
CA ARG A 270 15.37 -22.78 28.03
C ARG A 270 15.18 -24.23 27.62
N ARG A 271 14.36 -24.96 28.38
CA ARG A 271 14.25 -26.40 28.21
C ARG A 271 13.48 -26.77 26.95
N SER A 272 12.49 -25.97 26.56
CA SER A 272 11.77 -26.23 25.32
C SER A 272 12.72 -26.16 24.12
N LYS A 273 12.28 -26.77 23.01
CA LYS A 273 13.12 -26.88 21.82
C LYS A 273 12.31 -26.81 20.53
N ILE A 274 11.22 -26.03 20.52
CA ILE A 274 10.45 -25.77 19.31
C ILE A 274 10.79 -24.39 18.79
N ALA A 275 11.08 -24.31 17.48
CA ALA A 275 11.73 -23.16 16.86
C ALA A 275 11.08 -21.83 17.26
N VAL A 276 9.75 -21.80 17.32
CA VAL A 276 9.05 -20.56 17.69
C VAL A 276 9.47 -20.11 19.08
N PHE A 277 9.67 -21.06 20.01
CA PHE A 277 10.23 -20.72 21.31
C PHE A 277 11.75 -20.64 21.28
N ASP A 278 12.40 -21.42 20.40
CA ASP A 278 13.85 -21.37 20.27
C ASP A 278 14.34 -19.97 19.95
N LYS A 279 13.63 -19.24 19.08
CA LYS A 279 13.94 -17.83 18.83
C LYS A 279 13.81 -16.98 20.10
N MET A 280 12.68 -17.11 20.79
CA MET A 280 12.45 -16.32 22.00
C MET A 280 13.55 -16.56 23.03
N TRP A 281 13.89 -17.82 23.26
CA TRP A 281 14.99 -18.16 24.17
C TRP A 281 16.32 -17.60 23.66
N THR A 282 16.62 -17.79 22.38
CA THR A 282 17.89 -17.32 21.84
C THR A 282 18.08 -15.82 22.04
N TYR A 283 17.01 -15.04 21.82
CA TYR A 283 17.01 -13.62 22.15
C TYR A 283 17.18 -13.35 23.65
N MET A 284 16.30 -13.94 24.48
CA MET A 284 16.36 -13.70 25.92
C MET A 284 17.68 -14.13 26.56
N ARG A 285 18.36 -15.11 25.97
CA ARG A 285 19.65 -15.61 26.43
C ARG A 285 20.79 -14.64 26.14
N SER A 286 20.55 -13.57 25.40
CA SER A 286 21.61 -12.69 24.94
C SER A 286 21.26 -11.21 24.99
N ALA A 287 19.98 -10.85 25.12
CA ALA A 287 19.55 -9.46 25.07
C ALA A 287 20.15 -8.66 26.23
N GLU A 288 20.37 -7.38 25.99
CA GLU A 288 20.80 -6.43 27.00
C GLU A 288 20.14 -5.08 26.69
N PRO A 289 19.85 -4.27 27.71
CA PRO A 289 19.99 -4.50 29.16
C PRO A 289 19.04 -5.56 29.73
N SER A 290 19.20 -5.86 31.02
CA SER A 290 18.57 -7.00 31.66
C SER A 290 17.10 -7.14 31.30
N VAL A 291 16.73 -8.32 30.82
CA VAL A 291 15.37 -8.63 30.42
C VAL A 291 14.64 -9.44 31.51
N PHE A 292 15.17 -9.45 32.72
CA PHE A 292 14.58 -10.20 33.82
C PHE A 292 14.38 -9.30 35.02
N VAL A 293 13.26 -9.51 35.73
CA VAL A 293 12.82 -8.64 36.81
C VAL A 293 12.62 -9.49 38.07
N ARG A 294 12.88 -8.87 39.22
CA ARG A 294 12.87 -9.60 40.48
C ARG A 294 11.46 -9.95 40.93
N THR A 295 10.46 -9.14 40.55
CA THR A 295 9.09 -9.35 41.00
C THR A 295 8.12 -9.01 39.87
N THR A 296 6.92 -9.59 39.97
CA THR A 296 5.84 -9.23 39.07
C THR A 296 5.52 -7.74 39.16
N ALA A 297 5.59 -7.19 40.37
CA ALA A 297 5.36 -5.75 40.54
C ALA A 297 6.38 -4.94 39.75
N GLU A 298 7.66 -5.34 39.78
CA GLU A 298 8.67 -4.70 38.96
C GLU A 298 8.37 -4.84 37.48
N GLY A 299 7.87 -6.00 37.06
CA GLY A 299 7.47 -6.22 35.68
C GLY A 299 6.37 -5.29 35.19
N VAL A 300 5.24 -5.28 35.89
CA VAL A 300 4.15 -4.40 35.51
C VAL A 300 4.56 -2.94 35.62
N ALA A 301 5.40 -2.59 36.60
CA ALA A 301 5.92 -1.23 36.67
C ALA A 301 6.75 -0.90 35.42
N ARG A 302 7.57 -1.84 34.97
CA ARG A 302 8.34 -1.65 33.75
C ARG A 302 7.46 -1.45 32.52
N VAL A 303 6.37 -2.21 32.43
CA VAL A 303 5.40 -2.02 31.36
C VAL A 303 4.72 -0.65 31.46
N ARG A 304 4.38 -0.22 32.67
CA ARG A 304 3.83 1.12 32.86
C ARG A 304 4.83 2.21 32.52
N LYS A 305 6.13 1.94 32.71
CA LYS A 305 7.16 2.95 32.48
C LYS A 305 7.44 3.15 31.00
N SER A 306 7.61 2.06 30.25
CA SER A 306 7.93 2.18 28.83
C SER A 306 6.73 2.64 28.01
N LYS A 307 5.52 2.35 28.46
CA LYS A 307 4.28 2.75 27.80
C LYS A 307 4.28 2.35 26.32
N GLY A 308 4.20 1.03 26.11
CA GLY A 308 4.57 0.44 24.85
C GLY A 308 6.05 0.14 24.75
N LYS A 309 6.41 -0.46 23.61
CA LYS A 309 7.78 -0.88 23.33
C LYS A 309 8.29 -1.94 24.30
N TYR A 310 7.44 -2.41 25.21
CA TYR A 310 7.84 -3.48 26.12
C TYR A 310 6.65 -4.36 26.45
N ALA A 311 6.94 -5.62 26.73
CA ALA A 311 5.92 -6.63 27.01
C ALA A 311 6.45 -7.56 28.09
N TYR A 312 5.53 -8.25 28.77
CA TYR A 312 5.87 -9.01 29.97
C TYR A 312 5.11 -10.32 29.98
N LEU A 313 5.67 -11.30 30.68
CA LEU A 313 5.19 -12.68 30.66
C LEU A 313 4.84 -13.09 32.09
N LEU A 314 3.70 -13.75 32.25
CA LEU A 314 3.34 -14.39 33.51
C LEU A 314 2.14 -15.32 33.27
N GLU A 315 1.75 -16.05 34.31
CA GLU A 315 0.59 -16.93 34.27
C GLU A 315 -0.73 -16.19 34.05
N SER A 316 -1.59 -16.78 33.22
CA SER A 316 -2.85 -16.15 32.82
C SER A 316 -3.74 -15.80 34.00
N THR A 317 -3.66 -16.57 35.10
CA THR A 317 -4.49 -16.25 36.26
C THR A 317 -4.11 -14.92 36.89
N MET A 318 -2.83 -14.58 36.88
CA MET A 318 -2.40 -13.26 37.33
C MET A 318 -2.69 -12.19 36.29
N ASN A 319 -2.54 -12.54 35.01
CA ASN A 319 -2.76 -11.60 33.91
C ASN A 319 -4.17 -11.02 33.95
N GLU A 320 -5.19 -11.87 33.86
CA GLU A 320 -6.56 -11.37 33.90
C GLU A 320 -7.00 -10.90 35.29
N TYR A 321 -6.14 -11.02 36.31
CA TYR A 321 -6.41 -10.33 37.56
C TYR A 321 -5.94 -8.88 37.50
N ILE A 322 -4.70 -8.67 37.07
CA ILE A 322 -4.16 -7.31 36.89
C ILE A 322 -5.03 -6.52 35.92
N GLU A 323 -5.52 -7.18 34.87
CA GLU A 323 -6.35 -6.53 33.87
C GLU A 323 -7.55 -5.83 34.49
N GLN A 324 -8.03 -6.30 35.64
CA GLN A 324 -9.25 -5.78 36.23
C GLN A 324 -8.98 -4.82 37.38
N ARG A 325 -7.73 -4.50 37.67
CA ARG A 325 -7.39 -3.56 38.72
C ARG A 325 -7.20 -2.17 38.12
N LYS A 326 -7.40 -1.15 38.97
CA LYS A 326 -7.12 0.21 38.56
C LYS A 326 -5.65 0.37 38.19
N PRO A 327 -5.33 1.22 37.20
CA PRO A 327 -6.24 2.03 36.39
C PRO A 327 -6.72 1.32 35.13
N CYS A 328 -6.72 -0.02 35.12
CA CYS A 328 -7.12 -0.81 33.94
C CYS A 328 -6.28 -0.46 32.71
N ASP A 329 -4.98 -0.25 32.92
CA ASP A 329 -4.08 0.22 31.88
C ASP A 329 -3.29 -0.89 31.21
N THR A 330 -3.30 -2.10 31.75
CA THR A 330 -2.74 -3.26 31.07
C THR A 330 -3.68 -3.75 29.97
N MET A 331 -3.14 -4.62 29.11
CA MET A 331 -3.92 -5.30 28.08
C MET A 331 -3.45 -6.75 27.99
N LYS A 332 -4.40 -7.67 27.96
CA LYS A 332 -4.11 -9.07 27.64
C LYS A 332 -3.93 -9.27 26.14
N VAL A 333 -3.08 -10.23 25.80
CA VAL A 333 -2.98 -10.78 24.45
C VAL A 333 -3.63 -12.15 24.44
N GLY A 334 -4.44 -12.42 23.42
CA GLY A 334 -5.07 -13.72 23.28
C GLY A 334 -4.10 -14.80 22.85
N GLY A 335 -4.10 -15.91 23.58
CA GLY A 335 -3.22 -17.03 23.29
C GLY A 335 -2.82 -17.76 24.55
N ASN A 336 -2.26 -18.94 24.35
CA ASN A 336 -1.67 -19.73 25.42
C ASN A 336 -0.50 -20.54 24.85
N LEU A 337 0.45 -20.88 25.73
CA LEU A 337 1.66 -21.57 25.32
C LEU A 337 1.78 -22.99 25.88
N ASP A 338 1.00 -23.34 26.90
CA ASP A 338 1.14 -24.62 27.57
C ASP A 338 -0.19 -24.99 28.22
N SER A 339 -0.17 -25.98 29.11
CA SER A 339 -1.32 -26.24 29.97
C SER A 339 -0.84 -26.83 31.29
N LYS A 340 -1.41 -26.33 32.39
CA LYS A 340 -1.14 -26.84 33.73
C LYS A 340 -2.39 -26.60 34.57
N GLY A 341 -2.37 -27.10 35.80
CA GLY A 341 -3.45 -26.82 36.73
C GLY A 341 -3.16 -27.08 38.19
N TYR A 342 -3.61 -26.17 39.05
CA TYR A 342 -3.52 -26.36 40.48
C TYR A 342 -4.48 -27.46 40.94
N GLY A 343 -4.32 -27.90 42.18
CA GLY A 343 -5.21 -28.92 42.70
C GLY A 343 -5.00 -29.17 44.17
N ILE A 344 -5.93 -29.92 44.74
CA ILE A 344 -5.87 -30.31 46.15
C ILE A 344 -4.82 -31.39 46.34
N ALA A 345 -4.19 -31.40 47.52
CA ALA A 345 -3.14 -32.36 47.82
C ALA A 345 -3.24 -32.77 49.28
N THR A 346 -2.77 -33.98 49.57
CA THR A 346 -2.81 -34.56 50.91
C THR A 346 -1.54 -35.37 51.13
N PRO A 347 -1.21 -35.69 52.38
CA PRO A 347 -0.27 -36.78 52.64
C PRO A 347 -0.75 -38.08 52.01
N LYS A 348 0.21 -38.91 51.60
CA LYS A 348 -0.12 -40.21 51.05
C LYS A 348 -0.79 -41.08 52.10
N GLY A 349 -1.78 -41.86 51.65
CA GLY A 349 -2.42 -42.85 52.49
C GLY A 349 -3.31 -42.29 53.58
N SER A 350 -3.57 -40.99 53.57
CA SER A 350 -4.58 -40.43 54.47
C SER A 350 -5.96 -40.97 54.12
N SER A 351 -6.77 -41.18 55.15
CA SER A 351 -8.20 -41.47 54.95
C SER A 351 -8.92 -40.37 54.18
N LEU A 352 -8.36 -39.16 54.15
CA LEU A 352 -8.95 -38.07 53.39
C LEU A 352 -8.94 -38.30 51.89
N GLY A 353 -8.04 -39.16 51.39
CA GLY A 353 -7.68 -39.19 49.99
C GLY A 353 -8.81 -39.26 48.99
N THR A 354 -9.44 -40.43 48.87
CA THR A 354 -10.53 -40.59 47.92
C THR A 354 -11.76 -39.71 48.17
N PRO A 355 -12.25 -39.52 49.40
CA PRO A 355 -13.46 -38.70 49.55
C PRO A 355 -13.27 -37.23 49.20
N VAL A 356 -12.09 -36.66 49.43
CA VAL A 356 -11.82 -35.30 48.96
C VAL A 356 -11.84 -35.25 47.44
N ASN A 357 -11.10 -36.15 46.79
CA ASN A 357 -11.04 -36.14 45.33
C ASN A 357 -12.43 -36.28 44.72
N LEU A 358 -13.24 -37.21 45.24
CA LEU A 358 -14.58 -37.39 44.70
C LEU A 358 -15.41 -36.13 44.91
N ALA A 359 -15.21 -35.45 46.03
CA ALA A 359 -15.92 -34.21 46.32
C ALA A 359 -15.56 -33.11 45.33
N VAL A 360 -14.29 -33.04 44.93
CA VAL A 360 -13.80 -31.90 44.14
C VAL A 360 -14.52 -31.83 42.79
N LEU A 361 -14.74 -32.97 42.15
CA LEU A 361 -15.37 -32.97 40.83
C LEU A 361 -16.78 -32.39 40.87
N LYS A 362 -17.55 -32.72 41.91
CA LYS A 362 -18.94 -32.27 41.99
C LYS A 362 -19.07 -30.75 41.89
N LEU A 363 -18.12 -30.02 42.47
CA LEU A 363 -18.14 -28.56 42.41
C LEU A 363 -17.83 -28.03 41.00
N SER A 364 -17.13 -28.81 40.18
CA SER A 364 -17.01 -28.49 38.76
C SER A 364 -18.24 -28.96 37.97
N GLU A 365 -18.91 -30.00 38.44
CA GLU A 365 -20.14 -30.46 37.79
C GLU A 365 -21.29 -29.47 37.97
N GLN A 366 -21.52 -29.02 39.19
CA GLN A 366 -22.60 -28.10 39.49
C GLN A 366 -22.23 -26.63 39.30
N GLY A 367 -21.10 -26.35 38.66
CA GLY A 367 -20.78 -25.00 38.22
C GLY A 367 -20.37 -24.02 39.29
N VAL A 368 -20.35 -24.43 40.57
CA VAL A 368 -20.13 -23.50 41.67
C VAL A 368 -18.82 -22.73 41.46
N LEU A 369 -17.79 -23.43 40.96
CA LEU A 369 -16.49 -22.81 40.74
C LEU A 369 -16.56 -21.63 39.79
N ASP A 370 -17.49 -21.66 38.82
CA ASP A 370 -17.62 -20.51 37.92
C ASP A 370 -18.20 -19.31 38.65
N LYS A 371 -19.24 -19.52 39.45
CA LYS A 371 -19.84 -18.41 40.18
C LYS A 371 -18.86 -17.81 41.18
N LEU A 372 -18.10 -18.65 41.87
CA LEU A 372 -17.02 -18.16 42.71
C LEU A 372 -15.96 -17.40 41.91
N LYS A 373 -15.60 -17.89 40.72
CA LYS A 373 -14.63 -17.19 39.90
C LYS A 373 -15.09 -15.80 39.53
N ASN A 374 -16.35 -15.67 39.11
CA ASN A 374 -16.93 -14.35 38.89
C ASN A 374 -16.85 -13.49 40.14
N LYS A 375 -17.19 -14.07 41.30
CA LYS A 375 -17.24 -13.36 42.57
C LYS A 375 -15.92 -12.73 43.00
N TRP A 376 -14.83 -12.99 42.29
CA TRP A 376 -13.62 -12.22 42.56
C TRP A 376 -12.98 -11.62 41.32
N TRP A 377 -12.98 -12.32 40.19
CA TRP A 377 -12.30 -11.81 39.01
C TRP A 377 -13.15 -10.82 38.24
N TYR A 378 -14.47 -10.94 38.29
CA TYR A 378 -15.34 -10.12 37.44
C TYR A 378 -16.39 -9.36 38.22
N ASP A 379 -16.92 -9.93 39.30
CA ASP A 379 -17.98 -9.25 40.05
C ASP A 379 -17.43 -8.09 40.90
N LYS A 380 -16.15 -8.12 41.25
CA LYS A 380 -15.50 -7.02 41.95
C LYS A 380 -14.63 -6.16 41.03
N GLY A 381 -14.78 -6.31 39.72
CA GLY A 381 -13.89 -5.64 38.80
C GLY A 381 -14.02 -4.13 38.89
N GLU A 382 -12.88 -3.45 38.83
CA GLU A 382 -12.82 -2.00 38.96
C GLU A 382 -13.00 -1.29 37.63
N CYS A 383 -13.36 -2.02 36.57
CA CYS A 383 -13.75 -1.42 35.31
C CYS A 383 -14.91 -2.22 34.73
N GLY A 384 -15.62 -1.59 33.80
CA GLY A 384 -16.75 -2.25 33.16
C GLY A 384 -16.32 -3.35 32.21
N ALA A 385 -17.32 -4.07 31.72
CA ALA A 385 -17.11 -5.22 30.83
C ALA A 385 -16.25 -4.86 29.62
N SER A 395 -12.97 2.40 7.30
CA SER A 395 -14.01 3.28 7.81
C SER A 395 -13.80 4.71 7.33
N ALA A 396 -14.88 5.49 7.31
CA ALA A 396 -14.88 6.78 6.66
C ALA A 396 -14.12 7.81 7.50
N LEU A 397 -13.83 8.95 6.87
CA LEU A 397 -13.50 10.16 7.61
C LEU A 397 -14.67 10.55 8.50
N SER A 398 -14.38 10.82 9.77
CA SER A 398 -15.35 11.43 10.67
C SER A 398 -15.33 12.95 10.55
N LEU A 399 -16.40 13.56 11.04
CA LEU A 399 -16.45 15.02 11.17
C LEU A 399 -15.31 15.55 12.04
N SER A 400 -15.00 14.83 13.12
CA SER A 400 -13.94 15.26 14.03
C SER A 400 -12.56 15.29 13.38
N ASN A 401 -12.39 14.68 12.21
CA ASN A 401 -11.15 14.79 11.45
C ASN A 401 -11.13 16.02 10.54
N VAL A 402 -12.26 16.69 10.35
CA VAL A 402 -12.41 17.68 9.28
C VAL A 402 -13.04 18.98 9.75
N ALA A 403 -13.77 18.98 10.87
CA ALA A 403 -14.69 20.07 11.22
C ALA A 403 -14.03 21.45 11.21
N GLY A 404 -12.73 21.52 11.51
CA GLY A 404 -12.02 22.79 11.45
C GLY A 404 -12.16 23.53 10.12
N VAL A 405 -12.31 22.78 9.03
CA VAL A 405 -12.53 23.40 7.73
C VAL A 405 -13.90 24.08 7.68
N PHE A 406 -14.91 23.48 8.30
CA PHE A 406 -16.18 24.16 8.50
C PHE A 406 -16.03 25.41 9.35
N TYR A 407 -15.15 25.38 10.35
CA TYR A 407 -14.95 26.55 11.18
C TYR A 407 -14.41 27.71 10.34
N ILE A 408 -13.38 27.44 9.55
CA ILE A 408 -12.80 28.47 8.68
C ILE A 408 -13.84 28.99 7.68
N LEU A 409 -14.63 28.08 7.11
CA LEU A 409 -15.70 28.52 6.21
C LEU A 409 -16.75 29.35 6.92
N VAL A 410 -17.42 28.77 7.91
CA VAL A 410 -18.63 29.39 8.47
C VAL A 410 -18.28 30.64 9.26
N GLY A 411 -17.12 30.65 9.93
CA GLY A 411 -16.64 31.88 10.54
C GLY A 411 -16.24 32.93 9.51
N GLY A 412 -15.39 32.56 8.56
CA GLY A 412 -14.83 33.54 7.65
C GLY A 412 -15.88 34.25 6.81
N LEU A 413 -16.92 33.53 6.41
CA LEU A 413 -18.00 34.14 5.62
C LEU A 413 -18.68 35.29 6.34
N GLY A 414 -18.75 35.24 7.68
CA GLY A 414 -19.41 36.29 8.43
C GLY A 414 -18.75 37.65 8.28
N LEU A 415 -17.44 37.68 8.01
CA LEU A 415 -16.73 38.94 7.83
C LEU A 415 -17.27 39.76 6.67
N ALA A 416 -17.68 39.09 5.59
CA ALA A 416 -18.12 39.80 4.39
C ALA A 416 -19.33 40.69 4.66
N MET A 417 -20.27 40.23 5.50
CA MET A 417 -21.40 41.07 5.86
C MET A 417 -21.01 42.19 6.81
N LEU A 418 -20.18 41.89 7.81
CA LEU A 418 -19.70 42.92 8.73
C LEU A 418 -19.03 44.07 8.00
N VAL A 419 -18.22 43.77 6.98
CA VAL A 419 -17.64 44.82 6.15
C VAL A 419 -18.71 45.55 5.34
N ALA A 420 -19.62 44.79 4.70
CA ALA A 420 -20.62 45.39 3.84
C ALA A 420 -21.50 46.39 4.59
N LEU A 421 -21.94 46.05 5.80
CA LEU A 421 -22.85 46.91 6.55
C LEU A 421 -22.29 48.31 6.79
N ILE A 422 -20.98 48.45 6.98
CA ILE A 422 -20.40 49.77 7.16
C ILE A 422 -19.98 50.41 5.83
N GLU A 423 -19.57 49.60 4.85
CA GLU A 423 -19.29 50.13 3.51
C GLU A 423 -20.53 50.76 2.90
N PHE A 424 -21.70 50.14 3.08
CA PHE A 424 -22.97 50.77 2.72
C PHE A 424 -23.16 52.10 3.44
N CYS A 425 -23.16 52.07 4.78
CA CYS A 425 -23.47 53.27 5.57
C CYS A 425 -22.45 54.39 5.37
N TYR A 426 -21.22 54.07 4.97
CA TYR A 426 -20.27 55.12 4.62
C TYR A 426 -20.64 55.80 3.31
N LYS A 427 -20.67 55.04 2.22
CA LYS A 427 -20.91 55.63 0.90
C LYS A 427 -22.34 56.12 0.72
N SER A 428 -23.32 55.49 1.40
CA SER A 428 -24.66 56.05 1.42
C SER A 428 -24.78 57.30 2.27
N ARG A 429 -23.71 57.74 2.91
CA ARG A 429 -23.69 59.02 3.62
C ARG A 429 -22.48 59.85 3.24
N ALA A 430 -21.95 59.65 2.03
CA ALA A 430 -20.78 60.37 1.56
C ALA A 430 -21.02 61.87 1.53
N GLU B 1 49.12 -42.30 34.17
CA GLU B 1 49.89 -41.25 33.52
C GLU B 1 49.12 -40.68 32.33
N GLN B 2 49.36 -39.41 32.02
CA GLN B 2 48.68 -38.76 30.90
C GLN B 2 49.58 -37.65 30.38
N LYS B 3 49.38 -37.31 29.10
CA LYS B 3 49.97 -36.12 28.49
C LYS B 3 48.90 -35.36 27.72
N THR B 4 48.93 -34.04 27.83
CA THR B 4 47.92 -33.18 27.21
C THR B 4 48.60 -32.27 26.18
N VAL B 5 47.90 -32.05 25.06
CA VAL B 5 48.50 -31.46 23.87
C VAL B 5 48.51 -29.94 23.97
N VAL B 6 49.59 -29.34 23.48
CA VAL B 6 49.75 -27.89 23.46
C VAL B 6 48.96 -27.35 22.26
N VAL B 7 47.75 -26.84 22.52
CA VAL B 7 46.94 -26.26 21.45
C VAL B 7 47.46 -24.87 21.11
N THR B 8 47.65 -24.62 19.82
CA THR B 8 48.29 -23.42 19.31
C THR B 8 47.30 -22.61 18.48
N THR B 9 47.22 -21.31 18.77
CA THR B 9 46.28 -20.43 18.08
C THR B 9 46.75 -18.99 18.26
N ILE B 10 46.04 -18.07 17.60
CA ILE B 10 46.43 -16.67 17.54
C ILE B 10 45.19 -15.81 17.77
N LEU B 11 45.38 -14.70 18.49
CA LEU B 11 44.29 -13.78 18.77
C LEU B 11 43.79 -13.13 17.49
N GLU B 12 42.49 -13.24 17.24
CA GLU B 12 41.87 -12.63 16.07
C GLU B 12 40.36 -12.59 16.28
N SER B 13 39.74 -11.54 15.75
CA SER B 13 38.31 -11.32 15.91
C SER B 13 37.53 -12.15 14.89
N PRO B 14 36.41 -12.77 15.30
CA PRO B 14 36.04 -13.19 16.65
C PRO B 14 36.60 -14.58 16.97
N TYR B 15 37.63 -14.98 16.23
CA TYR B 15 38.21 -16.31 16.39
C TYR B 15 38.77 -16.53 17.80
N VAL B 16 39.46 -15.53 18.35
CA VAL B 16 40.06 -15.63 19.67
C VAL B 16 39.94 -14.28 20.37
N MET B 17 39.22 -14.25 21.49
CA MET B 17 38.91 -13.05 22.24
C MET B 17 39.06 -13.35 23.72
N MET B 18 39.14 -12.29 24.53
CA MET B 18 39.26 -12.43 25.97
C MET B 18 37.89 -12.28 26.63
N LYS B 19 37.61 -13.13 27.61
CA LYS B 19 36.36 -13.08 28.34
C LYS B 19 36.31 -11.89 29.29
N LYS B 20 35.09 -11.66 29.81
CA LYS B 20 34.80 -10.52 30.68
C LYS B 20 35.65 -10.47 31.94
N ASN B 21 36.25 -11.59 32.34
CA ASN B 21 36.98 -11.64 33.61
C ASN B 21 38.32 -12.37 33.44
N HIS B 22 38.96 -12.17 32.30
CA HIS B 22 40.14 -12.95 31.94
C HIS B 22 41.32 -12.72 32.88
N GLU B 23 41.28 -11.70 33.73
CA GLU B 23 42.30 -11.51 34.75
C GLU B 23 42.17 -12.46 35.92
N MET B 24 41.04 -13.15 36.05
CA MET B 24 40.62 -13.77 37.30
C MET B 24 40.71 -15.30 37.28
N LEU B 25 41.27 -15.88 36.22
CA LEU B 25 41.08 -17.29 35.92
C LEU B 25 42.39 -17.90 35.43
N GLU B 26 42.49 -19.21 35.60
CA GLU B 26 43.53 -20.01 34.96
C GLU B 26 42.88 -21.28 34.41
N GLY B 27 43.56 -21.89 33.44
CA GLY B 27 42.92 -22.80 32.52
C GLY B 27 42.36 -22.09 31.30
N ASN B 28 41.71 -22.88 30.45
CA ASN B 28 41.17 -22.34 29.20
C ASN B 28 39.99 -21.40 29.42
N GLU B 29 39.52 -21.22 30.65
CA GLU B 29 38.32 -20.44 30.91
C GLU B 29 38.54 -18.94 30.71
N ARG B 30 39.75 -18.51 30.41
CA ARG B 30 40.01 -17.11 30.07
C ARG B 30 39.49 -16.70 28.70
N TYR B 31 39.12 -17.65 27.84
CA TYR B 31 39.00 -17.37 26.41
C TYR B 31 37.58 -17.64 25.92
N GLU B 32 37.21 -16.91 24.88
CA GLU B 32 35.90 -17.03 24.23
C GLU B 32 36.08 -16.92 22.73
N GLY B 33 35.10 -17.42 21.99
CA GLY B 33 35.07 -17.28 20.55
C GLY B 33 35.17 -18.60 19.80
N TYR B 34 35.08 -18.46 18.48
CA TYR B 34 34.78 -19.59 17.59
C TYR B 34 35.82 -20.69 17.67
N CYS B 35 37.11 -20.34 17.71
CA CYS B 35 38.16 -21.36 17.63
C CYS B 35 38.19 -22.22 18.89
N VAL B 36 38.21 -21.60 20.07
CA VAL B 36 38.21 -22.37 21.31
C VAL B 36 36.91 -23.18 21.44
N ASP B 37 35.78 -22.60 21.03
CA ASP B 37 34.53 -23.33 21.05
C ASP B 37 34.55 -24.54 20.12
N LEU B 38 35.24 -24.45 18.99
CA LEU B 38 35.40 -25.62 18.13
C LEU B 38 36.31 -26.66 18.78
N ALA B 39 37.40 -26.21 19.42
CA ALA B 39 38.50 -27.12 19.76
C ALA B 39 38.02 -28.33 20.55
N ALA B 40 37.04 -28.11 21.44
CA ALA B 40 36.46 -29.22 22.20
C ALA B 40 35.86 -30.28 21.28
N GLU B 41 35.25 -29.86 20.17
CA GLU B 41 34.67 -30.85 19.26
C GLU B 41 35.74 -31.62 18.50
N ILE B 42 36.91 -31.01 18.30
CA ILE B 42 38.05 -31.74 17.73
C ILE B 42 38.56 -32.77 18.73
N ALA B 43 38.85 -32.32 19.95
CA ALA B 43 39.46 -33.20 20.95
C ALA B 43 38.53 -34.33 21.36
N LYS B 44 37.24 -34.04 21.55
CA LYS B 44 36.31 -35.03 22.09
C LYS B 44 36.13 -36.24 21.18
N HIS B 45 36.39 -36.09 19.88
CA HIS B 45 36.43 -37.25 19.00
C HIS B 45 37.83 -37.82 18.80
N CYS B 46 38.86 -37.21 19.39
CA CYS B 46 40.21 -37.72 19.26
C CYS B 46 40.83 -38.13 20.59
N GLY B 47 40.12 -37.94 21.70
CA GLY B 47 40.45 -38.65 22.93
C GLY B 47 41.52 -38.02 23.82
N PHE B 48 41.57 -36.70 23.90
CA PHE B 48 42.62 -36.04 24.68
C PHE B 48 42.09 -34.78 25.34
N LYS B 49 42.79 -34.37 26.39
CA LYS B 49 42.67 -33.04 26.98
C LYS B 49 43.87 -32.19 26.57
N TYR B 50 43.76 -30.88 26.83
CA TYR B 50 44.62 -29.93 26.13
C TYR B 50 44.75 -28.66 26.95
N LYS B 51 45.80 -27.89 26.65
CA LYS B 51 46.08 -26.61 27.28
C LYS B 51 46.31 -25.57 26.18
N LEU B 52 45.63 -24.44 26.30
CA LEU B 52 45.75 -23.39 25.29
C LEU B 52 47.03 -22.58 25.49
N THR B 53 47.58 -22.09 24.37
CA THR B 53 48.71 -21.19 24.36
C THR B 53 48.52 -20.20 23.20
N ILE B 54 49.25 -19.08 23.27
CA ILE B 54 49.22 -18.06 22.24
C ILE B 54 50.64 -17.74 21.82
N VAL B 55 50.88 -17.69 20.50
CA VAL B 55 52.23 -17.61 19.98
C VAL B 55 52.84 -16.25 20.26
N GLY B 56 54.13 -16.26 20.58
CA GLY B 56 54.85 -15.04 20.91
C GLY B 56 55.29 -14.23 19.70
N ASP B 57 54.39 -13.98 18.76
CA ASP B 57 54.77 -13.19 17.59
C ASP B 57 53.55 -12.53 16.93
N GLY B 58 52.39 -13.19 16.99
CA GLY B 58 51.19 -12.62 16.41
C GLY B 58 51.18 -12.53 14.90
N LYS B 59 51.90 -13.43 14.20
CA LYS B 59 51.88 -13.48 12.75
C LYS B 59 51.70 -14.91 12.29
N TYR B 60 50.97 -15.09 11.19
CA TYR B 60 50.85 -16.40 10.56
C TYR B 60 52.17 -16.91 10.01
N GLY B 61 53.17 -16.06 9.86
CA GLY B 61 54.53 -16.51 9.66
C GLY B 61 54.83 -16.86 8.21
N ALA B 62 56.12 -16.94 7.92
CA ALA B 62 56.60 -17.19 6.57
C ALA B 62 58.03 -17.70 6.65
N ARG B 63 58.48 -18.34 5.57
CA ARG B 63 59.90 -18.53 5.32
C ARG B 63 60.52 -17.17 4.99
N ASP B 64 61.37 -16.68 5.87
CA ASP B 64 62.23 -15.54 5.54
C ASP B 64 63.24 -15.94 4.48
N ALA B 65 63.14 -15.34 3.30
CA ALA B 65 64.09 -15.61 2.23
C ALA B 65 65.52 -15.23 2.60
N ASP B 66 65.71 -14.36 3.59
CA ASP B 66 67.05 -14.06 4.08
C ASP B 66 67.59 -15.14 5.02
N THR B 67 67.08 -15.17 6.26
CA THR B 67 67.67 -16.05 7.27
C THR B 67 67.33 -17.52 7.07
N LYS B 68 66.36 -17.84 6.21
CA LYS B 68 65.82 -19.18 6.00
C LYS B 68 65.02 -19.69 7.20
N ILE B 69 64.73 -18.83 8.16
CA ILE B 69 63.97 -19.23 9.35
C ILE B 69 62.49 -19.30 8.99
N TRP B 70 61.82 -20.35 9.46
CA TRP B 70 60.36 -20.41 9.48
C TRP B 70 59.84 -19.66 10.70
N ASN B 71 59.79 -18.34 10.57
CA ASN B 71 59.29 -17.48 11.64
C ASN B 71 57.77 -17.57 11.75
N GLY B 72 57.27 -17.34 12.95
CA GLY B 72 55.84 -17.32 13.16
C GLY B 72 55.19 -18.68 13.24
N MET B 73 53.86 -18.65 13.16
CA MET B 73 52.95 -19.71 13.61
C MET B 73 53.45 -21.13 13.33
N VAL B 74 53.74 -21.43 12.07
CA VAL B 74 54.12 -22.79 11.70
C VAL B 74 55.47 -23.17 12.30
N GLY B 75 56.32 -22.18 12.58
CA GLY B 75 57.62 -22.48 13.17
C GLY B 75 57.52 -23.16 14.52
N GLU B 76 56.46 -22.86 15.29
CA GLU B 76 56.31 -23.49 16.59
C GLU B 76 56.01 -24.98 16.48
N LEU B 77 55.50 -25.42 15.33
CA LEU B 77 55.41 -26.84 15.02
C LEU B 77 56.72 -27.37 14.46
N VAL B 78 57.29 -26.65 13.48
CA VAL B 78 58.51 -27.11 12.81
C VAL B 78 59.67 -27.26 13.79
N TYR B 79 59.82 -26.30 14.70
CA TYR B 79 60.84 -26.38 15.74
C TYR B 79 60.37 -27.11 16.99
N GLY B 80 59.18 -27.70 16.97
CA GLY B 80 58.82 -28.69 17.97
C GLY B 80 58.46 -28.16 19.33
N LYS B 81 58.07 -26.89 19.42
CA LYS B 81 57.66 -26.34 20.71
C LYS B 81 56.22 -26.71 21.04
N ALA B 82 55.34 -26.67 20.05
CA ALA B 82 53.91 -26.79 20.23
C ALA B 82 53.37 -27.94 19.40
N ASP B 83 52.23 -28.49 19.84
CA ASP B 83 51.78 -29.81 19.40
C ASP B 83 50.80 -29.77 18.23
N ILE B 84 49.85 -28.84 18.23
CA ILE B 84 48.79 -28.82 17.24
C ILE B 84 48.34 -27.38 17.08
N ALA B 85 47.86 -27.03 15.88
CA ALA B 85 47.53 -25.65 15.56
C ALA B 85 46.14 -25.55 14.95
N ILE B 86 45.37 -24.58 15.45
CA ILE B 86 43.97 -24.36 15.08
C ILE B 86 43.79 -22.86 14.91
N ALA B 87 43.79 -22.38 13.67
CA ALA B 87 43.86 -20.95 13.43
C ALA B 87 43.48 -20.67 11.98
N PRO B 88 43.08 -19.42 11.68
CA PRO B 88 42.64 -19.08 10.32
C PRO B 88 43.77 -18.83 9.34
N LEU B 89 44.81 -19.66 9.35
CA LEU B 89 45.85 -19.55 8.33
C LEU B 89 45.36 -20.08 6.99
N THR B 90 45.81 -19.45 5.92
CA THR B 90 45.37 -19.75 4.57
C THR B 90 46.11 -20.96 4.00
N ILE B 91 45.35 -21.97 3.59
CA ILE B 91 45.91 -23.16 2.96
C ILE B 91 46.53 -22.78 1.62
N THR B 92 47.83 -23.05 1.47
CA THR B 92 48.60 -22.53 0.34
C THR B 92 49.77 -23.46 0.08
N LEU B 93 50.27 -23.40 -1.17
CA LEU B 93 51.22 -24.39 -1.66
C LEU B 93 52.43 -24.52 -0.75
N VAL B 94 53.12 -23.40 -0.49
CA VAL B 94 54.43 -23.45 0.16
C VAL B 94 54.33 -24.21 1.48
N ARG B 95 53.25 -23.99 2.22
CA ARG B 95 53.10 -24.57 3.55
C ARG B 95 52.98 -26.09 3.50
N GLU B 96 52.51 -26.64 2.38
CA GLU B 96 52.41 -28.08 2.23
C GLU B 96 53.76 -28.79 2.29
N GLU B 97 54.85 -28.07 2.04
CA GLU B 97 56.17 -28.68 2.18
C GLU B 97 56.59 -28.88 3.63
N VAL B 98 55.86 -28.32 4.60
CA VAL B 98 56.27 -28.44 6.00
C VAL B 98 55.17 -28.92 6.93
N ILE B 99 53.89 -28.88 6.54
CA ILE B 99 52.81 -29.44 7.35
C ILE B 99 51.75 -30.07 6.44
N ASP B 100 50.95 -30.93 7.04
CA ASP B 100 50.01 -31.82 6.34
C ASP B 100 48.56 -31.45 6.64
N PHE B 101 48.10 -30.31 6.12
CA PHE B 101 46.74 -29.85 6.43
C PHE B 101 45.71 -30.92 6.09
N SER B 102 44.61 -30.91 6.84
CA SER B 102 43.44 -31.70 6.48
C SER B 102 42.72 -31.08 5.29
N LYS B 103 41.55 -31.64 4.94
CA LYS B 103 40.57 -30.91 4.16
C LYS B 103 40.16 -29.62 4.87
N PRO B 104 39.70 -28.62 4.11
CA PRO B 104 39.32 -27.35 4.74
C PRO B 104 38.00 -27.45 5.47
N PHE B 105 37.86 -26.65 6.53
CA PHE B 105 36.59 -26.53 7.23
C PHE B 105 35.71 -25.38 6.72
N MET B 106 36.27 -24.41 6.01
CA MET B 106 35.47 -23.30 5.50
C MET B 106 36.08 -22.75 4.23
N SER B 107 35.21 -22.23 3.35
CA SER B 107 35.59 -21.70 2.05
C SER B 107 35.25 -20.22 1.97
N LEU B 108 36.04 -19.47 1.20
CA LEU B 108 35.99 -18.02 1.26
C LEU B 108 36.62 -17.43 0.01
N GLY B 109 36.44 -16.13 -0.17
CA GLY B 109 37.07 -15.41 -1.27
C GLY B 109 37.04 -13.91 -1.06
N ILE B 110 37.56 -13.20 -2.06
CA ILE B 110 37.50 -11.74 -2.07
C ILE B 110 36.05 -11.28 -2.15
N SER B 111 35.71 -10.23 -1.40
CA SER B 111 34.41 -9.59 -1.50
C SER B 111 34.55 -8.09 -1.68
N ILE B 112 33.55 -7.51 -2.35
CA ILE B 112 33.32 -6.07 -2.36
C ILE B 112 32.81 -5.61 -0.98
N MET B 113 33.03 -4.32 -0.69
CA MET B 113 32.31 -3.65 0.38
C MET B 113 32.01 -2.22 -0.05
N ILE B 114 30.80 -1.76 0.28
CA ILE B 114 30.40 -0.36 0.11
C ILE B 114 29.63 0.09 1.35
N LYS B 115 29.59 1.41 1.56
CA LYS B 115 28.60 2.00 2.43
C LYS B 115 27.22 1.85 1.82
N LYS B 116 26.25 1.44 2.64
CA LYS B 116 24.90 1.21 2.13
C LYS B 116 24.22 2.53 1.75
N PRO B 117 23.43 2.54 0.68
CA PRO B 117 22.71 3.75 0.27
C PRO B 117 21.83 4.31 1.37
N GLN B 118 21.42 5.57 1.18
CA GLN B 118 20.37 6.19 1.97
C GLN B 118 19.57 7.12 1.08
N LYS B 119 18.37 7.45 1.53
CA LYS B 119 17.48 8.36 0.79
C LYS B 119 18.17 9.68 0.45
N SER B 120 18.18 10.00 -0.84
CA SER B 120 18.89 11.17 -1.33
C SER B 120 18.13 12.45 -0.97
N LYS B 121 18.82 13.57 -1.12
CA LYS B 121 18.15 14.86 -1.28
C LYS B 121 17.35 14.88 -2.59
N PRO B 122 16.24 15.60 -2.63
CA PRO B 122 15.47 15.70 -3.87
C PRO B 122 16.18 16.56 -4.90
N GLY B 123 16.09 16.13 -6.16
CA GLY B 123 16.60 16.95 -7.25
C GLY B 123 15.77 18.20 -7.48
N VAL B 124 16.45 19.23 -7.99
CA VAL B 124 15.88 20.58 -8.09
C VAL B 124 14.58 20.58 -8.89
N PHE B 125 14.41 19.62 -9.80
CA PHE B 125 13.22 19.55 -10.63
C PHE B 125 12.44 18.24 -10.43
N SER B 126 12.60 17.62 -9.25
CA SER B 126 12.04 16.30 -9.00
C SER B 126 10.56 16.19 -9.36
N PHE B 127 9.82 17.30 -9.27
CA PHE B 127 8.38 17.26 -9.54
C PHE B 127 8.05 16.73 -10.94
N LEU B 128 8.95 16.91 -11.91
CA LEU B 128 8.67 16.42 -13.26
C LEU B 128 8.96 14.94 -13.44
N ASP B 129 9.68 14.32 -12.51
CA ASP B 129 10.19 12.97 -12.67
C ASP B 129 9.16 11.84 -12.76
N PRO B 130 7.92 11.99 -12.26
CA PRO B 130 6.94 10.90 -12.43
C PRO B 130 6.60 10.57 -13.88
N LEU B 131 6.96 11.43 -14.84
CA LEU B 131 6.69 11.18 -16.24
C LEU B 131 8.02 10.92 -16.97
N ALA B 132 7.99 9.98 -17.90
CA ALA B 132 9.18 9.70 -18.70
C ALA B 132 9.58 10.90 -19.55
N TYR B 133 10.90 11.09 -19.67
CA TYR B 133 11.46 12.26 -20.34
C TYR B 133 10.86 12.50 -21.71
N GLU B 134 10.70 11.43 -22.50
CA GLU B 134 10.12 11.54 -23.83
C GLU B 134 8.68 12.04 -23.82
N ILE B 135 7.95 11.83 -22.73
CA ILE B 135 6.54 12.22 -22.70
C ILE B 135 6.40 13.74 -22.69
N TRP B 136 7.14 14.41 -21.81
CA TRP B 136 7.18 15.87 -21.83
C TRP B 136 7.54 16.41 -23.20
N MET B 137 8.58 15.87 -23.82
CA MET B 137 9.09 16.34 -25.10
C MET B 137 8.31 15.81 -26.30
N CYS B 138 7.07 15.34 -26.12
CA CYS B 138 6.14 15.19 -27.22
C CYS B 138 4.75 15.74 -26.97
N ILE B 139 4.38 15.97 -25.70
CA ILE B 139 3.16 16.72 -25.39
C ILE B 139 3.14 18.05 -26.13
N VAL B 140 4.27 18.77 -26.12
CA VAL B 140 4.37 20.06 -26.79
C VAL B 140 4.13 19.94 -28.30
N PHE B 141 4.48 18.80 -28.90
CA PHE B 141 4.14 18.60 -30.31
C PHE B 141 2.63 18.50 -30.52
N ALA B 142 1.96 17.63 -29.76
CA ALA B 142 0.52 17.46 -29.89
C ALA B 142 -0.24 18.74 -29.53
N TYR B 143 0.28 19.50 -28.57
CA TYR B 143 -0.25 20.84 -28.29
C TYR B 143 -0.17 21.75 -29.52
N ILE B 144 1.00 21.83 -30.15
CA ILE B 144 1.15 22.61 -31.37
C ILE B 144 0.16 22.16 -32.44
N GLY B 145 0.00 20.85 -32.59
CA GLY B 145 -0.92 20.30 -33.57
C GLY B 145 -2.33 20.86 -33.50
N VAL B 146 -3.00 20.66 -32.36
CA VAL B 146 -4.32 21.26 -32.15
C VAL B 146 -4.25 22.77 -32.28
N SER B 147 -3.21 23.38 -31.70
CA SER B 147 -3.12 24.83 -31.57
C SER B 147 -3.15 25.51 -32.91
N VAL B 148 -2.41 25.00 -33.89
CA VAL B 148 -2.43 25.62 -35.21
C VAL B 148 -3.46 25.02 -36.16
N VAL B 149 -3.83 23.74 -36.03
CA VAL B 149 -4.84 23.21 -36.93
C VAL B 149 -6.20 23.84 -36.65
N LEU B 150 -6.48 24.22 -35.39
CA LEU B 150 -7.66 25.02 -35.11
C LEU B 150 -7.69 26.32 -35.89
N PHE B 151 -6.53 26.91 -36.17
CA PHE B 151 -6.43 28.16 -36.91
C PHE B 151 -6.84 28.05 -38.37
N LEU B 152 -6.99 26.84 -38.89
CA LEU B 152 -7.51 26.64 -40.24
C LEU B 152 -9.00 26.30 -40.28
N VAL B 153 -9.61 25.97 -39.15
CA VAL B 153 -11.06 25.79 -39.09
C VAL B 153 -11.78 27.06 -38.66
N SER B 154 -11.24 27.80 -37.70
CA SER B 154 -11.62 29.19 -37.52
C SER B 154 -11.02 30.08 -38.61
N ARG B 155 -11.50 31.33 -38.63
CA ARG B 155 -11.04 32.40 -39.52
C ARG B 155 -11.27 32.22 -41.02
N PHE B 156 -10.98 31.04 -41.58
CA PHE B 156 -10.78 30.94 -43.03
C PHE B 156 -11.96 31.47 -43.83
N SER B 157 -13.18 31.36 -43.28
CA SER B 157 -14.38 32.01 -43.81
C SER B 157 -14.65 31.62 -45.25
N PRO B 158 -15.39 30.54 -45.47
CA PRO B 158 -15.65 30.06 -46.84
C PRO B 158 -16.50 31.03 -47.65
N TYR B 159 -16.42 30.86 -48.97
CA TYR B 159 -17.13 31.69 -49.94
C TYR B 159 -17.83 30.81 -50.96
N SER B 175 -21.12 34.99 -47.30
CA SER B 175 -19.79 34.61 -46.81
C SER B 175 -19.77 34.57 -45.29
N GLU B 176 -18.85 33.79 -44.73
CA GLU B 176 -18.71 33.73 -43.28
C GLU B 176 -18.07 35.02 -42.77
N SER B 177 -18.36 35.37 -41.51
CA SER B 177 -17.63 36.44 -40.84
C SER B 177 -17.71 36.33 -39.32
N THR B 178 -18.21 35.21 -38.81
CA THR B 178 -18.70 35.15 -37.44
C THR B 178 -17.58 35.09 -36.40
N ASN B 179 -16.36 34.73 -36.78
CA ASN B 179 -15.28 34.63 -35.81
C ASN B 179 -13.98 35.18 -36.38
N GLU B 180 -13.07 35.54 -35.46
CA GLU B 180 -11.93 36.38 -35.77
C GLU B 180 -10.64 35.85 -35.14
N PHE B 181 -10.65 34.63 -34.58
CA PHE B 181 -9.50 34.04 -33.90
C PHE B 181 -8.19 34.26 -34.65
N GLY B 182 -7.28 35.02 -34.02
CA GLY B 182 -5.92 35.07 -34.48
C GLY B 182 -5.09 33.89 -34.00
N ILE B 183 -3.93 33.71 -34.65
CA ILE B 183 -3.06 32.57 -34.33
C ILE B 183 -2.66 32.59 -32.87
N PHE B 184 -2.30 33.77 -32.35
CA PHE B 184 -1.98 33.92 -30.94
C PHE B 184 -3.18 33.68 -30.03
N ASN B 185 -4.40 33.90 -30.54
CA ASN B 185 -5.57 33.52 -29.78
C ASN B 185 -5.79 32.01 -29.77
N SER B 186 -5.50 31.33 -30.87
CA SER B 186 -5.58 29.87 -30.85
C SER B 186 -4.50 29.23 -29.99
N LEU B 187 -3.33 29.87 -29.90
CA LEU B 187 -2.35 29.52 -28.86
C LEU B 187 -2.94 29.72 -27.46
N TRP B 188 -3.48 30.91 -27.19
CA TRP B 188 -4.00 31.20 -25.86
C TRP B 188 -5.06 30.19 -25.46
N PHE B 189 -6.08 30.02 -26.30
CA PHE B 189 -7.16 29.09 -26.00
C PHE B 189 -6.62 27.68 -25.81
N SER B 190 -5.77 27.19 -26.72
CA SER B 190 -5.31 25.82 -26.60
C SER B 190 -4.53 25.60 -25.31
N LEU B 191 -3.74 26.60 -24.89
CA LEU B 191 -3.00 26.45 -23.64
C LEU B 191 -3.94 26.46 -22.44
N GLY B 192 -4.87 27.43 -22.41
CA GLY B 192 -5.87 27.43 -21.35
C GLY B 192 -6.65 26.14 -21.29
N ALA B 193 -6.88 25.52 -22.44
CA ALA B 193 -7.54 24.22 -22.51
C ALA B 193 -6.70 23.13 -21.88
N PHE B 194 -5.38 23.12 -22.13
CA PHE B 194 -4.55 22.19 -21.38
C PHE B 194 -4.52 22.52 -19.89
N MET B 195 -4.62 23.80 -19.53
CA MET B 195 -4.78 24.24 -18.15
C MET B 195 -6.20 24.02 -17.61
N GLN B 196 -7.04 23.23 -18.28
CA GLN B 196 -8.41 22.94 -17.87
C GLN B 196 -9.32 24.18 -17.79
N GLN B 197 -8.84 25.36 -18.18
CA GLN B 197 -9.42 26.60 -17.67
C GLN B 197 -10.51 27.14 -18.58
N GLY B 198 -10.57 26.69 -19.82
CA GLY B 198 -11.51 27.21 -20.80
C GLY B 198 -11.09 28.55 -21.38
N CYS B 199 -12.07 29.23 -21.95
CA CYS B 199 -11.85 30.52 -22.59
C CYS B 199 -13.12 31.33 -22.54
N ASP B 200 -12.97 32.65 -22.64
CA ASP B 200 -14.11 33.56 -22.70
C ASP B 200 -14.74 33.64 -24.08
N ILE B 201 -14.14 33.00 -25.09
CA ILE B 201 -14.73 32.86 -26.41
C ILE B 201 -14.52 31.43 -26.89
N SER B 202 -15.36 31.02 -27.85
CA SER B 202 -15.41 29.64 -28.29
C SER B 202 -15.72 29.57 -29.77
N PRO B 203 -15.06 28.67 -30.51
CA PRO B 203 -15.27 28.61 -31.98
C PRO B 203 -16.72 28.42 -32.39
N ARG B 204 -17.53 27.75 -31.57
CA ARG B 204 -18.97 27.61 -31.82
C ARG B 204 -19.25 27.09 -33.23
N SER B 205 -18.38 26.21 -33.72
CA SER B 205 -18.38 25.78 -35.11
C SER B 205 -18.34 24.26 -35.16
N LEU B 206 -19.07 23.68 -36.11
CA LEU B 206 -18.90 22.27 -36.44
C LEU B 206 -17.51 21.98 -36.96
N SER B 207 -17.06 20.74 -36.72
CA SER B 207 -15.67 20.30 -36.69
C SER B 207 -14.86 20.95 -35.58
N GLY B 208 -14.96 22.27 -35.43
CA GLY B 208 -14.19 22.96 -34.41
C GLY B 208 -14.51 22.49 -33.01
N ARG B 209 -15.79 22.20 -32.76
CA ARG B 209 -16.18 21.64 -31.46
C ARG B 209 -15.53 20.30 -31.19
N ILE B 210 -15.38 19.46 -32.22
CA ILE B 210 -14.62 18.22 -32.05
C ILE B 210 -13.18 18.51 -31.67
N VAL B 211 -12.56 19.48 -32.34
CA VAL B 211 -11.18 19.88 -32.03
C VAL B 211 -11.06 20.33 -30.58
N GLY B 212 -12.09 21.03 -30.07
CA GLY B 212 -12.10 21.33 -28.65
C GLY B 212 -12.26 20.08 -27.80
N GLY B 213 -13.23 19.24 -28.15
CA GLY B 213 -13.61 18.13 -27.29
C GLY B 213 -12.47 17.17 -27.05
N VAL B 214 -11.84 16.71 -28.12
CA VAL B 214 -10.84 15.66 -27.98
C VAL B 214 -9.61 16.17 -27.24
N TRP B 215 -9.25 17.44 -27.43
CA TRP B 215 -8.13 18.03 -26.70
C TRP B 215 -8.40 18.13 -25.20
N TRP B 216 -9.65 18.36 -24.80
CA TRP B 216 -10.02 18.22 -23.40
C TRP B 216 -9.82 16.79 -22.87
N PHE B 217 -10.36 15.80 -23.59
CA PHE B 217 -10.29 14.42 -23.11
C PHE B 217 -8.85 13.99 -22.88
N PHE B 218 -7.97 14.32 -23.82
CA PHE B 218 -6.55 14.02 -23.67
C PHE B 218 -5.95 14.66 -22.41
N THR B 219 -6.35 15.89 -22.10
CA THR B 219 -5.90 16.54 -20.86
C THR B 219 -6.33 15.77 -19.62
N LEU B 220 -7.58 15.33 -19.56
CA LEU B 220 -8.11 14.68 -18.37
C LEU B 220 -7.41 13.36 -18.06
N ILE B 221 -7.02 12.62 -19.09
CA ILE B 221 -6.31 11.36 -18.89
C ILE B 221 -4.97 11.58 -18.18
N ILE B 222 -4.15 12.48 -18.71
CA ILE B 222 -2.76 12.55 -18.26
C ILE B 222 -2.66 13.06 -16.83
N ILE B 223 -3.36 14.15 -16.50
CA ILE B 223 -3.23 14.69 -15.15
C ILE B 223 -3.73 13.69 -14.11
N SER B 224 -4.72 12.86 -14.48
CA SER B 224 -5.16 11.78 -13.62
C SER B 224 -4.07 10.73 -13.44
N SER B 225 -3.44 10.30 -14.53
CA SER B 225 -2.37 9.32 -14.43
C SER B 225 -1.22 9.85 -13.57
N TYR B 226 -0.87 11.12 -13.76
CA TYR B 226 0.14 11.78 -12.93
C TYR B 226 -0.23 11.70 -11.46
N THR B 227 -1.47 12.08 -11.11
CA THR B 227 -1.86 12.11 -9.71
C THR B 227 -1.91 10.70 -9.12
N ALA B 228 -2.25 9.70 -9.93
CA ALA B 228 -2.14 8.31 -9.48
C ALA B 228 -0.69 7.93 -9.21
N ASN B 229 0.21 8.17 -10.17
CA ASN B 229 1.58 7.71 -10.06
C ASN B 229 2.35 8.42 -8.95
N LEU B 230 2.04 9.67 -8.67
CA LEU B 230 2.64 10.40 -7.55
C LEU B 230 2.34 9.80 -6.18
N ALA B 231 1.52 8.75 -6.12
CA ALA B 231 1.39 7.96 -4.89
C ALA B 231 2.54 7.00 -4.68
N ALA B 232 3.02 6.34 -5.75
CA ALA B 232 3.93 5.21 -5.60
C ALA B 232 5.23 5.59 -4.91
N PHE B 233 5.87 6.67 -5.37
CA PHE B 233 7.12 7.13 -4.76
C PHE B 233 6.98 7.55 -3.31
N LEU B 234 5.76 7.75 -2.81
CA LEU B 234 5.54 8.12 -1.42
C LEU B 234 4.81 7.05 -0.62
N THR B 235 4.69 5.84 -1.15
CA THR B 235 4.01 4.76 -0.45
C THR B 235 4.71 3.41 -0.53
N VAL B 236 5.76 3.26 -1.34
CA VAL B 236 6.56 2.05 -1.36
C VAL B 236 8.04 2.41 -1.16
N GLU B 237 8.70 1.70 -0.26
CA GLU B 237 10.10 1.94 0.08
C GLU B 237 11.04 1.38 -0.98
N ARG B 238 10.84 1.79 -2.24
CA ARG B 238 11.71 1.35 -3.32
C ARG B 238 13.13 1.86 -3.13
N MET B 239 14.10 0.96 -3.30
CA MET B 239 15.51 1.28 -3.15
C MET B 239 16.32 0.37 -4.04
N VAL B 240 17.45 0.87 -4.53
CA VAL B 240 18.41 0.10 -5.32
C VAL B 240 19.82 0.55 -4.98
N SER B 241 20.78 -0.37 -5.14
CA SER B 241 22.19 -0.05 -4.99
C SER B 241 22.72 0.65 -6.24
N PRO B 242 23.69 1.56 -6.07
CA PRO B 242 24.45 2.05 -7.24
C PRO B 242 25.12 0.97 -8.07
N ILE B 243 25.49 -0.17 -7.47
CA ILE B 243 26.28 -1.19 -8.14
C ILE B 243 25.76 -2.56 -7.72
N GLU B 244 26.04 -3.55 -8.56
CA GLU B 244 25.38 -4.85 -8.44
C GLU B 244 26.28 -6.00 -8.86
N SER B 245 27.32 -5.70 -9.64
CA SER B 245 28.17 -6.76 -10.18
C SER B 245 29.64 -6.35 -10.10
N ALA B 246 30.51 -7.35 -10.17
CA ALA B 246 31.95 -7.11 -10.23
C ALA B 246 32.38 -6.45 -11.53
N GLU B 247 31.56 -6.50 -12.57
CA GLU B 247 31.99 -6.14 -13.92
C GLU B 247 32.39 -4.67 -14.07
N ASP B 248 31.42 -3.80 -14.34
CA ASP B 248 31.73 -2.49 -14.91
C ASP B 248 32.31 -1.52 -13.88
N LEU B 249 32.43 -1.93 -12.62
CA LEU B 249 33.36 -1.31 -11.67
C LEU B 249 34.76 -1.19 -12.27
N SER B 250 35.10 -2.07 -13.22
CA SER B 250 36.32 -1.93 -14.01
C SER B 250 36.41 -0.58 -14.71
N LYS B 251 35.29 0.02 -15.11
CA LYS B 251 35.32 1.03 -16.15
C LYS B 251 34.37 2.21 -15.95
N GLN B 252 33.27 2.08 -15.20
CA GLN B 252 32.43 3.24 -14.97
C GLN B 252 33.07 4.18 -13.96
N THR B 253 32.50 5.38 -13.85
CA THR B 253 33.12 6.50 -13.14
C THR B 253 33.38 6.23 -11.66
N GLU B 254 32.78 5.20 -11.07
CA GLU B 254 32.97 4.94 -9.64
C GLU B 254 34.29 4.22 -9.35
N ILE B 255 35.36 4.64 -10.01
CA ILE B 255 36.66 3.98 -10.02
C ILE B 255 37.32 4.11 -8.65
N ALA B 256 36.66 4.83 -7.74
CA ALA B 256 37.10 4.92 -6.35
C ALA B 256 37.02 3.58 -5.62
N TYR B 257 38.13 2.83 -5.67
CA TYR B 257 38.30 1.61 -4.90
C TYR B 257 39.78 1.31 -4.79
N GLY B 258 40.12 0.39 -3.88
CA GLY B 258 41.50 -0.02 -3.69
C GLY B 258 41.60 -1.32 -2.93
N THR B 259 42.85 -1.75 -2.72
CA THR B 259 43.15 -3.03 -2.10
C THR B 259 44.13 -2.84 -0.95
N LEU B 260 43.90 -3.59 0.13
CA LEU B 260 44.84 -3.62 1.23
C LEU B 260 46.21 -4.11 0.76
N ASP B 261 47.24 -3.32 1.04
CA ASP B 261 48.60 -3.61 0.63
C ASP B 261 49.23 -4.67 1.54
N SER B 262 50.45 -5.09 1.16
CA SER B 262 51.23 -6.11 1.85
C SER B 262 50.61 -7.50 1.85
N GLY B 263 49.30 -7.61 1.59
CA GLY B 263 48.69 -8.92 1.49
C GLY B 263 48.84 -9.55 0.11
N SER B 264 48.64 -10.87 0.08
CA SER B 264 48.69 -11.62 -1.17
C SER B 264 47.60 -11.21 -2.15
N THR B 265 46.57 -10.50 -1.67
CA THR B 265 45.54 -9.98 -2.56
C THR B 265 46.13 -9.12 -3.67
N LYS B 266 47.19 -8.37 -3.36
CA LYS B 266 47.89 -7.62 -4.40
C LYS B 266 48.48 -8.54 -5.46
N GLU B 267 49.13 -9.62 -5.02
CA GLU B 267 49.77 -10.54 -5.97
C GLU B 267 48.77 -11.14 -6.94
N PHE B 268 47.56 -11.44 -6.46
CA PHE B 268 46.49 -11.93 -7.32
C PHE B 268 46.23 -10.97 -8.48
N PHE B 269 46.13 -9.67 -8.18
CA PHE B 269 45.95 -8.66 -9.23
C PHE B 269 47.17 -8.57 -10.13
N ARG B 270 48.37 -8.68 -9.58
CA ARG B 270 49.58 -8.68 -10.40
C ARG B 270 49.52 -9.78 -11.47
N ARG B 271 49.18 -11.00 -11.06
CA ARG B 271 49.21 -12.15 -11.95
C ARG B 271 47.91 -12.33 -12.72
N SER B 272 47.00 -11.36 -12.65
CA SER B 272 45.64 -11.49 -13.15
C SER B 272 45.62 -11.86 -14.64
N LYS B 273 44.48 -12.40 -15.07
CA LYS B 273 44.33 -12.99 -16.40
C LYS B 273 42.93 -12.72 -16.95
N ILE B 274 42.84 -12.88 -18.28
CA ILE B 274 41.60 -12.99 -19.07
C ILE B 274 40.64 -11.83 -18.88
N ALA B 275 41.11 -10.61 -19.16
CA ALA B 275 40.28 -9.49 -19.57
C ALA B 275 39.14 -9.19 -18.60
N VAL B 276 39.52 -8.91 -17.36
CA VAL B 276 38.69 -8.14 -16.44
C VAL B 276 39.58 -7.50 -15.39
N PHE B 277 40.22 -8.32 -14.55
CA PHE B 277 41.00 -7.84 -13.42
C PHE B 277 42.09 -6.88 -13.86
N ASP B 278 42.62 -7.07 -15.07
CA ASP B 278 43.68 -6.23 -15.60
C ASP B 278 43.26 -4.77 -15.75
N LYS B 279 41.97 -4.47 -15.88
CA LYS B 279 41.59 -3.05 -15.91
C LYS B 279 41.82 -2.40 -14.55
N MET B 280 41.37 -3.04 -13.47
CA MET B 280 41.59 -2.50 -12.14
C MET B 280 43.07 -2.42 -11.80
N TRP B 281 43.84 -3.46 -12.13
CA TRP B 281 45.28 -3.39 -11.92
C TRP B 281 45.96 -2.30 -12.75
N THR B 282 45.61 -2.20 -14.03
CA THR B 282 46.14 -1.14 -14.89
C THR B 282 45.86 0.25 -14.34
N TYR B 283 44.66 0.47 -13.82
CA TYR B 283 44.36 1.76 -13.18
C TYR B 283 45.19 1.97 -11.92
N MET B 284 45.10 1.04 -10.95
CA MET B 284 45.73 1.24 -9.65
C MET B 284 47.25 1.11 -9.69
N ARG B 285 47.84 0.72 -10.82
CA ARG B 285 49.26 0.98 -11.06
C ARG B 285 49.56 2.47 -11.17
N SER B 286 48.55 3.29 -11.43
CA SER B 286 48.72 4.71 -11.72
C SER B 286 47.84 5.62 -10.86
N ALA B 287 46.79 5.09 -10.24
CA ALA B 287 45.79 5.90 -9.55
C ALA B 287 46.38 6.70 -8.40
N GLU B 288 45.75 7.84 -8.14
CA GLU B 288 46.12 8.79 -7.09
C GLU B 288 44.85 9.48 -6.63
N PRO B 289 44.83 10.04 -5.40
CA PRO B 289 45.87 10.02 -4.38
C PRO B 289 45.92 8.74 -3.56
N SER B 290 47.07 8.05 -3.60
CA SER B 290 47.43 6.95 -2.71
C SER B 290 46.27 5.98 -2.44
N VAL B 291 45.88 5.21 -3.46
CA VAL B 291 44.65 4.42 -3.37
C VAL B 291 44.85 3.21 -2.49
N PHE B 292 46.09 2.73 -2.33
CA PHE B 292 46.37 1.63 -1.45
C PHE B 292 46.31 2.06 0.01
N VAL B 293 46.07 1.09 0.89
CA VAL B 293 46.12 1.31 2.32
C VAL B 293 46.99 0.23 2.96
N ARG B 294 47.78 0.65 3.94
CA ARG B 294 48.79 -0.21 4.54
C ARG B 294 48.31 -0.97 5.78
N THR B 295 47.12 -0.67 6.31
CA THR B 295 46.60 -1.43 7.43
C THR B 295 45.08 -1.50 7.32
N THR B 296 44.54 -2.57 7.92
CA THR B 296 43.16 -2.97 7.70
C THR B 296 42.18 -1.88 8.09
N ALA B 297 42.39 -1.26 9.25
CA ALA B 297 41.46 -0.27 9.77
C ALA B 297 41.42 1.00 8.92
N GLU B 298 42.50 1.30 8.20
CA GLU B 298 42.51 2.50 7.36
C GLU B 298 41.50 2.42 6.23
N GLY B 299 41.36 1.26 5.59
CA GLY B 299 40.31 1.10 4.61
C GLY B 299 38.92 1.20 5.21
N VAL B 300 38.73 0.62 6.40
CA VAL B 300 37.44 0.71 7.08
C VAL B 300 37.05 2.17 7.31
N ALA B 301 38.00 2.98 7.76
CA ALA B 301 37.77 4.41 7.91
C ALA B 301 37.54 5.10 6.56
N ARG B 302 38.33 4.75 5.55
CA ARG B 302 38.25 5.43 4.26
C ARG B 302 36.88 5.25 3.57
N VAL B 303 36.29 4.07 3.68
CA VAL B 303 34.95 3.86 3.15
C VAL B 303 33.92 4.75 3.85
N ARG B 304 34.04 4.92 5.16
CA ARG B 304 33.12 5.79 5.88
C ARG B 304 33.37 7.26 5.57
N LYS B 305 34.62 7.65 5.39
CA LYS B 305 34.94 9.05 5.10
C LYS B 305 34.43 9.49 3.74
N SER B 306 34.54 8.64 2.72
CA SER B 306 34.47 9.10 1.33
C SER B 306 33.04 9.14 0.80
N LYS B 307 32.09 9.51 1.66
CA LYS B 307 30.70 9.77 1.29
C LYS B 307 30.13 8.71 0.36
N GLY B 308 30.35 7.45 0.71
CA GLY B 308 29.76 6.36 -0.04
C GLY B 308 30.37 6.06 -1.39
N LYS B 309 31.51 6.66 -1.73
CA LYS B 309 32.12 6.44 -3.04
C LYS B 309 33.22 5.38 -3.01
N TYR B 310 34.12 5.46 -2.04
CA TYR B 310 35.28 4.58 -2.02
C TYR B 310 34.87 3.18 -1.56
N ALA B 311 35.38 2.17 -2.24
CA ALA B 311 35.12 0.78 -1.89
C ALA B 311 36.43 0.07 -1.52
N TYR B 312 36.32 -0.90 -0.62
CA TYR B 312 37.49 -1.55 -0.03
C TYR B 312 37.30 -3.05 -0.13
N LEU B 313 38.35 -3.76 -0.55
CA LEU B 313 38.32 -5.20 -0.77
C LEU B 313 39.07 -5.90 0.36
N LEU B 314 38.47 -6.94 0.92
CA LEU B 314 39.12 -7.74 1.95
C LEU B 314 38.43 -9.10 2.07
N GLU B 315 38.86 -9.87 3.06
CA GLU B 315 38.39 -11.24 3.27
C GLU B 315 36.89 -11.29 3.58
N SER B 316 36.17 -12.11 2.81
CA SER B 316 34.70 -12.13 2.88
C SER B 316 34.21 -12.44 4.28
N THR B 317 34.94 -13.24 5.05
CA THR B 317 34.51 -13.56 6.41
C THR B 317 34.56 -12.33 7.30
N MET B 318 35.66 -11.56 7.22
CA MET B 318 35.75 -10.34 7.99
C MET B 318 34.76 -9.30 7.48
N ASN B 319 34.56 -9.27 6.16
CA ASN B 319 33.56 -8.40 5.56
C ASN B 319 32.18 -8.62 6.17
N GLU B 320 31.73 -9.88 6.17
CA GLU B 320 30.46 -10.21 6.79
C GLU B 320 30.46 -9.92 8.29
N TYR B 321 31.59 -10.17 8.96
CA TYR B 321 31.69 -9.87 10.39
C TYR B 321 31.46 -8.38 10.65
N ILE B 322 32.15 -7.52 9.90
CA ILE B 322 31.99 -6.08 10.08
C ILE B 322 30.55 -5.65 9.85
N GLU B 323 29.89 -6.28 8.88
CA GLU B 323 28.51 -5.90 8.53
C GLU B 323 27.57 -6.08 9.71
N GLN B 324 27.77 -7.11 10.52
CA GLN B 324 26.83 -7.43 11.58
C GLN B 324 27.03 -6.61 12.86
N ARG B 325 28.00 -5.71 12.88
CA ARG B 325 28.23 -4.87 14.05
C ARG B 325 27.58 -3.50 13.85
N LYS B 326 27.54 -2.72 14.92
CA LYS B 326 27.37 -1.28 14.80
C LYS B 326 28.53 -0.67 14.02
N PRO B 327 28.31 0.48 13.34
CA PRO B 327 27.03 1.15 13.05
C PRO B 327 26.10 0.41 12.09
N CYS B 328 26.48 -0.78 11.60
CA CYS B 328 25.64 -1.55 10.67
C CYS B 328 25.39 -0.80 9.36
N ASP B 329 26.36 0.00 8.92
CA ASP B 329 26.20 0.85 7.76
C ASP B 329 26.97 0.38 6.53
N THR B 330 27.63 -0.77 6.60
CA THR B 330 28.18 -1.45 5.43
C THR B 330 27.21 -2.52 4.93
N MET B 331 27.44 -2.97 3.70
CA MET B 331 26.73 -4.13 3.18
C MET B 331 27.62 -4.89 2.21
N LYS B 332 27.35 -6.18 2.09
CA LYS B 332 27.96 -7.02 1.07
C LYS B 332 27.19 -6.91 -0.25
N VAL B 333 27.83 -7.31 -1.34
CA VAL B 333 27.25 -7.27 -2.67
C VAL B 333 27.95 -8.32 -3.52
N GLY B 334 27.34 -8.66 -4.66
CA GLY B 334 28.00 -9.48 -5.67
C GLY B 334 28.28 -10.89 -5.17
N GLY B 335 29.46 -11.41 -5.53
CA GLY B 335 29.85 -12.73 -5.08
C GLY B 335 31.35 -12.91 -5.08
N ASN B 336 31.77 -14.10 -4.64
CA ASN B 336 33.19 -14.43 -4.57
C ASN B 336 33.82 -14.44 -5.97
N LEU B 337 35.05 -13.94 -6.04
CA LEU B 337 35.84 -14.01 -7.26
C LEU B 337 36.74 -15.24 -7.34
N ASP B 338 36.99 -15.92 -6.23
CA ASP B 338 37.90 -17.06 -6.19
C ASP B 338 37.43 -18.01 -5.11
N SER B 339 38.29 -18.94 -4.71
CA SER B 339 37.92 -19.90 -3.66
C SER B 339 39.18 -20.36 -2.93
N LYS B 340 39.30 -20.00 -1.66
CA LYS B 340 40.35 -20.48 -0.78
C LYS B 340 39.73 -20.81 0.57
N GLY B 341 40.51 -21.42 1.45
CA GLY B 341 39.93 -21.91 2.69
C GLY B 341 40.94 -22.15 3.78
N TYR B 342 40.41 -22.45 4.97
CA TYR B 342 41.18 -22.61 6.19
C TYR B 342 41.05 -24.05 6.68
N GLY B 343 42.08 -24.54 7.36
CA GLY B 343 42.11 -25.92 7.78
C GLY B 343 42.87 -26.10 9.07
N ILE B 344 42.60 -27.22 9.73
CA ILE B 344 43.43 -27.65 10.86
C ILE B 344 44.82 -28.00 10.36
N ALA B 345 45.82 -27.73 11.19
CA ALA B 345 47.21 -27.91 10.83
C ALA B 345 47.96 -28.66 11.92
N THR B 346 48.88 -29.52 11.50
CA THR B 346 49.61 -30.43 12.38
C THR B 346 51.01 -30.58 11.81
N PRO B 347 52.01 -30.90 12.63
CA PRO B 347 53.38 -31.05 12.11
C PRO B 347 53.46 -32.19 11.11
N LYS B 348 54.42 -32.07 10.19
CA LYS B 348 54.65 -33.12 9.20
C LYS B 348 54.95 -34.44 9.88
N GLY B 349 54.26 -35.49 9.43
CA GLY B 349 54.37 -36.80 10.04
C GLY B 349 53.77 -36.92 11.42
N SER B 350 52.91 -35.99 11.82
CA SER B 350 52.27 -36.04 13.13
C SER B 350 51.61 -37.40 13.37
N SER B 351 51.93 -38.00 14.50
CA SER B 351 51.28 -39.25 14.91
C SER B 351 49.80 -39.07 15.17
N LEU B 352 49.33 -37.83 15.35
CA LEU B 352 47.94 -37.50 15.61
C LEU B 352 47.15 -37.20 14.34
N GLY B 353 47.81 -37.20 13.18
CA GLY B 353 47.23 -36.54 12.01
C GLY B 353 45.98 -37.21 11.47
N THR B 354 45.99 -38.53 11.36
CA THR B 354 44.87 -39.24 10.75
C THR B 354 43.54 -39.11 11.49
N PRO B 355 43.45 -39.21 12.83
CA PRO B 355 42.13 -39.05 13.46
C PRO B 355 41.56 -37.65 13.35
N VAL B 356 42.40 -36.62 13.48
CA VAL B 356 41.95 -35.25 13.30
C VAL B 356 41.43 -35.03 11.88
N ASN B 357 42.15 -35.55 10.89
CA ASN B 357 41.74 -35.39 9.48
C ASN B 357 40.35 -35.95 9.22
N LEU B 358 40.05 -37.14 9.77
CA LEU B 358 38.70 -37.70 9.62
C LEU B 358 37.64 -36.82 10.27
N ALA B 359 37.88 -36.37 11.51
CA ALA B 359 36.82 -35.78 12.31
C ALA B 359 36.17 -34.57 11.65
N VAL B 360 36.94 -33.79 10.89
CA VAL B 360 36.40 -32.58 10.26
C VAL B 360 35.27 -32.93 9.29
N LEU B 361 35.35 -34.08 8.64
CA LEU B 361 34.23 -34.49 7.79
C LEU B 361 33.00 -34.80 8.62
N LYS B 362 33.19 -35.46 9.77
CA LYS B 362 32.05 -35.79 10.62
C LYS B 362 31.35 -34.52 11.10
N LEU B 363 32.15 -33.53 11.52
CA LEU B 363 31.61 -32.23 11.93
C LEU B 363 30.99 -31.45 10.77
N SER B 364 31.42 -31.73 9.54
CA SER B 364 30.85 -31.03 8.38
C SER B 364 29.53 -31.64 7.93
N GLU B 365 29.49 -32.96 7.77
CA GLU B 365 28.32 -33.64 7.22
C GLU B 365 27.09 -33.54 8.12
N GLN B 366 27.27 -33.39 9.43
CA GLN B 366 26.16 -33.21 10.34
C GLN B 366 25.90 -31.75 10.70
N GLY B 367 26.42 -30.81 9.90
CA GLY B 367 26.03 -29.42 10.03
C GLY B 367 26.47 -28.71 11.29
N VAL B 368 27.37 -29.31 12.08
CA VAL B 368 27.79 -28.71 13.35
C VAL B 368 28.45 -27.36 13.10
N LEU B 369 29.39 -27.32 12.16
CA LEU B 369 30.08 -26.08 11.84
C LEU B 369 29.12 -24.99 11.40
N ASP B 370 28.08 -25.35 10.65
CA ASP B 370 27.09 -24.35 10.23
C ASP B 370 26.37 -23.74 11.42
N LYS B 371 25.97 -24.58 12.38
CA LYS B 371 25.34 -24.08 13.59
C LYS B 371 26.29 -23.18 14.39
N LEU B 372 27.54 -23.60 14.54
CA LEU B 372 28.53 -22.72 15.18
C LEU B 372 28.72 -21.41 14.43
N LYS B 373 28.61 -21.44 13.10
CA LYS B 373 28.69 -20.20 12.33
C LYS B 373 27.53 -19.29 12.65
N ASN B 374 26.32 -19.85 12.73
CA ASN B 374 25.19 -19.06 13.22
C ASN B 374 25.48 -18.49 14.61
N LYS B 375 25.98 -19.35 15.50
CA LYS B 375 26.32 -19.01 16.89
C LYS B 375 27.35 -17.90 17.00
N TRP B 376 28.12 -17.63 15.93
CA TRP B 376 29.17 -16.63 16.05
C TRP B 376 29.22 -15.66 14.88
N TRP B 377 28.15 -15.58 14.08
CA TRP B 377 27.95 -14.45 13.17
C TRP B 377 26.55 -13.86 13.21
N TYR B 378 25.56 -14.55 13.75
CA TYR B 378 24.19 -14.07 13.74
C TYR B 378 23.51 -14.18 15.10
N ASP B 379 23.75 -15.26 15.85
CA ASP B 379 23.15 -15.41 17.16
C ASP B 379 23.78 -14.47 18.20
N LYS B 380 24.96 -13.93 17.91
CA LYS B 380 25.51 -12.77 18.60
C LYS B 380 25.66 -11.59 17.65
N GLY B 381 24.84 -11.55 16.60
CA GLY B 381 24.69 -10.34 15.81
C GLY B 381 23.97 -9.26 16.59
N GLU B 382 24.23 -8.01 16.18
CA GLU B 382 23.83 -6.83 16.92
C GLU B 382 23.15 -5.82 16.00
N CYS B 383 22.55 -6.29 14.91
CA CYS B 383 21.80 -5.44 13.99
C CYS B 383 20.59 -6.22 13.49
N GLY B 384 19.64 -5.48 12.92
CA GLY B 384 18.52 -6.11 12.27
C GLY B 384 18.94 -6.95 11.09
N ALA B 385 18.08 -7.91 10.74
CA ALA B 385 18.40 -8.91 9.73
C ALA B 385 17.85 -8.55 8.35
N LYS B 386 17.38 -9.57 7.64
CA LYS B 386 16.75 -9.45 6.31
C LYS B 386 15.76 -8.31 6.19
N ASP B 387 15.00 -8.02 7.25
CA ASP B 387 13.98 -6.99 7.17
C ASP B 387 13.87 -6.22 8.48
N SER B 388 13.41 -4.96 8.36
CA SER B 388 13.19 -4.11 9.53
C SER B 388 12.03 -3.15 9.32
N GLY B 389 11.19 -3.38 8.31
CA GLY B 389 10.17 -2.45 7.86
C GLY B 389 9.26 -1.85 8.91
N SER B 390 9.19 -0.53 8.93
CA SER B 390 8.54 0.26 9.97
C SER B 390 7.57 1.28 9.41
N LYS B 391 7.91 1.92 8.28
CA LYS B 391 7.08 2.93 7.63
C LYS B 391 6.61 3.99 8.62
N GLU B 392 7.58 4.80 9.06
CA GLU B 392 7.31 5.90 9.97
C GLU B 392 6.33 6.89 9.35
N LYS B 393 5.62 7.62 10.21
CA LYS B 393 4.83 8.77 9.80
C LYS B 393 5.71 9.85 9.16
N THR B 394 5.60 10.00 7.84
CA THR B 394 6.44 10.92 7.10
C THR B 394 6.20 12.36 7.52
N SER B 395 7.27 13.15 7.55
CA SER B 395 7.21 14.55 7.95
C SER B 395 6.66 15.46 6.85
N ALA B 396 5.75 14.94 6.03
CA ALA B 396 5.18 15.64 4.88
C ALA B 396 6.20 16.04 3.82
N LEU B 397 5.71 16.41 2.64
CA LEU B 397 6.55 16.90 1.55
C LEU B 397 7.07 18.30 1.86
N SER B 398 8.36 18.52 1.61
CA SER B 398 9.01 19.77 1.97
C SER B 398 9.02 20.77 0.81
N LEU B 399 9.29 22.03 1.16
CA LEU B 399 9.54 23.10 0.20
C LEU B 399 10.61 22.73 -0.83
N SER B 400 11.70 22.10 -0.37
CA SER B 400 12.77 21.70 -1.27
C SER B 400 12.32 20.74 -2.36
N ASN B 401 11.20 20.04 -2.18
CA ASN B 401 10.65 19.23 -3.25
C ASN B 401 9.90 20.07 -4.29
N VAL B 402 9.15 21.08 -3.85
CA VAL B 402 8.28 21.84 -4.76
C VAL B 402 8.97 23.03 -5.40
N ALA B 403 10.18 23.39 -4.93
CA ALA B 403 10.84 24.63 -5.34
C ALA B 403 10.93 24.79 -6.86
N GLY B 404 11.10 23.68 -7.58
CA GLY B 404 11.16 23.68 -9.03
C GLY B 404 10.00 24.34 -9.73
N VAL B 405 8.85 24.44 -9.05
CA VAL B 405 7.75 25.23 -9.59
C VAL B 405 7.98 26.70 -9.30
N PHE B 406 8.30 27.01 -8.04
CA PHE B 406 8.40 28.40 -7.60
C PHE B 406 9.41 29.17 -8.42
N TYR B 407 10.54 28.53 -8.77
CA TYR B 407 11.52 29.20 -9.62
C TYR B 407 10.88 29.61 -10.94
N ILE B 408 10.26 28.67 -11.65
CA ILE B 408 9.80 28.99 -12.98
C ILE B 408 8.65 29.99 -12.91
N LEU B 409 7.91 30.00 -11.80
CA LEU B 409 6.93 31.04 -11.56
C LEU B 409 7.57 32.42 -11.52
N VAL B 410 8.63 32.57 -10.71
CA VAL B 410 9.28 33.87 -10.61
C VAL B 410 9.95 34.24 -11.94
N GLY B 411 10.45 33.25 -12.67
CA GLY B 411 10.93 33.44 -14.02
C GLY B 411 9.90 34.04 -14.94
N GLY B 412 8.74 33.40 -15.03
CA GLY B 412 7.67 33.90 -15.87
C GLY B 412 7.20 35.29 -15.48
N LEU B 413 7.13 35.56 -14.17
CA LEU B 413 6.75 36.90 -13.72
C LEU B 413 7.78 37.96 -14.12
N GLY B 414 9.07 37.68 -13.92
CA GLY B 414 10.09 38.59 -14.43
C GLY B 414 10.07 38.75 -15.94
N LEU B 415 9.76 37.67 -16.65
CA LEU B 415 9.72 37.68 -18.11
C LEU B 415 8.57 38.51 -18.66
N ALA B 416 7.45 38.57 -17.94
CA ALA B 416 6.33 39.39 -18.38
C ALA B 416 6.70 40.88 -18.45
N MET B 417 7.41 41.39 -17.45
CA MET B 417 7.83 42.79 -17.49
C MET B 417 8.76 43.09 -18.66
N LEU B 418 9.53 42.09 -19.12
CA LEU B 418 10.40 42.32 -20.27
C LEU B 418 9.61 42.70 -21.51
N VAL B 419 8.46 42.05 -21.73
CA VAL B 419 7.67 42.36 -22.91
C VAL B 419 6.77 43.55 -22.61
N ALA B 420 6.42 43.75 -21.33
CA ALA B 420 5.67 44.92 -20.91
C ALA B 420 6.39 46.21 -21.29
N LEU B 421 7.70 46.27 -21.03
CA LEU B 421 8.54 47.39 -21.44
C LEU B 421 8.84 47.42 -22.94
N ILE B 422 7.99 46.81 -23.75
CA ILE B 422 8.11 46.87 -25.21
C ILE B 422 6.75 47.15 -25.84
N GLU B 423 5.77 46.32 -25.49
CA GLU B 423 4.51 46.20 -26.24
C GLU B 423 3.78 47.54 -26.41
N PHE B 424 3.92 48.47 -25.45
CA PHE B 424 3.26 49.76 -25.55
C PHE B 424 4.22 50.95 -25.67
N CYS B 425 5.51 50.72 -25.90
CA CYS B 425 6.46 51.82 -25.92
C CYS B 425 7.55 51.65 -26.98
N TYR B 426 7.51 50.59 -27.79
CA TYR B 426 8.48 50.40 -28.85
C TYR B 426 8.47 51.53 -29.87
N LYS B 427 7.37 52.27 -29.99
CA LYS B 427 7.32 53.45 -30.83
C LYS B 427 7.90 54.69 -30.18
N SER B 428 8.25 54.65 -28.90
CA SER B 428 8.74 55.84 -28.22
C SER B 428 10.12 56.23 -28.76
N ARG B 429 10.56 57.42 -28.38
CA ARG B 429 11.87 57.93 -28.79
C ARG B 429 12.47 58.84 -27.73
N GLU C 1 62.22 -48.13 -15.94
CA GLU C 1 61.51 -47.06 -16.61
C GLU C 1 60.00 -47.18 -16.42
N GLN C 2 59.28 -46.10 -16.71
CA GLN C 2 57.83 -46.09 -16.60
C GLN C 2 57.20 -47.02 -17.65
N LYS C 3 55.97 -47.44 -17.36
CA LYS C 3 55.05 -47.91 -18.38
C LYS C 3 53.67 -47.31 -18.14
N THR C 4 52.87 -47.29 -19.21
CA THR C 4 51.69 -46.43 -19.28
C THR C 4 50.73 -46.66 -18.12
N VAL C 5 50.03 -45.59 -17.75
CA VAL C 5 49.10 -45.56 -16.63
C VAL C 5 47.70 -45.43 -17.20
N VAL C 6 46.76 -46.26 -16.73
CA VAL C 6 45.39 -46.11 -17.20
C VAL C 6 44.68 -45.04 -16.38
N VAL C 7 43.72 -44.37 -17.02
CA VAL C 7 42.88 -43.35 -16.40
C VAL C 7 41.44 -43.60 -16.83
N THR C 8 40.51 -43.47 -15.89
CA THR C 8 39.12 -43.79 -16.19
C THR C 8 38.18 -42.90 -15.40
N THR C 9 36.99 -42.67 -15.96
CA THR C 9 36.09 -41.65 -15.44
C THR C 9 34.70 -41.89 -16.00
N ILE C 10 33.72 -41.22 -15.40
CA ILE C 10 32.33 -41.24 -15.88
C ILE C 10 32.16 -40.24 -17.01
N LEU C 11 31.24 -40.54 -17.94
CA LEU C 11 30.95 -39.64 -19.05
C LEU C 11 30.27 -38.33 -18.61
N GLU C 12 29.04 -38.43 -18.07
CA GLU C 12 28.31 -37.36 -17.38
C GLU C 12 28.16 -36.07 -18.18
N SER C 13 29.27 -35.52 -18.68
CA SER C 13 29.31 -34.38 -19.59
C SER C 13 28.84 -33.09 -18.92
N PRO C 14 29.42 -31.93 -19.27
CA PRO C 14 30.46 -31.72 -20.27
C PRO C 14 31.85 -32.04 -19.72
N TYR C 15 31.92 -32.59 -18.51
CA TYR C 15 33.21 -32.92 -17.90
C TYR C 15 34.05 -33.79 -18.81
N VAL C 16 33.41 -34.67 -19.57
CA VAL C 16 33.97 -35.28 -20.78
C VAL C 16 32.83 -35.40 -21.78
N MET C 17 33.16 -35.29 -23.05
CA MET C 17 32.19 -35.55 -24.12
C MET C 17 32.91 -36.23 -25.28
N MET C 18 32.12 -36.97 -26.06
CA MET C 18 32.67 -37.62 -27.25
C MET C 18 33.13 -36.58 -28.26
N LYS C 19 34.32 -36.81 -28.82
CA LYS C 19 34.70 -36.14 -30.06
C LYS C 19 33.80 -36.61 -31.20
N LYS C 20 33.45 -35.69 -32.08
CA LYS C 20 32.48 -35.97 -33.15
C LYS C 20 33.07 -36.83 -34.27
N ASN C 21 34.23 -37.45 -34.04
CA ASN C 21 34.91 -38.21 -35.07
C ASN C 21 35.48 -39.53 -34.53
N HIS C 22 34.98 -39.99 -33.38
CA HIS C 22 35.54 -41.18 -32.73
C HIS C 22 35.38 -42.44 -33.57
N GLU C 23 34.52 -42.43 -34.59
CA GLU C 23 34.44 -43.55 -35.52
C GLU C 23 35.57 -43.55 -36.53
N MET C 24 36.39 -42.51 -36.57
CA MET C 24 37.59 -42.43 -37.40
C MET C 24 38.87 -42.28 -36.59
N LEU C 25 38.85 -41.50 -35.52
CA LEU C 25 40.06 -41.27 -34.75
C LEU C 25 40.46 -42.52 -33.99
N GLU C 26 41.72 -42.55 -33.56
CA GLU C 26 42.23 -43.64 -32.73
C GLU C 26 43.30 -43.10 -31.80
N GLY C 27 43.46 -43.77 -30.65
CA GLY C 27 44.32 -43.30 -29.58
C GLY C 27 43.65 -42.35 -28.62
N ASN C 28 44.44 -41.46 -28.00
CA ASN C 28 43.95 -40.62 -26.91
C ASN C 28 42.97 -39.54 -27.36
N GLU C 29 42.83 -39.31 -28.67
CA GLU C 29 42.01 -38.23 -29.18
C GLU C 29 40.49 -38.52 -29.09
N ARG C 30 40.05 -39.54 -28.36
CA ARG C 30 38.63 -39.90 -28.36
C ARG C 30 37.74 -38.83 -27.73
N TYR C 31 38.30 -37.96 -26.89
CA TYR C 31 37.48 -37.15 -26.00
C TYR C 31 37.99 -35.72 -25.98
N GLU C 32 37.10 -34.82 -25.55
CA GLU C 32 37.47 -33.45 -25.19
C GLU C 32 36.58 -33.02 -24.04
N GLY C 33 37.06 -32.03 -23.28
CA GLY C 33 36.34 -31.63 -22.09
C GLY C 33 37.18 -31.34 -20.86
N TYR C 34 36.48 -31.06 -19.76
CA TYR C 34 37.11 -30.50 -18.56
C TYR C 34 38.19 -31.42 -18.00
N CYS C 35 37.99 -32.74 -18.10
CA CYS C 35 39.03 -33.67 -17.68
C CYS C 35 40.26 -33.56 -18.58
N VAL C 36 40.05 -33.43 -19.90
CA VAL C 36 41.11 -33.73 -20.86
C VAL C 36 42.29 -32.78 -20.71
N ASP C 37 42.01 -31.48 -20.53
CA ASP C 37 43.09 -30.53 -20.31
C ASP C 37 43.79 -30.75 -18.97
N LEU C 38 43.05 -31.12 -17.93
CA LEU C 38 43.72 -31.43 -16.68
C LEU C 38 44.63 -32.65 -16.85
N ALA C 39 44.20 -33.64 -17.65
CA ALA C 39 45.06 -34.76 -17.99
C ALA C 39 46.19 -34.38 -18.93
N ALA C 40 46.13 -33.20 -19.55
CA ALA C 40 47.28 -32.63 -20.22
C ALA C 40 48.21 -31.87 -19.28
N GLU C 41 47.72 -31.52 -18.10
CA GLU C 41 48.53 -30.78 -17.13
C GLU C 41 49.25 -31.76 -16.18
N ILE C 42 48.47 -32.62 -15.52
CA ILE C 42 49.00 -33.41 -14.41
C ILE C 42 50.14 -34.30 -14.88
N ALA C 43 49.93 -35.01 -15.99
CA ALA C 43 50.97 -35.86 -16.56
C ALA C 43 52.09 -35.07 -17.22
N LYS C 44 51.88 -33.78 -17.49
CA LYS C 44 52.98 -32.95 -17.97
C LYS C 44 53.87 -32.48 -16.83
N HIS C 45 53.28 -32.37 -15.63
CA HIS C 45 54.09 -32.19 -14.43
C HIS C 45 54.81 -33.48 -14.04
N CYS C 46 54.07 -34.55 -13.79
CA CYS C 46 54.70 -35.78 -13.32
C CYS C 46 55.47 -36.49 -14.42
N GLY C 47 55.23 -36.16 -15.68
CA GLY C 47 55.94 -36.76 -16.80
C GLY C 47 55.64 -38.22 -17.02
N PHE C 48 54.42 -38.56 -17.44
CA PHE C 48 54.07 -39.94 -17.71
C PHE C 48 53.14 -40.01 -18.92
N LYS C 49 53.14 -41.17 -19.56
CA LYS C 49 52.21 -41.50 -20.63
C LYS C 49 51.04 -42.27 -20.07
N TYR C 50 49.87 -42.09 -20.67
CA TYR C 50 48.65 -42.62 -20.07
C TYR C 50 47.65 -43.03 -21.14
N LYS C 51 46.66 -43.82 -20.70
CA LYS C 51 45.58 -44.34 -21.53
C LYS C 51 44.24 -44.04 -20.86
N LEU C 52 43.27 -43.63 -21.66
CA LEU C 52 41.94 -43.28 -21.18
C LEU C 52 40.94 -44.35 -21.62
N THR C 53 40.10 -44.80 -20.68
CA THR C 53 38.94 -45.63 -20.97
C THR C 53 37.79 -45.22 -20.06
N ILE C 54 36.57 -45.42 -20.54
CA ILE C 54 35.39 -45.07 -19.76
C ILE C 54 35.23 -46.03 -18.57
N VAL C 55 34.48 -45.59 -17.56
CA VAL C 55 34.00 -46.43 -16.47
C VAL C 55 33.38 -47.71 -17.01
N GLY C 56 33.51 -48.80 -16.26
CA GLY C 56 32.98 -50.08 -16.72
C GLY C 56 31.47 -50.12 -16.81
N ASP C 57 30.76 -49.44 -15.88
CA ASP C 57 29.33 -49.66 -15.79
C ASP C 57 28.59 -48.43 -15.26
N GLY C 58 29.07 -47.24 -15.60
CA GLY C 58 28.20 -46.08 -15.58
C GLY C 58 27.81 -45.53 -14.22
N LYS C 59 28.52 -45.89 -13.16
CA LYS C 59 28.15 -45.41 -11.83
C LYS C 59 29.39 -45.10 -11.00
N TYR C 60 29.24 -44.10 -10.11
CA TYR C 60 30.29 -43.80 -9.14
C TYR C 60 30.47 -44.94 -8.15
N GLY C 61 29.38 -45.53 -7.72
CA GLY C 61 29.34 -46.68 -6.84
C GLY C 61 29.31 -46.31 -5.37
N ALA C 62 28.74 -47.22 -4.57
CA ALA C 62 28.75 -47.11 -3.11
C ALA C 62 28.75 -48.53 -2.55
N ARG C 63 29.28 -48.68 -1.34
CA ARG C 63 29.46 -50.01 -0.77
C ARG C 63 28.12 -50.72 -0.68
N ASP C 64 28.05 -51.94 -1.19
CA ASP C 64 26.85 -52.75 -1.05
C ASP C 64 26.59 -53.08 0.41
N ALA C 65 25.36 -52.81 0.87
CA ALA C 65 24.98 -53.18 2.22
C ALA C 65 25.04 -54.69 2.44
N ASP C 66 24.77 -55.49 1.40
CA ASP C 66 24.73 -56.93 1.56
C ASP C 66 26.12 -57.56 1.46
N THR C 67 26.73 -57.51 0.27
CA THR C 67 28.00 -58.19 0.04
C THR C 67 29.21 -57.39 0.49
N LYS C 68 29.04 -56.10 0.80
CA LYS C 68 30.14 -55.17 1.06
C LYS C 68 31.08 -55.02 -0.14
N ILE C 69 30.64 -55.44 -1.33
CA ILE C 69 31.39 -55.14 -2.55
C ILE C 69 31.30 -53.65 -2.82
N TRP C 70 32.39 -53.06 -3.28
CA TRP C 70 32.33 -51.73 -3.90
C TRP C 70 32.06 -51.89 -5.39
N ASN C 71 30.82 -51.64 -5.79
CA ASN C 71 30.48 -51.46 -7.18
C ASN C 71 30.99 -50.10 -7.68
N GLY C 72 30.82 -49.87 -8.97
CA GLY C 72 31.14 -48.58 -9.57
C GLY C 72 32.62 -48.21 -9.55
N MET C 73 32.86 -46.95 -9.93
CA MET C 73 34.22 -46.44 -10.06
C MET C 73 35.08 -46.71 -8.83
N VAL C 74 34.53 -46.51 -7.63
CA VAL C 74 35.28 -46.74 -6.40
C VAL C 74 35.88 -48.14 -6.40
N GLY C 75 35.10 -49.13 -6.84
CA GLY C 75 35.60 -50.48 -6.96
C GLY C 75 36.82 -50.59 -7.85
N GLU C 76 36.84 -49.82 -8.95
CA GLU C 76 37.95 -49.86 -9.89
C GLU C 76 39.26 -49.37 -9.30
N LEU C 77 39.22 -48.66 -8.17
CA LEU C 77 40.44 -48.32 -7.44
C LEU C 77 40.65 -49.14 -6.16
N VAL C 78 39.57 -49.58 -5.51
CA VAL C 78 39.72 -50.42 -4.32
C VAL C 78 40.28 -51.78 -4.69
N TYR C 79 39.86 -52.33 -5.83
CA TYR C 79 40.49 -53.52 -6.38
C TYR C 79 41.74 -53.21 -7.20
N GLY C 80 42.34 -52.02 -7.02
CA GLY C 80 43.60 -51.70 -7.63
C GLY C 80 43.59 -51.50 -9.13
N LYS C 81 42.53 -51.90 -9.83
CA LYS C 81 42.63 -52.21 -11.25
C LYS C 81 43.03 -50.99 -12.08
N ALA C 82 42.64 -49.78 -11.69
CA ALA C 82 42.57 -48.68 -12.65
C ALA C 82 43.45 -47.49 -12.27
N ASP C 83 44.49 -47.73 -11.47
CA ASP C 83 45.58 -46.77 -11.26
C ASP C 83 45.18 -45.44 -10.64
N ILE C 84 44.36 -44.65 -11.36
CA ILE C 84 43.97 -43.33 -10.89
C ILE C 84 42.64 -42.95 -11.53
N ALA C 85 41.87 -42.13 -10.82
CA ALA C 85 40.59 -41.64 -11.29
C ALA C 85 40.56 -40.12 -11.23
N ILE C 86 39.81 -39.53 -12.17
CA ILE C 86 39.61 -38.08 -12.24
C ILE C 86 38.19 -37.86 -12.73
N ALA C 87 37.34 -37.32 -11.87
CA ALA C 87 35.95 -37.05 -12.20
C ALA C 87 35.40 -36.07 -11.18
N PRO C 88 34.26 -35.43 -11.47
CA PRO C 88 33.41 -35.00 -10.36
C PRO C 88 33.03 -36.20 -9.52
N LEU C 89 33.33 -36.12 -8.22
CA LEU C 89 33.28 -37.30 -7.36
C LEU C 89 33.17 -36.83 -5.90
N THR C 90 31.96 -36.88 -5.36
CA THR C 90 31.67 -36.22 -4.09
C THR C 90 32.43 -36.92 -2.96
N ILE C 91 33.04 -36.12 -2.09
CA ILE C 91 33.93 -36.58 -1.04
C ILE C 91 33.15 -36.67 0.27
N THR C 92 33.22 -37.83 0.93
CA THR C 92 32.49 -38.09 2.16
C THR C 92 33.24 -39.18 2.94
N LEU C 93 32.89 -39.26 4.22
CA LEU C 93 33.52 -40.21 5.16
C LEU C 93 33.63 -41.63 4.62
N VAL C 94 32.57 -42.12 3.95
CA VAL C 94 32.59 -43.51 3.51
C VAL C 94 33.67 -43.79 2.47
N ARG C 95 34.13 -42.77 1.75
CA ARG C 95 35.25 -42.92 0.83
C ARG C 95 36.60 -42.72 1.51
N GLU C 96 36.67 -41.78 2.46
CA GLU C 96 37.93 -41.45 3.13
C GLU C 96 38.58 -42.64 3.80
N GLU C 97 37.81 -43.67 4.17
CA GLU C 97 38.42 -44.83 4.82
C GLU C 97 39.25 -45.66 3.85
N VAL C 98 38.90 -45.66 2.56
CA VAL C 98 39.46 -46.62 1.63
C VAL C 98 40.27 -45.98 0.51
N ILE C 99 40.03 -44.71 0.18
CA ILE C 99 40.83 -43.98 -0.79
C ILE C 99 41.16 -42.61 -0.22
N ASP C 100 42.35 -42.11 -0.55
CA ASP C 100 42.73 -40.76 -0.18
C ASP C 100 42.08 -39.76 -1.12
N PHE C 101 42.27 -38.47 -0.82
CA PHE C 101 41.97 -37.41 -1.76
C PHE C 101 43.02 -36.32 -1.68
N SER C 102 43.15 -35.57 -2.76
CA SER C 102 43.85 -34.30 -2.72
C SER C 102 43.01 -33.26 -1.97
N LYS C 103 43.53 -32.05 -1.86
CA LYS C 103 42.68 -30.89 -1.62
C LYS C 103 41.68 -30.73 -2.76
N PRO C 104 40.51 -30.14 -2.49
CA PRO C 104 39.50 -30.01 -3.55
C PRO C 104 39.90 -28.94 -4.54
N PHE C 105 39.59 -29.19 -5.82
CA PHE C 105 39.90 -28.23 -6.87
C PHE C 105 38.75 -27.31 -7.24
N MET C 106 37.54 -27.54 -6.73
CA MET C 106 36.42 -26.67 -7.08
C MET C 106 35.37 -26.68 -5.98
N SER C 107 34.74 -25.52 -5.77
CA SER C 107 33.62 -25.36 -4.86
C SER C 107 32.31 -25.75 -5.54
N LEU C 108 31.30 -26.05 -4.73
CA LEU C 108 29.92 -26.05 -5.20
C LEU C 108 28.99 -25.89 -4.01
N GLY C 109 27.70 -25.70 -4.31
CA GLY C 109 26.69 -25.74 -3.27
C GLY C 109 25.32 -26.11 -3.78
N ILE C 110 24.47 -26.56 -2.85
CA ILE C 110 23.06 -26.79 -3.12
C ILE C 110 22.37 -25.47 -3.50
N SER C 111 21.58 -25.51 -4.58
CA SER C 111 21.16 -24.28 -5.23
C SER C 111 19.77 -24.49 -5.85
N ILE C 112 19.12 -23.37 -6.16
CA ILE C 112 17.71 -23.34 -6.56
C ILE C 112 17.62 -22.94 -8.03
N MET C 113 16.70 -23.59 -8.76
CA MET C 113 16.38 -23.22 -10.12
C MET C 113 14.88 -22.95 -10.26
N ILE C 114 14.53 -21.88 -11.00
CA ILE C 114 13.16 -21.59 -11.38
C ILE C 114 13.15 -21.11 -12.82
N LYS C 115 11.96 -21.11 -13.41
CA LYS C 115 11.77 -20.64 -14.77
C LYS C 115 11.90 -19.12 -14.90
N LYS C 116 12.49 -18.69 -16.01
CA LYS C 116 12.76 -17.28 -16.27
C LYS C 116 11.45 -16.48 -16.24
N PRO C 117 11.47 -15.24 -15.75
CA PRO C 117 10.25 -14.66 -15.16
C PRO C 117 9.30 -13.99 -16.15
N GLN C 118 9.52 -14.15 -17.45
CA GLN C 118 8.82 -13.41 -18.51
C GLN C 118 9.04 -11.90 -18.45
N LYS C 119 8.65 -11.22 -19.53
CA LYS C 119 8.91 -9.79 -19.71
C LYS C 119 7.79 -9.17 -20.55
N SER C 120 6.54 -9.47 -20.19
CA SER C 120 5.39 -9.20 -21.05
C SER C 120 5.28 -7.73 -21.43
N LYS C 121 4.95 -7.50 -22.70
CA LYS C 121 4.62 -6.17 -23.17
C LYS C 121 3.23 -5.75 -22.70
N PRO C 122 3.04 -4.49 -22.29
CA PRO C 122 1.68 -3.94 -22.20
C PRO C 122 0.96 -4.04 -23.54
N GLY C 123 -0.36 -4.19 -23.45
CA GLY C 123 -1.19 -4.07 -24.65
C GLY C 123 -1.29 -2.63 -25.15
N VAL C 124 -1.30 -2.50 -26.47
CA VAL C 124 -1.18 -1.19 -27.11
C VAL C 124 -2.38 -0.29 -26.78
N PHE C 125 -3.56 -0.87 -26.60
CA PHE C 125 -4.76 -0.14 -26.24
C PHE C 125 -5.10 -0.28 -24.75
N SER C 126 -4.21 -0.87 -23.96
CA SER C 126 -4.56 -1.47 -22.67
C SER C 126 -4.89 -0.44 -21.58
N PHE C 127 -4.79 0.87 -21.84
CA PHE C 127 -5.35 1.83 -20.90
C PHE C 127 -6.85 1.63 -20.74
N LEU C 128 -7.57 1.32 -21.81
CA LEU C 128 -8.97 0.87 -21.79
C LEU C 128 -9.78 1.64 -20.75
N ASP C 129 -9.82 2.95 -20.95
CA ASP C 129 -9.97 3.89 -19.84
C ASP C 129 -11.11 3.59 -18.85
N PRO C 130 -12.32 3.22 -19.27
CA PRO C 130 -13.36 2.90 -18.27
C PRO C 130 -13.03 1.67 -17.42
N LEU C 131 -12.02 0.89 -17.82
CA LEU C 131 -11.66 -0.39 -17.23
C LEU C 131 -12.77 -1.43 -17.30
N ALA C 132 -13.98 -1.07 -16.89
CA ALA C 132 -15.17 -1.88 -17.13
C ALA C 132 -15.82 -1.52 -18.45
N TYR C 133 -15.86 -2.48 -19.38
CA TYR C 133 -16.41 -2.21 -20.71
C TYR C 133 -17.85 -1.72 -20.62
N GLU C 134 -18.62 -2.29 -19.67
CA GLU C 134 -20.00 -1.85 -19.43
C GLU C 134 -20.09 -0.36 -19.16
N ILE C 135 -19.12 0.20 -18.42
CA ILE C 135 -19.18 1.61 -18.11
C ILE C 135 -18.97 2.44 -19.37
N TRP C 136 -18.06 2.01 -20.24
CA TRP C 136 -17.90 2.64 -21.55
C TRP C 136 -19.22 2.62 -22.31
N MET C 137 -19.90 1.47 -22.35
CA MET C 137 -21.16 1.38 -23.08
C MET C 137 -22.28 2.22 -22.46
N CYS C 138 -22.28 2.39 -21.14
CA CYS C 138 -23.34 3.14 -20.46
C CYS C 138 -23.13 4.65 -20.51
N ILE C 139 -21.90 5.12 -20.31
CA ILE C 139 -21.64 6.56 -20.26
C ILE C 139 -21.98 7.24 -21.58
N VAL C 140 -21.76 6.57 -22.71
CA VAL C 140 -22.17 7.13 -24.00
C VAL C 140 -23.68 7.28 -24.11
N PHE C 141 -24.43 6.24 -23.69
CA PHE C 141 -25.88 6.37 -23.66
C PHE C 141 -26.35 7.49 -22.74
N ALA C 142 -25.71 7.65 -21.58
CA ALA C 142 -26.06 8.77 -20.70
C ALA C 142 -25.77 10.11 -21.36
N TYR C 143 -24.62 10.23 -22.03
CA TYR C 143 -24.26 11.47 -22.71
C TYR C 143 -25.26 11.83 -23.78
N ILE C 144 -25.72 10.85 -24.58
CA ILE C 144 -26.80 11.15 -25.51
C ILE C 144 -28.07 11.51 -24.76
N GLY C 145 -28.42 10.71 -23.75
CA GLY C 145 -29.70 10.85 -23.08
C GLY C 145 -29.93 12.23 -22.51
N VAL C 146 -28.87 12.88 -22.03
CA VAL C 146 -29.00 14.25 -21.54
C VAL C 146 -29.41 15.21 -22.65
N SER C 147 -28.79 15.08 -23.82
CA SER C 147 -28.84 16.16 -24.82
C SER C 147 -30.24 16.35 -25.38
N VAL C 148 -30.93 15.26 -25.67
CA VAL C 148 -32.25 15.34 -26.31
C VAL C 148 -33.27 15.96 -25.37
N VAL C 149 -33.28 15.54 -24.11
CA VAL C 149 -34.16 16.15 -23.12
C VAL C 149 -33.79 17.63 -22.89
N LEU C 150 -32.50 17.94 -22.82
CA LEU C 150 -32.08 19.33 -22.70
C LEU C 150 -32.60 20.20 -23.84
N PHE C 151 -32.57 19.68 -25.07
CA PHE C 151 -33.13 20.39 -26.21
C PHE C 151 -34.64 20.53 -26.11
N LEU C 152 -35.34 19.41 -25.90
CA LEU C 152 -36.80 19.44 -25.80
C LEU C 152 -37.28 20.41 -24.72
N VAL C 153 -36.59 20.45 -23.58
CA VAL C 153 -36.95 21.38 -22.51
C VAL C 153 -36.63 22.82 -22.87
N SER C 154 -35.39 23.10 -23.27
CA SER C 154 -34.95 24.49 -23.32
C SER C 154 -35.63 25.31 -24.42
N ARG C 155 -36.16 24.67 -25.46
CA ARG C 155 -37.00 25.36 -26.44
C ARG C 155 -38.48 25.31 -26.12
N PHE C 156 -38.88 24.70 -25.01
CA PHE C 156 -40.30 24.61 -24.67
C PHE C 156 -40.84 25.93 -24.12
N SER C 157 -42.01 26.33 -24.62
CA SER C 157 -42.81 27.43 -24.11
C SER C 157 -42.01 28.68 -23.75
N PRO C 158 -41.33 29.31 -24.72
CA PRO C 158 -40.63 30.57 -24.44
C PRO C 158 -41.55 31.77 -24.33
N TYR C 159 -42.81 31.65 -24.74
CA TYR C 159 -43.72 32.78 -24.80
C TYR C 159 -44.63 32.83 -23.57
N SER C 175 -38.66 35.41 -33.34
CA SER C 175 -39.13 35.51 -31.97
C SER C 175 -38.55 34.39 -31.10
N GLU C 176 -38.23 33.26 -31.75
CA GLU C 176 -37.55 32.18 -31.06
C GLU C 176 -36.16 32.58 -30.55
N SER C 177 -35.54 33.59 -31.16
CA SER C 177 -34.26 34.12 -30.68
C SER C 177 -34.37 34.87 -29.36
N THR C 178 -35.54 34.95 -28.75
CA THR C 178 -35.63 35.38 -27.35
C THR C 178 -34.76 34.51 -26.45
N ASN C 179 -34.52 33.25 -26.85
CA ASN C 179 -33.56 32.38 -26.19
C ASN C 179 -32.79 31.63 -27.26
N GLU C 180 -31.68 31.01 -26.87
CA GLU C 180 -30.96 30.14 -27.81
C GLU C 180 -30.26 29.04 -27.03
N PHE C 181 -30.90 27.86 -26.98
CA PHE C 181 -30.31 26.60 -26.54
C PHE C 181 -30.78 25.49 -27.46
N GLY C 182 -30.73 25.75 -28.76
CA GLY C 182 -31.12 24.77 -29.75
C GLY C 182 -30.29 23.49 -29.71
N ILE C 183 -30.75 22.52 -30.52
CA ILE C 183 -30.26 21.14 -30.49
C ILE C 183 -28.74 21.09 -30.47
N PHE C 184 -28.10 21.87 -31.35
CA PHE C 184 -26.64 21.82 -31.43
C PHE C 184 -26.00 22.45 -30.19
N ASN C 185 -26.54 23.59 -29.73
CA ASN C 185 -26.05 24.19 -28.49
C ASN C 185 -26.36 23.32 -27.27
N SER C 186 -27.55 22.70 -27.24
CA SER C 186 -27.90 21.71 -26.23
C SER C 186 -27.11 20.42 -26.33
N LEU C 187 -26.37 20.20 -27.42
CA LEU C 187 -25.31 19.20 -27.43
C LEU C 187 -24.01 19.75 -26.87
N TRP C 188 -23.55 20.88 -27.40
CA TRP C 188 -22.24 21.43 -27.03
C TRP C 188 -22.15 21.71 -25.54
N PHE C 189 -23.23 22.19 -24.93
CA PHE C 189 -23.25 22.37 -23.48
C PHE C 189 -22.83 21.09 -22.76
N SER C 190 -23.29 19.93 -23.25
CA SER C 190 -23.04 18.68 -22.55
C SER C 190 -21.57 18.30 -22.62
N LEU C 191 -20.96 18.49 -23.78
CA LEU C 191 -19.60 18.00 -23.99
C LEU C 191 -18.62 18.74 -23.08
N GLY C 192 -18.73 20.06 -23.05
CA GLY C 192 -17.91 20.86 -22.15
C GLY C 192 -18.25 20.66 -20.68
N ALA C 193 -19.53 20.43 -20.36
CA ALA C 193 -19.89 20.14 -18.99
C ALA C 193 -19.31 18.81 -18.51
N PHE C 194 -19.18 17.84 -19.40
CA PHE C 194 -18.63 16.53 -19.06
C PHE C 194 -17.15 16.56 -18.67
N MET C 195 -16.41 17.63 -18.97
CA MET C 195 -14.99 17.65 -18.67
C MET C 195 -14.54 18.90 -17.94
N GLN C 196 -15.49 19.58 -17.29
CA GLN C 196 -15.20 20.78 -16.45
C GLN C 196 -14.87 22.03 -17.27
N GLN C 197 -14.53 21.90 -18.55
CA GLN C 197 -14.15 23.10 -19.28
C GLN C 197 -15.31 24.07 -19.47
N GLY C 198 -16.55 23.59 -19.34
CA GLY C 198 -17.76 24.35 -19.51
C GLY C 198 -17.95 24.85 -20.93
N CYS C 199 -18.90 25.78 -21.05
CA CYS C 199 -19.35 26.26 -22.34
C CYS C 199 -19.74 27.73 -22.25
N ASP C 200 -19.84 28.37 -23.42
CA ASP C 200 -20.04 29.81 -23.54
C ASP C 200 -21.42 30.28 -23.08
N ILE C 201 -22.37 29.37 -22.83
CA ILE C 201 -23.70 29.71 -22.33
C ILE C 201 -24.17 28.63 -21.37
N SER C 202 -25.15 28.99 -20.53
CA SER C 202 -25.81 28.01 -19.68
C SER C 202 -27.24 28.47 -19.42
N PRO C 203 -28.16 27.54 -19.22
CA PRO C 203 -29.59 27.88 -19.15
C PRO C 203 -29.91 28.89 -18.06
N ARG C 204 -30.88 29.74 -18.34
CA ARG C 204 -31.43 30.71 -17.41
C ARG C 204 -32.58 30.16 -16.59
N SER C 205 -33.46 29.37 -17.20
CA SER C 205 -34.68 28.92 -16.54
C SER C 205 -34.46 27.61 -15.79
N LEU C 206 -35.32 27.39 -14.80
CA LEU C 206 -35.11 26.34 -13.80
C LEU C 206 -35.07 24.95 -14.44
N SER C 207 -36.02 24.67 -15.34
CA SER C 207 -36.08 23.35 -15.96
C SER C 207 -34.84 23.07 -16.80
N GLY C 208 -34.20 24.11 -17.33
CA GLY C 208 -32.91 23.98 -17.98
C GLY C 208 -31.74 23.85 -17.01
N ARG C 209 -31.74 24.68 -15.96
CA ARG C 209 -30.66 24.65 -14.99
C ARG C 209 -30.54 23.31 -14.27
N ILE C 210 -31.68 22.72 -13.89
CA ILE C 210 -31.69 21.50 -13.09
C ILE C 210 -30.95 20.34 -13.76
N VAL C 211 -31.02 20.24 -15.09
CA VAL C 211 -30.29 19.13 -15.72
C VAL C 211 -28.79 19.32 -15.58
N GLY C 212 -28.26 20.51 -15.81
CA GLY C 212 -26.86 20.76 -15.48
C GLY C 212 -26.55 20.48 -14.02
N GLY C 213 -27.43 20.94 -13.13
CA GLY C 213 -27.41 20.71 -11.69
C GLY C 213 -27.52 19.28 -11.22
N VAL C 214 -27.65 18.37 -12.18
CA VAL C 214 -27.59 16.94 -11.92
C VAL C 214 -26.44 16.30 -12.68
N TRP C 215 -26.34 16.60 -13.98
CA TRP C 215 -25.33 16.00 -14.85
C TRP C 215 -23.91 16.25 -14.34
N TRP C 216 -23.66 17.41 -13.73
CA TRP C 216 -22.34 17.66 -13.15
C TRP C 216 -21.93 16.60 -12.14
N PHE C 217 -22.85 16.20 -11.26
CA PHE C 217 -22.52 15.27 -10.18
C PHE C 217 -22.04 13.93 -10.73
N PHE C 218 -22.62 13.48 -11.83
CA PHE C 218 -22.22 12.21 -12.43
C PHE C 218 -20.75 12.22 -12.82
N THR C 219 -20.27 13.32 -13.41
CA THR C 219 -18.85 13.44 -13.72
C THR C 219 -18.03 13.51 -12.45
N LEU C 220 -18.53 14.27 -11.46
CA LEU C 220 -17.82 14.48 -10.21
C LEU C 220 -17.55 13.17 -9.48
N ILE C 221 -18.51 12.25 -9.51
CA ILE C 221 -18.25 10.92 -8.98
C ILE C 221 -17.28 10.18 -9.91
N ILE C 222 -17.69 9.95 -11.17
CA ILE C 222 -17.06 8.90 -11.96
C ILE C 222 -15.58 9.17 -12.19
N ILE C 223 -15.22 10.41 -12.54
CA ILE C 223 -13.79 10.67 -12.74
C ILE C 223 -12.98 10.42 -11.46
N SER C 224 -13.59 10.68 -10.30
CA SER C 224 -12.87 10.50 -9.05
C SER C 224 -12.68 9.02 -8.74
N SER C 225 -13.76 8.25 -8.86
CA SER C 225 -13.70 6.81 -8.64
C SER C 225 -12.73 6.13 -9.59
N TYR C 226 -12.75 6.52 -10.87
CA TYR C 226 -11.75 6.04 -11.82
C TYR C 226 -10.33 6.35 -11.36
N THR C 227 -10.05 7.61 -11.05
CA THR C 227 -8.64 7.94 -10.72
C THR C 227 -8.22 7.01 -9.61
N ALA C 228 -9.08 6.84 -8.62
CA ALA C 228 -8.70 5.99 -7.47
C ALA C 228 -8.21 4.64 -7.97
N ASN C 229 -9.05 3.94 -8.73
CA ASN C 229 -8.67 2.57 -9.17
C ASN C 229 -7.24 2.60 -9.73
N LEU C 230 -6.91 3.57 -10.58
CA LEU C 230 -5.56 3.57 -11.23
C LEU C 230 -4.48 3.28 -10.18
N ALA C 231 -4.60 3.87 -9.00
CA ALA C 231 -3.61 3.58 -7.93
C ALA C 231 -3.40 2.09 -7.80
N ALA C 232 -4.47 1.32 -7.63
CA ALA C 232 -4.35 -0.15 -7.41
C ALA C 232 -3.09 -0.73 -8.03
N PHE C 233 -3.11 -0.95 -9.35
CA PHE C 233 -1.94 -1.64 -9.99
C PHE C 233 -0.66 -0.88 -9.64
N LEU C 234 -0.59 0.39 -9.99
CA LEU C 234 0.59 1.19 -9.69
C LEU C 234 1.04 1.09 -8.24
N THR C 235 0.27 0.44 -7.37
CA THR C 235 0.73 0.14 -6.01
C THR C 235 0.97 -1.34 -5.73
N VAL C 236 0.03 -2.20 -6.10
CA VAL C 236 0.18 -3.64 -5.86
C VAL C 236 1.40 -4.21 -6.57
N GLU C 237 1.63 -3.80 -7.82
CA GLU C 237 2.80 -4.24 -8.58
C GLU C 237 4.12 -3.68 -8.06
N ARG C 238 4.10 -2.78 -7.09
CA ARG C 238 5.31 -2.37 -6.38
C ARG C 238 5.50 -3.06 -5.03
N MET C 239 4.41 -3.61 -4.46
CA MET C 239 4.44 -4.24 -3.10
C MET C 239 4.83 -5.75 -3.19
N VAL C 240 4.73 -6.42 -4.36
CA VAL C 240 5.13 -7.81 -4.54
C VAL C 240 6.50 -7.88 -5.21
N SER C 241 7.25 -8.93 -4.90
CA SER C 241 8.63 -9.07 -5.35
C SER C 241 9.04 -10.54 -5.24
N PRO C 242 10.12 -10.94 -5.91
CA PRO C 242 10.33 -12.37 -6.20
C PRO C 242 10.80 -13.19 -4.99
N ILE C 243 10.69 -14.51 -5.18
CA ILE C 243 11.16 -15.51 -4.23
C ILE C 243 12.67 -15.40 -4.07
N GLU C 244 13.17 -15.61 -2.85
CA GLU C 244 14.57 -15.37 -2.57
C GLU C 244 15.08 -16.31 -1.49
N SER C 245 16.38 -16.61 -1.60
CA SER C 245 17.24 -17.23 -0.60
C SER C 245 16.63 -18.40 0.20
N ALA C 246 15.89 -19.27 -0.49
CA ALA C 246 15.22 -20.44 0.08
C ALA C 246 14.18 -20.16 1.15
N GLU C 247 14.39 -19.15 1.99
CA GLU C 247 13.41 -18.83 3.02
C GLU C 247 12.09 -18.41 2.40
N ASP C 248 12.14 -17.62 1.33
CA ASP C 248 10.92 -17.19 0.64
C ASP C 248 10.34 -18.29 -0.25
N LEU C 249 11.08 -19.37 -0.48
CA LEU C 249 10.52 -20.58 -1.09
C LEU C 249 9.83 -21.49 -0.08
N SER C 250 9.99 -21.26 1.22
CA SER C 250 9.53 -22.22 2.23
C SER C 250 8.60 -21.61 3.27
N LYS C 251 8.65 -20.30 3.50
CA LYS C 251 7.57 -19.60 4.19
C LYS C 251 6.21 -19.95 3.61
N GLN C 252 6.13 -20.03 2.28
CA GLN C 252 4.86 -20.22 1.58
C GLN C 252 5.10 -21.18 0.42
N THR C 253 4.01 -21.79 -0.04
CA THR C 253 4.09 -22.84 -1.06
C THR C 253 3.08 -22.61 -2.17
N GLU C 254 2.94 -21.35 -2.60
CA GLU C 254 2.17 -21.10 -3.82
C GLU C 254 2.85 -21.72 -5.03
N ILE C 255 4.17 -21.85 -5.00
CA ILE C 255 4.94 -22.59 -5.99
C ILE C 255 5.44 -23.87 -5.33
N ALA C 256 5.26 -25.00 -6.00
CA ALA C 256 5.67 -26.29 -5.47
C ALA C 256 7.12 -26.59 -5.86
N TYR C 257 7.72 -27.53 -5.15
CA TYR C 257 9.08 -27.96 -5.45
C TYR C 257 9.36 -29.27 -4.71
N GLY C 258 10.47 -29.91 -5.09
CA GLY C 258 10.92 -31.14 -4.46
C GLY C 258 12.41 -31.34 -4.63
N THR C 259 12.83 -32.58 -4.90
CA THR C 259 14.22 -32.89 -5.22
C THR C 259 14.28 -33.95 -6.31
N LEU C 260 15.48 -34.12 -6.86
CA LEU C 260 15.87 -35.40 -7.45
C LEU C 260 15.65 -36.52 -6.45
N ASP C 261 14.95 -37.57 -6.88
CA ASP C 261 14.43 -38.57 -5.97
C ASP C 261 15.52 -39.53 -5.51
N SER C 262 15.45 -39.92 -4.24
CA SER C 262 16.39 -40.83 -3.58
C SER C 262 17.87 -40.44 -3.72
N GLY C 263 18.17 -39.32 -4.36
CA GLY C 263 19.54 -38.84 -4.39
C GLY C 263 20.00 -38.27 -3.05
N SER C 264 21.29 -37.92 -3.03
CA SER C 264 21.95 -37.48 -1.79
C SER C 264 21.23 -36.29 -1.16
N THR C 265 20.74 -35.36 -1.98
CA THR C 265 20.08 -34.18 -1.46
C THR C 265 18.78 -34.49 -0.73
N LYS C 266 18.06 -35.52 -1.17
CA LYS C 266 16.83 -35.91 -0.50
C LYS C 266 17.11 -36.40 0.91
N GLU C 267 18.09 -37.29 1.06
CA GLU C 267 18.45 -37.76 2.38
C GLU C 267 19.02 -36.61 3.22
N PHE C 268 19.78 -35.71 2.58
CA PHE C 268 20.35 -34.57 3.27
C PHE C 268 19.28 -33.70 3.94
N PHE C 269 18.16 -33.44 3.24
CA PHE C 269 17.08 -32.68 3.85
C PHE C 269 16.43 -33.42 5.02
N ARG C 270 16.29 -34.74 4.92
CA ARG C 270 15.81 -35.51 6.06
C ARG C 270 16.76 -35.39 7.25
N ARG C 271 18.06 -35.55 7.00
CA ARG C 271 19.05 -35.64 8.07
C ARG C 271 19.28 -34.28 8.74
N SER C 272 19.23 -33.20 7.98
CA SER C 272 19.42 -31.88 8.56
C SER C 272 18.32 -31.56 9.57
N LYS C 273 18.69 -30.72 10.54
CA LYS C 273 17.87 -30.45 11.72
C LYS C 273 17.51 -28.98 11.92
N ILE C 274 18.12 -28.05 11.18
CA ILE C 274 17.85 -26.64 11.37
C ILE C 274 16.41 -26.32 10.96
N ALA C 275 15.76 -25.45 11.76
CA ALA C 275 14.32 -25.26 11.68
C ALA C 275 13.83 -24.92 10.28
N VAL C 276 14.57 -24.06 9.56
CA VAL C 276 14.16 -23.70 8.21
C VAL C 276 14.16 -24.93 7.31
N PHE C 277 15.21 -25.74 7.39
CA PHE C 277 15.26 -26.98 6.61
C PHE C 277 14.32 -28.04 7.17
N ASP C 278 14.11 -28.07 8.49
CA ASP C 278 13.13 -28.99 9.05
C ASP C 278 11.72 -28.71 8.50
N LYS C 279 11.32 -27.44 8.49
CA LYS C 279 10.06 -27.02 7.87
C LYS C 279 10.01 -27.39 6.39
N MET C 280 11.07 -27.06 5.64
CA MET C 280 11.13 -27.38 4.22
C MET C 280 10.98 -28.89 3.97
N TRP C 281 11.69 -29.70 4.75
CA TRP C 281 11.53 -31.14 4.65
C TRP C 281 10.13 -31.59 5.00
N THR C 282 9.56 -31.04 6.07
CA THR C 282 8.23 -31.46 6.52
C THR C 282 7.18 -31.24 5.43
N TYR C 283 7.22 -30.06 4.80
CA TYR C 283 6.42 -29.83 3.61
C TYR C 283 6.76 -30.86 2.54
N MET C 284 8.01 -30.88 2.07
CA MET C 284 8.28 -31.53 0.79
C MET C 284 8.09 -33.04 0.89
N ARG C 285 8.25 -33.62 2.08
CA ARG C 285 7.95 -35.04 2.25
C ARG C 285 6.47 -35.27 2.53
N SER C 286 5.75 -34.24 2.99
CA SER C 286 4.31 -34.37 3.12
C SER C 286 3.56 -33.92 1.87
N ALA C 287 4.25 -33.20 0.97
CA ALA C 287 3.60 -32.61 -0.19
C ALA C 287 2.97 -33.68 -1.07
N GLU C 288 1.85 -33.32 -1.70
CA GLU C 288 1.20 -34.13 -2.72
C GLU C 288 0.60 -33.20 -3.75
N PRO C 289 0.46 -33.64 -5.01
CA PRO C 289 0.90 -34.91 -5.61
C PRO C 289 2.42 -35.05 -5.71
N SER C 290 2.88 -36.25 -6.06
CA SER C 290 4.29 -36.62 -5.97
C SER C 290 5.20 -35.57 -6.61
N VAL C 291 6.09 -35.00 -5.79
CA VAL C 291 6.91 -33.87 -6.19
C VAL C 291 8.25 -34.27 -6.77
N PHE C 292 8.65 -35.53 -6.63
CA PHE C 292 9.99 -35.97 -6.98
C PHE C 292 10.05 -36.48 -8.42
N VAL C 293 11.27 -36.56 -8.94
CA VAL C 293 11.52 -36.87 -10.33
C VAL C 293 12.67 -37.86 -10.44
N ARG C 294 12.61 -38.71 -11.46
CA ARG C 294 13.62 -39.75 -11.65
C ARG C 294 14.90 -39.20 -12.25
N THR C 295 14.82 -38.09 -12.99
CA THR C 295 15.99 -37.56 -13.68
C THR C 295 15.89 -36.05 -13.80
N THR C 296 17.06 -35.41 -13.89
CA THR C 296 17.16 -33.96 -14.00
C THR C 296 16.33 -33.42 -15.16
N ALA C 297 16.30 -34.14 -16.28
CA ALA C 297 15.52 -33.72 -17.43
C ALA C 297 14.03 -33.66 -17.10
N GLU C 298 13.54 -34.57 -16.25
CA GLU C 298 12.14 -34.52 -15.85
C GLU C 298 11.84 -33.34 -14.93
N GLY C 299 12.78 -33.03 -14.03
CA GLY C 299 12.64 -31.81 -13.24
C GLY C 299 12.61 -30.55 -14.09
N VAL C 300 13.54 -30.43 -15.03
CA VAL C 300 13.51 -29.32 -15.99
C VAL C 300 12.19 -29.29 -16.76
N ALA C 301 11.69 -30.45 -17.18
CA ALA C 301 10.39 -30.51 -17.83
C ALA C 301 9.26 -29.97 -16.95
N ARG C 302 9.28 -30.32 -15.66
CA ARG C 302 8.31 -29.76 -14.73
C ARG C 302 8.44 -28.24 -14.59
N VAL C 303 9.67 -27.74 -14.54
CA VAL C 303 9.89 -26.29 -14.49
C VAL C 303 9.38 -25.61 -15.76
N ARG C 304 9.54 -26.27 -16.90
CA ARG C 304 9.11 -25.68 -18.17
C ARG C 304 7.59 -25.71 -18.32
N LYS C 305 6.95 -26.82 -17.97
CA LYS C 305 5.51 -26.96 -18.18
C LYS C 305 4.70 -26.24 -17.11
N SER C 306 5.24 -26.10 -15.90
CA SER C 306 4.49 -25.43 -14.82
C SER C 306 4.42 -23.93 -15.00
N LYS C 307 5.06 -23.37 -16.02
CA LYS C 307 5.02 -21.93 -16.30
C LYS C 307 5.53 -21.11 -15.11
N GLY C 308 6.44 -21.69 -14.33
CA GLY C 308 6.95 -21.05 -13.13
C GLY C 308 6.30 -21.51 -11.84
N LYS C 309 5.28 -22.36 -11.90
CA LYS C 309 4.62 -22.84 -10.69
C LYS C 309 5.32 -24.02 -10.04
N TYR C 310 6.42 -24.51 -10.61
CA TYR C 310 7.22 -25.56 -9.99
C TYR C 310 8.69 -25.17 -10.00
N ALA C 311 9.37 -25.47 -8.89
CA ALA C 311 10.78 -25.15 -8.70
C ALA C 311 11.56 -26.44 -8.42
N TYR C 312 12.86 -26.39 -8.73
CA TYR C 312 13.67 -27.61 -8.75
C TYR C 312 15.01 -27.30 -8.10
N LEU C 313 15.70 -28.35 -7.67
CA LEU C 313 16.92 -28.23 -6.88
C LEU C 313 18.05 -29.03 -7.49
N LEU C 314 19.25 -28.44 -7.49
CA LEU C 314 20.45 -29.07 -8.01
C LEU C 314 21.65 -28.53 -7.26
N GLU C 315 22.75 -29.28 -7.33
CA GLU C 315 24.06 -28.69 -7.09
C GLU C 315 24.39 -27.64 -8.15
N SER C 316 25.05 -26.56 -7.69
CA SER C 316 25.16 -25.34 -8.48
C SER C 316 25.87 -25.56 -9.81
N THR C 317 26.77 -26.54 -9.89
CA THR C 317 27.51 -26.77 -11.12
C THR C 317 26.59 -27.13 -12.27
N MET C 318 25.49 -27.83 -11.99
CA MET C 318 24.54 -28.15 -13.04
C MET C 318 23.58 -26.98 -13.28
N ASN C 319 23.20 -26.29 -12.20
CA ASN C 319 22.28 -25.16 -12.30
C ASN C 319 22.83 -24.07 -13.20
N GLU C 320 24.04 -23.59 -12.91
CA GLU C 320 24.70 -22.62 -13.77
C GLU C 320 25.21 -23.20 -15.08
N TYR C 321 24.99 -24.49 -15.35
CA TYR C 321 25.23 -25.02 -16.68
C TYR C 321 23.99 -24.93 -17.56
N ILE C 322 22.84 -25.36 -17.03
CA ILE C 322 21.58 -25.28 -17.76
C ILE C 322 21.27 -23.83 -18.15
N GLU C 323 21.67 -22.88 -17.30
CA GLU C 323 21.52 -21.46 -17.63
C GLU C 323 22.13 -21.09 -18.97
N GLN C 324 23.12 -21.85 -19.44
CA GLN C 324 23.89 -21.49 -20.62
C GLN C 324 23.51 -22.30 -21.85
N ARG C 325 22.41 -23.05 -21.78
CA ARG C 325 21.95 -23.88 -22.89
C ARG C 325 20.59 -23.38 -23.36
N LYS C 326 20.39 -23.42 -24.67
CA LYS C 326 19.10 -23.03 -25.25
C LYS C 326 17.97 -23.84 -24.63
N PRO C 327 16.77 -23.25 -24.45
CA PRO C 327 16.37 -21.88 -24.79
C PRO C 327 16.89 -20.80 -23.83
N CYS C 328 17.76 -21.14 -22.88
CA CYS C 328 18.19 -20.22 -21.83
C CYS C 328 17.00 -19.73 -21.00
N ASP C 329 16.04 -20.62 -20.76
CA ASP C 329 14.78 -20.25 -20.12
C ASP C 329 14.75 -20.53 -18.62
N THR C 330 15.87 -20.94 -18.04
CA THR C 330 15.99 -21.00 -16.59
C THR C 330 16.51 -19.65 -16.05
N MET C 331 16.43 -19.50 -14.72
CA MET C 331 17.26 -18.55 -14.01
C MET C 331 17.75 -19.17 -12.71
N LYS C 332 19.01 -18.89 -12.37
CA LYS C 332 19.50 -19.14 -11.02
C LYS C 332 18.96 -18.09 -10.05
N VAL C 333 18.85 -18.48 -8.78
CA VAL C 333 18.53 -17.56 -7.69
C VAL C 333 19.40 -17.88 -6.48
N GLY C 334 19.60 -16.87 -5.64
CA GLY C 334 20.10 -16.97 -4.28
C GLY C 334 21.52 -17.50 -4.11
N GLY C 335 21.84 -17.76 -2.85
CA GLY C 335 23.11 -18.36 -2.47
C GLY C 335 23.04 -19.86 -2.19
N ASN C 336 24.22 -20.43 -1.98
CA ASN C 336 24.35 -21.85 -1.70
C ASN C 336 23.82 -22.19 -0.31
N LEU C 337 23.45 -23.46 -0.13
CA LEU C 337 22.93 -23.95 1.13
C LEU C 337 23.94 -24.77 1.93
N ASP C 338 25.07 -25.15 1.34
CA ASP C 338 26.07 -25.96 2.03
C ASP C 338 27.43 -25.67 1.41
N SER C 339 28.38 -26.58 1.61
CA SER C 339 29.67 -26.49 0.92
C SER C 339 30.28 -27.88 0.80
N LYS C 340 30.57 -28.27 -0.44
CA LYS C 340 31.30 -29.51 -0.73
C LYS C 340 32.12 -29.28 -1.98
N GLY C 341 33.04 -30.21 -2.25
CA GLY C 341 33.86 -30.12 -3.45
C GLY C 341 34.47 -31.41 -3.93
N TYR C 342 34.50 -31.60 -5.25
CA TYR C 342 35.14 -32.75 -5.85
C TYR C 342 36.65 -32.66 -5.69
N GLY C 343 37.33 -33.76 -6.00
CA GLY C 343 38.77 -33.78 -5.93
C GLY C 343 39.35 -35.02 -6.57
N ILE C 344 40.67 -35.02 -6.69
CA ILE C 344 41.42 -36.15 -7.23
C ILE C 344 41.52 -37.23 -6.17
N ALA C 345 41.56 -38.49 -6.61
CA ALA C 345 41.58 -39.63 -5.71
C ALA C 345 42.49 -40.71 -6.28
N THR C 346 43.10 -41.47 -5.39
CA THR C 346 44.05 -42.52 -5.72
C THR C 346 43.85 -43.68 -4.74
N PRO C 347 44.32 -44.87 -5.10
CA PRO C 347 44.46 -45.93 -4.08
C PRO C 347 45.49 -45.54 -3.03
N LYS C 348 45.33 -46.09 -1.84
CA LYS C 348 46.22 -45.74 -0.73
C LYS C 348 47.63 -46.25 -1.02
N GLY C 349 48.62 -45.47 -0.60
CA GLY C 349 50.00 -45.88 -0.62
C GLY C 349 50.66 -45.91 -1.98
N SER C 350 49.98 -45.44 -3.02
CA SER C 350 50.63 -45.27 -4.31
C SER C 350 51.73 -44.21 -4.22
N SER C 351 52.81 -44.44 -4.99
CA SER C 351 53.80 -43.42 -5.22
C SER C 351 53.22 -42.15 -5.84
N LEU C 352 52.05 -42.22 -6.47
CA LEU C 352 51.42 -41.05 -7.04
C LEU C 352 50.98 -40.02 -6.00
N GLY C 353 50.77 -40.44 -4.75
CA GLY C 353 50.03 -39.64 -3.78
C GLY C 353 50.47 -38.20 -3.62
N THR C 354 51.59 -38.00 -2.93
CA THR C 354 52.07 -36.66 -2.66
C THR C 354 52.41 -35.85 -3.92
N PRO C 355 53.04 -36.38 -4.96
CA PRO C 355 53.34 -35.50 -6.11
C PRO C 355 52.09 -35.05 -6.85
N VAL C 356 51.08 -35.91 -6.97
CA VAL C 356 49.80 -35.50 -7.55
C VAL C 356 49.14 -34.43 -6.68
N ASN C 357 49.08 -34.68 -5.37
CA ASN C 357 48.45 -33.70 -4.49
C ASN C 357 49.14 -32.34 -4.60
N LEU C 358 50.48 -32.33 -4.54
CA LEU C 358 51.21 -31.08 -4.62
C LEU C 358 51.02 -30.41 -5.99
N ALA C 359 50.91 -31.22 -7.06
CA ALA C 359 50.64 -30.68 -8.38
C ALA C 359 49.30 -29.97 -8.45
N VAL C 360 48.28 -30.54 -7.79
CA VAL C 360 46.92 -30.04 -7.96
C VAL C 360 46.80 -28.59 -7.50
N LEU C 361 47.43 -28.24 -6.38
CA LEU C 361 47.32 -26.88 -5.85
C LEU C 361 47.82 -25.83 -6.83
N LYS C 362 48.96 -26.10 -7.48
CA LYS C 362 49.58 -25.10 -8.35
C LYS C 362 48.64 -24.60 -9.43
N LEU C 363 47.81 -25.49 -9.99
CA LEU C 363 46.86 -25.10 -11.02
C LEU C 363 45.74 -24.21 -10.50
N SER C 364 45.45 -24.26 -9.19
CA SER C 364 44.58 -23.26 -8.58
C SER C 364 45.33 -21.97 -8.27
N GLU C 365 46.62 -22.07 -7.95
CA GLU C 365 47.40 -20.91 -7.54
C GLU C 365 47.87 -20.08 -8.74
N GLN C 366 48.03 -20.69 -9.91
CA GLN C 366 48.29 -19.96 -11.14
C GLN C 366 47.04 -19.71 -11.98
N GLY C 367 45.86 -20.00 -11.43
CA GLY C 367 44.61 -19.57 -12.04
C GLY C 367 44.16 -20.31 -13.28
N VAL C 368 44.90 -21.31 -13.73
CA VAL C 368 44.57 -22.02 -14.97
C VAL C 368 43.14 -22.54 -14.92
N LEU C 369 42.72 -23.04 -13.74
CA LEU C 369 41.38 -23.56 -13.57
C LEU C 369 40.30 -22.54 -13.89
N ASP C 370 40.59 -21.25 -13.70
CA ASP C 370 39.61 -20.22 -14.05
C ASP C 370 39.45 -20.14 -15.57
N LYS C 371 40.56 -20.05 -16.30
CA LYS C 371 40.50 -20.01 -17.75
C LYS C 371 39.79 -21.25 -18.31
N LEU C 372 40.16 -22.43 -17.79
CA LEU C 372 39.49 -23.66 -18.21
C LEU C 372 38.00 -23.65 -17.89
N LYS C 373 37.63 -23.14 -16.72
CA LYS C 373 36.21 -23.03 -16.38
C LYS C 373 35.45 -22.18 -17.40
N ASN C 374 35.98 -21.00 -17.73
CA ASN C 374 35.37 -20.17 -18.75
C ASN C 374 35.29 -20.90 -20.08
N LYS C 375 36.33 -21.66 -20.43
CA LYS C 375 36.44 -22.34 -21.71
C LYS C 375 35.31 -23.33 -21.99
N TRP C 376 34.52 -23.68 -20.99
CA TRP C 376 33.30 -24.46 -21.27
C TRP C 376 32.03 -23.83 -20.72
N TRP C 377 32.08 -23.20 -19.55
CA TRP C 377 30.86 -22.68 -18.96
C TRP C 377 30.45 -21.32 -19.53
N TYR C 378 31.41 -20.52 -20.00
CA TYR C 378 31.08 -19.16 -20.44
C TYR C 378 31.51 -18.87 -21.88
N ASP C 379 32.61 -19.48 -22.33
CA ASP C 379 33.12 -19.20 -23.67
C ASP C 379 32.43 -20.00 -24.76
N LYS C 380 31.39 -20.78 -24.41
CA LYS C 380 30.64 -21.52 -25.41
C LYS C 380 29.14 -21.43 -25.21
N GLY C 381 28.66 -20.49 -24.39
CA GLY C 381 27.24 -20.39 -24.12
C GLY C 381 26.51 -19.62 -25.21
N GLU C 382 25.29 -20.09 -25.50
CA GLU C 382 24.48 -19.50 -26.57
C GLU C 382 23.84 -18.18 -26.17
N CYS C 383 23.90 -17.80 -24.90
CA CYS C 383 23.25 -16.60 -24.39
C CYS C 383 24.23 -15.78 -23.56
N GLY C 384 25.38 -15.49 -24.15
CA GLY C 384 26.52 -14.93 -23.43
C GLY C 384 26.35 -13.51 -22.93
N ALA C 385 25.12 -13.10 -22.65
CA ALA C 385 24.86 -11.80 -22.04
C ALA C 385 25.42 -11.76 -20.62
N SER C 395 9.72 3.66 -11.13
CA SER C 395 10.05 4.32 -12.40
C SER C 395 8.79 4.84 -13.09
N ALA C 396 8.98 5.77 -14.02
CA ALA C 396 7.88 6.53 -14.58
C ALA C 396 6.99 5.64 -15.46
N LEU C 397 5.82 6.18 -15.80
CA LEU C 397 5.03 5.65 -16.91
C LEU C 397 5.82 5.75 -18.20
N SER C 398 5.89 4.63 -18.93
CA SER C 398 6.42 4.67 -20.28
C SER C 398 5.39 5.25 -21.26
N LEU C 399 5.90 5.72 -22.39
CA LEU C 399 5.03 6.06 -23.52
C LEU C 399 4.21 4.88 -24.00
N SER C 400 4.77 3.67 -23.95
CA SER C 400 4.05 2.48 -24.40
C SER C 400 2.84 2.15 -23.55
N ASN C 401 2.69 2.73 -22.36
CA ASN C 401 1.44 2.64 -21.62
C ASN C 401 0.39 3.66 -22.05
N VAL C 402 0.76 4.66 -22.86
CA VAL C 402 -0.07 5.85 -23.00
C VAL C 402 -0.31 6.18 -24.47
N ALA C 403 0.61 5.73 -25.34
CA ALA C 403 0.65 6.22 -26.72
C ALA C 403 -0.66 6.04 -27.46
N GLY C 404 -1.43 5.00 -27.13
CA GLY C 404 -2.75 4.82 -27.72
C GLY C 404 -3.68 6.02 -27.55
N VAL C 405 -3.54 6.74 -26.46
CA VAL C 405 -4.34 7.96 -26.25
C VAL C 405 -3.93 9.07 -27.21
N PHE C 406 -2.64 9.17 -27.54
CA PHE C 406 -2.22 10.07 -28.61
C PHE C 406 -2.82 9.69 -29.96
N TYR C 407 -2.97 8.39 -30.22
CA TYR C 407 -3.57 7.95 -31.48
C TYR C 407 -5.00 8.45 -31.64
N ILE C 408 -5.81 8.35 -30.58
CA ILE C 408 -7.19 8.82 -30.64
C ILE C 408 -7.26 10.31 -30.97
N LEU C 409 -6.42 11.12 -30.31
CA LEU C 409 -6.40 12.56 -30.57
C LEU C 409 -5.99 12.86 -32.02
N VAL C 410 -4.82 12.38 -32.41
CA VAL C 410 -4.23 12.82 -33.67
C VAL C 410 -5.00 12.26 -34.85
N GLY C 411 -5.60 11.07 -34.72
CA GLY C 411 -6.55 10.65 -35.73
C GLY C 411 -7.83 11.47 -35.68
N GLY C 412 -8.31 11.77 -34.48
CA GLY C 412 -9.60 12.42 -34.34
C GLY C 412 -9.66 13.74 -35.07
N LEU C 413 -8.57 14.52 -35.01
CA LEU C 413 -8.58 15.79 -35.72
C LEU C 413 -8.71 15.63 -37.23
N GLY C 414 -8.32 14.45 -37.76
CA GLY C 414 -8.49 14.22 -39.19
C GLY C 414 -9.94 14.28 -39.62
N LEU C 415 -10.85 13.81 -38.75
CA LEU C 415 -12.27 13.87 -39.06
C LEU C 415 -12.76 15.31 -39.13
N ALA C 416 -12.32 16.14 -38.19
CA ALA C 416 -12.70 17.55 -38.20
C ALA C 416 -12.22 18.25 -39.47
N MET C 417 -10.95 18.04 -39.83
CA MET C 417 -10.43 18.63 -41.06
C MET C 417 -11.19 18.13 -42.29
N LEU C 418 -11.45 16.82 -42.36
CA LEU C 418 -12.24 16.25 -43.45
C LEU C 418 -13.62 16.89 -43.55
N VAL C 419 -14.30 17.06 -42.40
CA VAL C 419 -15.60 17.73 -42.40
C VAL C 419 -15.48 19.15 -42.91
N ALA C 420 -14.49 19.90 -42.43
CA ALA C 420 -14.34 21.29 -42.86
C ALA C 420 -14.12 21.38 -44.38
N LEU C 421 -13.33 20.47 -44.93
CA LEU C 421 -13.09 20.40 -46.37
C LEU C 421 -14.32 20.08 -47.20
N ILE C 422 -15.45 19.69 -46.60
CA ILE C 422 -16.69 19.56 -47.33
C ILE C 422 -17.77 20.51 -46.85
N GLU C 423 -17.59 21.16 -45.71
CA GLU C 423 -18.36 22.38 -45.43
C GLU C 423 -17.97 23.49 -46.40
N PHE C 424 -16.70 23.54 -46.80
CA PHE C 424 -16.30 24.32 -47.96
C PHE C 424 -17.12 23.97 -49.20
N CYS C 425 -17.32 22.67 -49.46
CA CYS C 425 -18.14 22.26 -50.60
C CYS C 425 -19.60 22.65 -50.44
N TYR C 426 -20.17 22.47 -49.24
CA TYR C 426 -21.50 22.98 -48.94
C TYR C 426 -21.66 24.46 -49.25
N LYS C 427 -20.71 25.29 -48.80
CA LYS C 427 -20.79 26.72 -49.09
C LYS C 427 -20.53 27.03 -50.57
N SER C 428 -19.79 26.18 -51.26
CA SER C 428 -19.71 26.25 -52.72
C SER C 428 -21.04 25.91 -53.38
N ARG C 429 -21.80 25.00 -52.78
CA ARG C 429 -23.13 24.65 -53.30
C ARG C 429 -24.18 25.67 -52.91
N ALA C 430 -24.02 26.33 -51.76
CA ALA C 430 -25.01 27.28 -51.27
C ALA C 430 -24.68 28.69 -51.75
N GLU D 1 7.44 -67.41 30.73
CA GLU D 1 6.17 -66.92 30.19
C GLU D 1 6.18 -65.39 30.10
N GLN D 2 5.33 -64.85 29.24
CA GLN D 2 5.19 -63.41 29.10
C GLN D 2 3.76 -63.08 28.71
N LYS D 3 3.32 -61.87 29.05
CA LYS D 3 2.04 -61.35 28.58
C LYS D 3 2.25 -60.01 27.90
N THR D 4 1.52 -59.79 26.81
CA THR D 4 1.44 -58.50 26.14
C THR D 4 0.03 -57.94 26.34
N VAL D 5 -0.05 -56.72 26.88
CA VAL D 5 -1.31 -56.21 27.39
C VAL D 5 -2.27 -55.92 26.24
N VAL D 6 -3.55 -56.17 26.47
CA VAL D 6 -4.61 -55.98 25.47
C VAL D 6 -5.02 -54.52 25.48
N VAL D 7 -4.44 -53.73 24.57
CA VAL D 7 -4.83 -52.33 24.42
C VAL D 7 -6.15 -52.25 23.67
N THR D 8 -7.05 -51.38 24.16
CA THR D 8 -8.36 -51.19 23.57
C THR D 8 -8.66 -49.71 23.41
N THR D 9 -9.51 -49.39 22.46
CA THR D 9 -9.76 -48.02 22.01
C THR D 9 -11.02 -48.04 21.16
N ILE D 10 -11.32 -46.92 20.50
CA ILE D 10 -12.57 -46.76 19.77
C ILE D 10 -12.30 -46.06 18.45
N LEU D 11 -13.16 -46.35 17.46
CA LEU D 11 -13.05 -45.77 16.13
C LEU D 11 -13.42 -44.30 16.17
N GLU D 12 -12.43 -43.42 16.03
CA GLU D 12 -12.71 -41.99 16.04
C GLU D 12 -11.60 -41.26 15.29
N SER D 13 -11.95 -40.07 14.76
CA SER D 13 -11.13 -39.31 13.82
C SER D 13 -10.48 -38.13 14.53
N PRO D 14 -9.18 -37.89 14.32
CA PRO D 14 -8.18 -38.76 13.71
C PRO D 14 -7.56 -39.70 14.76
N TYR D 15 -8.30 -39.93 15.84
CA TYR D 15 -7.76 -40.69 16.97
C TYR D 15 -7.45 -42.14 16.57
N VAL D 16 -8.34 -42.75 15.77
CA VAL D 16 -8.13 -44.11 15.28
C VAL D 16 -8.68 -44.23 13.86
N MET D 17 -7.77 -44.44 12.90
CA MET D 17 -8.12 -44.61 11.50
C MET D 17 -7.47 -45.89 10.99
N MET D 18 -8.07 -46.47 9.95
CA MET D 18 -7.44 -47.61 9.29
C MET D 18 -6.22 -47.17 8.50
N LYS D 19 -5.19 -48.01 8.49
CA LYS D 19 -4.03 -47.80 7.66
C LYS D 19 -4.40 -47.87 6.17
N LYS D 20 -3.54 -47.26 5.34
CA LYS D 20 -3.71 -47.26 3.89
C LYS D 20 -3.96 -48.65 3.32
N ASN D 21 -3.41 -49.70 3.94
CA ASN D 21 -3.43 -51.05 3.39
C ASN D 21 -3.85 -52.06 4.45
N HIS D 22 -4.84 -51.69 5.28
CA HIS D 22 -5.20 -52.47 6.45
C HIS D 22 -5.71 -53.87 6.11
N GLU D 23 -6.00 -54.17 4.85
CA GLU D 23 -6.38 -55.51 4.45
C GLU D 23 -5.21 -56.48 4.39
N MET D 24 -3.97 -55.98 4.41
CA MET D 24 -2.80 -56.76 4.02
C MET D 24 -1.81 -56.96 5.17
N LEU D 25 -2.25 -56.73 6.40
CA LEU D 25 -1.33 -56.59 7.53
C LEU D 25 -1.92 -57.26 8.77
N GLU D 26 -1.03 -57.68 9.65
CA GLU D 26 -1.38 -58.08 11.01
C GLU D 26 -0.30 -57.57 11.96
N GLY D 27 -0.67 -57.47 13.24
CA GLY D 27 0.01 -56.59 14.15
C GLY D 27 -0.52 -55.18 14.11
N ASN D 28 0.14 -54.31 14.87
CA ASN D 28 -0.38 -52.96 15.09
C ASN D 28 -0.41 -52.12 13.83
N GLU D 29 0.25 -52.56 12.76
CA GLU D 29 0.39 -51.74 11.56
C GLU D 29 -0.91 -51.54 10.79
N ARG D 30 -1.99 -52.22 11.18
CA ARG D 30 -3.29 -51.97 10.56
C ARG D 30 -3.88 -50.60 10.86
N TYR D 31 -3.24 -49.79 11.70
CA TYR D 31 -3.90 -48.58 12.20
C TYR D 31 -2.94 -47.40 12.10
N GLU D 32 -3.52 -46.20 12.14
CA GLU D 32 -2.76 -44.95 12.10
C GLU D 32 -3.48 -43.90 12.92
N GLY D 33 -2.72 -42.94 13.45
CA GLY D 33 -3.30 -41.81 14.15
C GLY D 33 -2.73 -41.63 15.54
N TYR D 34 -3.47 -40.87 16.35
CA TYR D 34 -2.94 -40.32 17.59
C TYR D 34 -2.72 -41.38 18.66
N CYS D 35 -3.75 -42.18 18.95
CA CYS D 35 -3.66 -43.12 20.07
C CYS D 35 -2.61 -44.19 19.85
N VAL D 36 -2.51 -44.72 18.63
CA VAL D 36 -1.51 -45.75 18.34
C VAL D 36 -0.10 -45.18 18.49
N ASP D 37 0.08 -43.91 18.13
CA ASP D 37 1.34 -43.22 18.43
C ASP D 37 1.59 -43.13 19.93
N LEU D 38 0.60 -42.61 20.68
CA LEU D 38 0.81 -42.37 22.11
C LEU D 38 1.12 -43.67 22.85
N ALA D 39 0.45 -44.76 22.46
CA ALA D 39 0.61 -46.02 23.18
C ALA D 39 2.07 -46.46 23.19
N ALA D 40 2.80 -46.20 22.10
CA ALA D 40 4.22 -46.52 22.07
C ALA D 40 5.00 -45.74 23.12
N GLU D 41 4.70 -44.45 23.25
CA GLU D 41 5.42 -43.61 24.21
C GLU D 41 5.09 -44.01 25.65
N ILE D 42 3.87 -44.52 25.86
CA ILE D 42 3.53 -45.06 27.17
C ILE D 42 4.30 -46.35 27.44
N ALA D 43 4.15 -47.34 26.56
CA ALA D 43 4.76 -48.65 26.79
C ALA D 43 6.29 -48.56 26.89
N LYS D 44 6.92 -47.70 26.09
CA LYS D 44 8.37 -47.53 26.17
C LYS D 44 8.83 -46.93 27.49
N HIS D 45 7.92 -46.39 28.30
CA HIS D 45 8.25 -46.03 29.68
C HIS D 45 7.57 -46.92 30.70
N CYS D 46 6.79 -47.91 30.27
CA CYS D 46 6.08 -48.77 31.21
C CYS D 46 6.39 -50.25 31.03
N GLY D 47 7.19 -50.62 30.02
CA GLY D 47 7.89 -51.89 30.05
C GLY D 47 7.17 -53.07 29.43
N PHE D 48 6.42 -52.87 28.36
CA PHE D 48 5.68 -53.97 27.76
C PHE D 48 5.48 -53.74 26.26
N LYS D 49 5.21 -54.84 25.55
CA LYS D 49 4.62 -54.84 24.23
C LYS D 49 3.12 -55.09 24.35
N TYR D 50 2.39 -54.79 23.26
CA TYR D 50 0.95 -54.63 23.39
C TYR D 50 0.26 -54.97 22.08
N LYS D 51 -0.94 -55.53 22.19
CA LYS D 51 -1.77 -55.93 21.07
C LYS D 51 -3.03 -55.07 21.03
N LEU D 52 -3.30 -54.44 19.90
CA LEU D 52 -4.45 -53.55 19.78
C LEU D 52 -5.73 -54.34 19.55
N THR D 53 -6.84 -53.74 19.99
CA THR D 53 -8.18 -54.28 19.80
C THR D 53 -9.16 -53.12 19.65
N ILE D 54 -10.29 -53.40 19.00
CA ILE D 54 -11.38 -52.43 18.83
C ILE D 54 -12.56 -52.89 19.68
N VAL D 55 -13.18 -51.93 20.39
CA VAL D 55 -14.30 -52.25 21.25
C VAL D 55 -15.48 -52.76 20.43
N GLY D 56 -16.26 -53.66 21.03
CA GLY D 56 -17.26 -54.40 20.27
C GLY D 56 -18.39 -53.52 19.75
N ASP D 57 -18.95 -52.67 20.61
CA ASP D 57 -20.15 -51.92 20.25
C ASP D 57 -19.87 -50.54 19.64
N GLY D 58 -18.62 -50.11 19.58
CA GLY D 58 -18.33 -48.82 18.98
C GLY D 58 -18.86 -47.61 19.73
N LYS D 59 -19.17 -47.75 21.02
CA LYS D 59 -19.58 -46.62 21.83
C LYS D 59 -18.67 -46.45 23.04
N TYR D 60 -18.53 -45.21 23.48
CA TYR D 60 -17.65 -44.90 24.61
C TYR D 60 -18.04 -45.69 25.85
N GLY D 61 -19.28 -45.54 26.30
CA GLY D 61 -19.82 -46.38 27.35
C GLY D 61 -20.74 -45.65 28.31
N ALA D 62 -21.67 -46.40 28.90
CA ALA D 62 -22.66 -45.85 29.81
C ALA D 62 -23.17 -46.98 30.70
N ARG D 63 -23.90 -46.61 31.74
CA ARG D 63 -24.57 -47.56 32.61
C ARG D 63 -26.08 -47.50 32.36
N ASP D 64 -26.66 -48.66 32.04
CA ASP D 64 -28.11 -48.76 31.86
C ASP D 64 -28.83 -48.34 33.13
N ALA D 65 -29.80 -47.42 32.98
CA ALA D 65 -30.60 -47.05 34.15
C ALA D 65 -31.47 -48.21 34.62
N ASP D 66 -31.84 -49.13 33.72
CA ASP D 66 -32.67 -50.27 34.10
C ASP D 66 -31.85 -51.36 34.78
N THR D 67 -31.07 -52.10 33.99
CA THR D 67 -30.37 -53.28 34.48
C THR D 67 -29.12 -52.94 35.29
N LYS D 68 -28.62 -51.71 35.21
CA LYS D 68 -27.36 -51.29 35.80
C LYS D 68 -26.17 -52.08 35.24
N ILE D 69 -26.34 -52.64 34.05
CA ILE D 69 -25.20 -53.18 33.29
C ILE D 69 -24.36 -52.03 32.76
N TRP D 70 -23.04 -52.17 32.86
CA TRP D 70 -22.12 -51.32 32.12
C TRP D 70 -21.87 -51.90 30.75
N ASN D 71 -21.85 -51.03 29.74
CA ASN D 71 -21.43 -51.37 28.39
C ASN D 71 -20.44 -50.35 27.89
N GLY D 72 -19.72 -50.72 26.83
CA GLY D 72 -18.59 -49.94 26.37
C GLY D 72 -17.32 -50.22 27.15
N MET D 73 -16.28 -49.45 26.79
CA MET D 73 -14.91 -49.80 27.19
C MET D 73 -14.76 -49.88 28.70
N VAL D 74 -15.40 -48.97 29.44
CA VAL D 74 -15.38 -49.04 30.89
C VAL D 74 -15.97 -50.36 31.38
N GLY D 75 -17.12 -50.77 30.80
CA GLY D 75 -17.70 -52.05 31.14
C GLY D 75 -16.81 -53.23 30.80
N GLU D 76 -16.15 -53.18 29.64
CA GLU D 76 -15.22 -54.23 29.24
C GLU D 76 -14.03 -54.33 30.18
N LEU D 77 -13.59 -53.20 30.74
CA LEU D 77 -12.60 -53.26 31.81
C LEU D 77 -13.19 -53.86 33.09
N VAL D 78 -14.39 -53.42 33.48
CA VAL D 78 -15.02 -53.92 34.69
C VAL D 78 -15.25 -55.41 34.61
N TYR D 79 -15.61 -55.92 33.44
CA TYR D 79 -15.75 -57.35 33.23
C TYR D 79 -14.46 -58.02 32.78
N GLY D 80 -13.36 -57.28 32.68
CA GLY D 80 -12.05 -57.87 32.60
C GLY D 80 -11.67 -58.46 31.27
N LYS D 81 -12.20 -57.93 30.17
CA LYS D 81 -11.85 -58.40 28.84
C LYS D 81 -10.58 -57.71 28.33
N ALA D 82 -10.63 -56.39 28.21
CA ALA D 82 -9.47 -55.61 27.79
C ALA D 82 -8.59 -55.27 28.98
N ASP D 83 -7.34 -54.93 28.69
CA ASP D 83 -6.35 -54.62 29.71
C ASP D 83 -6.20 -53.14 30.00
N ILE D 84 -6.29 -52.29 28.98
CA ILE D 84 -6.01 -50.86 29.15
C ILE D 84 -6.75 -50.11 28.05
N ALA D 85 -7.21 -48.90 28.36
CA ALA D 85 -8.02 -48.11 27.45
C ALA D 85 -7.31 -46.80 27.14
N ILE D 86 -7.09 -46.54 25.85
CA ILE D 86 -6.36 -45.37 25.37
C ILE D 86 -7.25 -44.73 24.31
N ALA D 87 -8.04 -43.74 24.71
CA ALA D 87 -9.13 -43.27 23.88
C ALA D 87 -9.56 -41.89 24.37
N PRO D 88 -10.30 -41.13 23.54
CA PRO D 88 -10.84 -39.84 23.99
C PRO D 88 -12.03 -39.99 24.93
N LEU D 89 -11.91 -40.84 25.94
CA LEU D 89 -12.95 -40.97 26.95
C LEU D 89 -13.01 -39.72 27.81
N THR D 90 -14.18 -39.11 27.88
CA THR D 90 -14.38 -37.92 28.71
C THR D 90 -14.41 -38.29 30.20
N ILE D 91 -13.59 -37.59 30.98
CA ILE D 91 -13.56 -37.76 32.42
C ILE D 91 -14.80 -37.14 33.05
N THR D 92 -15.47 -37.87 33.93
CA THR D 92 -16.72 -37.44 34.53
C THR D 92 -16.84 -38.03 35.93
N LEU D 93 -17.77 -37.47 36.70
CA LEU D 93 -18.03 -37.93 38.07
C LEU D 93 -18.26 -39.43 38.15
N VAL D 94 -19.29 -39.93 37.47
CA VAL D 94 -19.76 -41.30 37.69
C VAL D 94 -18.68 -42.31 37.33
N ARG D 95 -17.83 -41.98 36.37
CA ARG D 95 -16.81 -42.92 35.92
C ARG D 95 -15.73 -43.15 36.98
N GLU D 96 -15.50 -42.15 37.83
CA GLU D 96 -14.57 -42.30 38.96
C GLU D 96 -15.03 -43.34 39.97
N GLU D 97 -16.29 -43.77 39.93
CA GLU D 97 -16.72 -44.83 40.83
C GLU D 97 -16.09 -46.17 40.51
N VAL D 98 -15.61 -46.38 39.28
CA VAL D 98 -15.27 -47.73 38.83
C VAL D 98 -13.87 -47.83 38.24
N ILE D 99 -13.23 -46.73 37.83
CA ILE D 99 -11.85 -46.76 37.33
C ILE D 99 -11.10 -45.54 37.81
N ASP D 100 -9.77 -45.65 37.78
CA ASP D 100 -8.83 -44.77 38.47
C ASP D 100 -8.03 -43.86 37.54
N PHE D 101 -8.70 -42.96 36.82
CA PHE D 101 -8.04 -42.17 35.78
C PHE D 101 -6.80 -41.47 36.32
N SER D 102 -5.83 -41.28 35.44
CA SER D 102 -4.67 -40.43 35.71
C SER D 102 -5.09 -38.96 35.67
N LYS D 103 -4.11 -38.08 35.87
CA LYS D 103 -4.26 -36.70 35.44
C LYS D 103 -4.55 -36.62 33.94
N PRO D 104 -5.22 -35.57 33.48
CA PRO D 104 -5.60 -35.50 32.07
C PRO D 104 -4.42 -35.17 31.18
N PHE D 105 -4.48 -35.68 29.94
CA PHE D 105 -3.45 -35.36 28.95
C PHE D 105 -3.78 -34.14 28.08
N MET D 106 -5.05 -33.74 27.99
CA MET D 106 -5.39 -32.57 27.18
C MET D 106 -6.73 -31.99 27.64
N SER D 107 -6.75 -30.66 27.77
CA SER D 107 -7.92 -29.88 28.12
C SER D 107 -8.71 -29.45 26.89
N LEU D 108 -9.99 -29.14 27.10
CA LEU D 108 -10.90 -28.85 26.00
C LEU D 108 -12.10 -28.08 26.55
N GLY D 109 -12.92 -27.56 25.65
CA GLY D 109 -14.15 -26.91 26.06
C GLY D 109 -15.15 -26.71 24.94
N ILE D 110 -16.36 -26.33 25.34
CA ILE D 110 -17.40 -25.92 24.40
C ILE D 110 -16.95 -24.71 23.60
N SER D 111 -17.22 -24.73 22.29
CA SER D 111 -16.71 -23.68 21.41
C SER D 111 -17.67 -23.46 20.25
N ILE D 112 -17.62 -22.24 19.71
CA ILE D 112 -18.50 -21.78 18.64
C ILE D 112 -17.89 -22.18 17.29
N MET D 113 -18.76 -22.52 16.33
CA MET D 113 -18.39 -22.64 14.93
C MET D 113 -19.18 -21.66 14.09
N ILE D 114 -18.51 -21.04 13.11
CA ILE D 114 -19.14 -20.13 12.17
C ILE D 114 -18.53 -20.34 10.78
N LYS D 115 -19.33 -20.11 9.75
CA LYS D 115 -18.85 -20.20 8.38
C LYS D 115 -17.83 -19.10 8.10
N LYS D 116 -16.77 -19.45 7.37
CA LYS D 116 -15.69 -18.50 7.08
C LYS D 116 -16.20 -17.39 6.16
N PRO D 117 -16.13 -16.13 6.57
CA PRO D 117 -16.85 -15.01 5.93
C PRO D 117 -16.18 -14.45 4.67
N GLN D 118 -16.43 -15.11 3.54
CA GLN D 118 -16.35 -14.39 2.27
C GLN D 118 -17.37 -13.27 2.28
N LYS D 119 -16.99 -12.11 1.76
CA LYS D 119 -17.56 -10.86 2.25
C LYS D 119 -17.93 -9.90 1.13
N SER D 120 -18.90 -9.04 1.44
CA SER D 120 -19.32 -7.87 0.68
C SER D 120 -20.01 -8.17 -0.65
N LYS D 121 -20.87 -7.23 -1.06
CA LYS D 121 -21.34 -6.99 -2.42
C LYS D 121 -21.56 -5.49 -2.51
N PRO D 122 -21.46 -4.90 -3.71
CA PRO D 122 -21.71 -3.46 -3.81
C PRO D 122 -23.18 -3.12 -3.59
N GLY D 123 -23.47 -2.49 -2.45
CA GLY D 123 -24.81 -2.01 -2.18
C GLY D 123 -25.25 -0.87 -3.07
N VAL D 124 -26.57 -0.70 -3.10
CA VAL D 124 -27.25 0.16 -4.08
C VAL D 124 -26.65 1.56 -4.13
N PHE D 125 -26.17 2.07 -3.00
CA PHE D 125 -25.62 3.42 -2.93
C PHE D 125 -24.20 3.42 -2.36
N SER D 126 -23.47 2.32 -2.54
CA SER D 126 -22.15 2.15 -1.95
C SER D 126 -21.25 3.37 -2.14
N PHE D 127 -21.37 4.04 -3.30
CA PHE D 127 -20.48 5.14 -3.65
C PHE D 127 -20.43 6.24 -2.61
N LEU D 128 -21.52 6.46 -1.87
CA LEU D 128 -21.54 7.54 -0.89
C LEU D 128 -20.86 7.18 0.43
N ASP D 129 -20.60 5.90 0.69
CA ASP D 129 -20.12 5.45 2.00
C ASP D 129 -18.74 5.94 2.43
N PRO D 130 -17.81 6.31 1.52
CA PRO D 130 -16.50 6.81 1.98
C PRO D 130 -16.55 8.07 2.85
N LEU D 131 -17.70 8.74 2.97
CA LEU D 131 -17.83 9.86 3.90
C LEU D 131 -18.88 9.54 4.96
N ALA D 132 -18.64 10.02 6.18
CA ALA D 132 -19.54 9.77 7.29
C ALA D 132 -20.93 10.36 7.04
N TYR D 133 -21.94 9.61 7.50
CA TYR D 133 -23.35 9.93 7.27
C TYR D 133 -23.67 11.39 7.60
N GLU D 134 -23.12 11.90 8.70
CA GLU D 134 -23.35 13.30 9.11
C GLU D 134 -22.82 14.31 8.09
N ILE D 135 -21.71 13.99 7.43
CA ILE D 135 -21.03 15.00 6.62
C ILE D 135 -21.92 15.46 5.48
N TRP D 136 -22.54 14.51 4.79
CA TRP D 136 -23.47 14.85 3.72
C TRP D 136 -24.54 15.85 4.18
N MET D 137 -25.23 15.53 5.27
CA MET D 137 -26.28 16.41 5.79
C MET D 137 -25.74 17.50 6.72
N CYS D 138 -24.48 17.84 6.61
CA CYS D 138 -23.98 19.12 7.12
C CYS D 138 -23.45 20.01 5.99
N ILE D 139 -22.94 19.40 4.93
CA ILE D 139 -22.58 20.16 3.74
C ILE D 139 -23.79 20.95 3.25
N VAL D 140 -24.95 20.28 3.18
CA VAL D 140 -26.17 20.92 2.69
C VAL D 140 -26.54 22.12 3.57
N PHE D 141 -26.23 22.06 4.86
CA PHE D 141 -26.46 23.21 5.74
C PHE D 141 -25.54 24.37 5.39
N ALA D 142 -24.24 24.09 5.23
CA ALA D 142 -23.32 25.17 4.85
C ALA D 142 -23.69 25.73 3.48
N TYR D 143 -24.18 24.87 2.59
CA TYR D 143 -24.68 25.29 1.28
C TYR D 143 -25.86 26.23 1.41
N ILE D 144 -26.86 25.88 2.22
CA ILE D 144 -27.96 26.80 2.50
C ILE D 144 -27.44 28.14 3.00
N GLY D 145 -26.50 28.08 3.95
CA GLY D 145 -25.90 29.29 4.49
C GLY D 145 -25.33 30.24 3.46
N VAL D 146 -24.32 29.77 2.72
CA VAL D 146 -23.70 30.60 1.70
C VAL D 146 -24.72 31.03 0.65
N SER D 147 -25.60 30.11 0.25
CA SER D 147 -26.58 30.38 -0.80
C SER D 147 -27.48 31.54 -0.43
N VAL D 148 -27.97 31.57 0.80
CA VAL D 148 -28.91 32.61 1.16
C VAL D 148 -28.17 33.90 1.52
N VAL D 149 -27.06 33.81 2.25
CA VAL D 149 -26.41 35.04 2.70
C VAL D 149 -25.77 35.79 1.54
N LEU D 150 -25.46 35.11 0.44
CA LEU D 150 -25.03 35.83 -0.76
C LEU D 150 -26.10 36.79 -1.25
N PHE D 151 -27.31 36.29 -1.52
CA PHE D 151 -28.35 37.16 -2.01
C PHE D 151 -28.73 38.20 -0.96
N LEU D 152 -28.77 37.79 0.31
CA LEU D 152 -29.14 38.67 1.42
C LEU D 152 -28.04 39.64 1.81
N VAL D 153 -26.93 39.71 1.06
CA VAL D 153 -25.95 40.78 1.23
C VAL D 153 -25.74 41.57 -0.06
N SER D 154 -25.78 40.92 -1.22
CA SER D 154 -25.57 41.57 -2.51
C SER D 154 -26.88 41.89 -3.22
N ARG D 155 -26.93 43.09 -3.83
CA ARG D 155 -28.13 43.69 -4.40
C ARG D 155 -29.21 43.99 -3.35
N PHE D 156 -28.82 44.05 -2.07
CA PHE D 156 -29.81 44.30 -1.00
C PHE D 156 -30.54 45.64 -1.21
N SER D 157 -29.90 46.64 -1.81
CA SER D 157 -30.59 47.79 -2.40
C SER D 157 -31.59 48.57 -1.54
N PRO D 158 -31.21 48.97 -0.33
CA PRO D 158 -32.18 49.71 0.50
C PRO D 158 -32.53 51.08 -0.06
N TYR D 159 -31.54 51.79 -0.63
CA TYR D 159 -31.78 53.12 -1.18
C TYR D 159 -30.91 53.37 -2.40
N SER D 175 -26.86 50.56 -0.84
CA SER D 175 -26.94 51.33 -2.06
C SER D 175 -26.14 50.67 -3.19
N GLU D 176 -25.62 49.48 -2.91
CA GLU D 176 -25.00 48.65 -3.95
C GLU D 176 -26.06 48.23 -4.96
N SER D 177 -26.01 48.82 -6.15
CA SER D 177 -27.18 48.95 -7.02
C SER D 177 -26.78 48.70 -8.47
N THR D 178 -26.03 47.62 -8.71
CA THR D 178 -25.56 47.35 -10.07
C THR D 178 -25.76 45.91 -10.50
N ASN D 179 -25.65 44.96 -9.59
CA ASN D 179 -25.59 43.57 -10.01
C ASN D 179 -26.98 43.01 -10.34
N GLU D 180 -26.96 41.87 -11.04
CA GLU D 180 -28.14 41.21 -11.59
C GLU D 180 -28.80 40.25 -10.59
N PHE D 181 -28.14 39.98 -9.47
CA PHE D 181 -28.40 38.79 -8.67
C PHE D 181 -29.83 38.73 -8.13
N GLY D 182 -30.24 37.52 -7.77
CA GLY D 182 -31.51 37.24 -7.14
C GLY D 182 -31.48 35.85 -6.55
N ILE D 183 -32.50 35.57 -5.72
CA ILE D 183 -32.50 34.36 -4.88
C ILE D 183 -32.21 33.11 -5.69
N PHE D 184 -33.01 32.84 -6.71
CA PHE D 184 -32.81 31.61 -7.49
C PHE D 184 -31.51 31.66 -8.29
N ASN D 185 -31.08 32.85 -8.69
CA ASN D 185 -29.76 32.99 -9.30
C ASN D 185 -28.65 32.73 -8.30
N SER D 186 -28.84 33.11 -7.03
CA SER D 186 -27.86 32.80 -6.00
C SER D 186 -27.79 31.30 -5.72
N LEU D 187 -28.94 30.62 -5.70
CA LEU D 187 -28.94 29.16 -5.64
C LEU D 187 -28.19 28.55 -6.82
N TRP D 188 -28.48 29.04 -8.04
CA TRP D 188 -27.79 28.52 -9.22
C TRP D 188 -26.29 28.71 -9.12
N PHE D 189 -25.83 29.92 -8.78
CA PHE D 189 -24.41 30.15 -8.59
C PHE D 189 -23.84 29.23 -7.53
N SER D 190 -24.62 28.93 -6.48
CA SER D 190 -24.11 28.08 -5.41
C SER D 190 -23.86 26.67 -5.91
N LEU D 191 -24.82 26.13 -6.66
CA LEU D 191 -24.76 24.72 -7.01
C LEU D 191 -23.49 24.44 -7.81
N GLY D 192 -23.24 25.24 -8.85
CA GLY D 192 -22.02 25.09 -9.61
C GLY D 192 -20.79 25.28 -8.75
N ALA D 193 -20.90 26.11 -7.70
CA ALA D 193 -19.80 26.34 -6.78
C ALA D 193 -19.59 25.21 -5.79
N PHE D 194 -20.50 24.24 -5.75
CA PHE D 194 -20.16 22.94 -5.17
C PHE D 194 -19.69 21.94 -6.21
N MET D 195 -20.05 22.14 -7.47
CA MET D 195 -19.42 21.44 -8.59
C MET D 195 -18.11 22.11 -8.98
N GLN D 196 -17.69 21.97 -10.24
CA GLN D 196 -16.52 22.68 -10.71
C GLN D 196 -16.68 23.32 -12.09
N GLN D 197 -17.87 23.29 -12.69
CA GLN D 197 -18.11 24.02 -13.92
C GLN D 197 -18.07 25.53 -13.65
N GLY D 198 -17.56 26.28 -14.63
CA GLY D 198 -17.25 27.68 -14.38
C GLY D 198 -18.48 28.49 -14.06
N CYS D 199 -18.34 29.37 -13.07
CA CYS D 199 -19.39 30.28 -12.66
C CYS D 199 -19.79 31.22 -13.79
N ASP D 200 -21.07 31.23 -14.11
CA ASP D 200 -21.59 31.89 -15.30
C ASP D 200 -22.08 33.31 -15.03
N ILE D 201 -22.02 33.76 -13.77
CA ILE D 201 -22.38 35.13 -13.38
C ILE D 201 -21.38 35.57 -12.32
N SER D 202 -21.28 36.89 -12.14
CA SER D 202 -20.25 37.45 -11.28
C SER D 202 -20.84 38.12 -10.06
N PRO D 203 -20.58 37.59 -8.86
CA PRO D 203 -20.99 38.26 -7.62
C PRO D 203 -20.19 39.53 -7.34
N ARG D 204 -20.02 40.39 -8.35
CA ARG D 204 -18.98 41.40 -8.28
C ARG D 204 -19.23 42.43 -7.19
N SER D 205 -18.71 42.15 -6.00
CA SER D 205 -18.53 43.08 -4.91
C SER D 205 -17.47 42.49 -4.00
N LEU D 206 -16.84 43.34 -3.19
CA LEU D 206 -15.82 42.84 -2.28
C LEU D 206 -16.39 41.81 -1.31
N SER D 207 -17.63 42.04 -0.85
CA SER D 207 -18.32 41.04 -0.05
C SER D 207 -18.52 39.75 -0.85
N GLY D 208 -19.10 39.85 -2.04
CA GLY D 208 -19.33 38.65 -2.83
C GLY D 208 -18.05 37.92 -3.19
N ARG D 209 -16.98 38.67 -3.42
CA ARG D 209 -15.68 38.05 -3.68
C ARG D 209 -15.20 37.26 -2.47
N ILE D 210 -15.36 37.82 -1.27
CA ILE D 210 -15.00 37.08 -0.06
C ILE D 210 -15.90 35.85 0.10
N VAL D 211 -17.19 35.99 -0.22
CA VAL D 211 -18.13 34.87 -0.16
C VAL D 211 -17.69 33.70 -1.05
N GLY D 212 -17.22 34.01 -2.27
CA GLY D 212 -16.64 32.96 -3.09
C GLY D 212 -15.31 32.43 -2.55
N GLY D 213 -14.47 33.32 -2.06
CA GLY D 213 -13.09 33.03 -1.71
C GLY D 213 -12.88 32.11 -0.53
N VAL D 214 -13.94 31.46 -0.05
CA VAL D 214 -13.80 30.41 0.95
C VAL D 214 -14.63 29.20 0.57
N TRP D 215 -15.84 29.42 0.06
CA TRP D 215 -16.66 28.30 -0.41
C TRP D 215 -15.96 27.52 -1.53
N TRP D 216 -15.21 28.21 -2.39
CA TRP D 216 -14.32 27.50 -3.32
C TRP D 216 -13.32 26.61 -2.60
N PHE D 217 -12.53 27.20 -1.70
CA PHE D 217 -11.48 26.44 -1.01
C PHE D 217 -12.08 25.23 -0.29
N PHE D 218 -13.24 25.42 0.33
CA PHE D 218 -13.93 24.35 1.03
C PHE D 218 -14.29 23.19 0.08
N THR D 219 -14.84 23.51 -1.09
CA THR D 219 -15.09 22.46 -2.08
C THR D 219 -13.81 21.77 -2.50
N LEU D 220 -12.75 22.55 -2.76
CA LEU D 220 -11.50 22.00 -3.25
C LEU D 220 -10.84 21.10 -2.22
N ILE D 221 -11.00 21.41 -0.94
CA ILE D 221 -10.52 20.54 0.12
C ILE D 221 -11.32 19.23 0.16
N ILE D 222 -12.66 19.33 0.17
CA ILE D 222 -13.45 18.14 0.44
C ILE D 222 -13.35 17.14 -0.70
N ILE D 223 -13.50 17.61 -1.95
CA ILE D 223 -13.48 16.64 -3.04
C ILE D 223 -12.10 15.97 -3.14
N SER D 224 -11.04 16.70 -2.78
CA SER D 224 -9.71 16.11 -2.70
C SER D 224 -9.63 15.03 -1.62
N SER D 225 -10.20 15.31 -0.45
CA SER D 225 -10.18 14.32 0.62
C SER D 225 -10.95 13.07 0.23
N TYR D 226 -12.12 13.24 -0.40
CA TYR D 226 -12.87 12.10 -0.90
C TYR D 226 -12.06 11.27 -1.89
N THR D 227 -11.41 11.95 -2.84
CA THR D 227 -10.62 11.23 -3.85
C THR D 227 -9.40 10.54 -3.25
N ALA D 228 -8.87 11.07 -2.15
CA ALA D 228 -7.86 10.35 -1.39
C ALA D 228 -8.44 9.11 -0.72
N ASN D 229 -9.53 9.26 0.02
CA ASN D 229 -10.05 8.17 0.85
C ASN D 229 -10.57 7.01 0.01
N LEU D 230 -11.08 7.29 -1.19
CA LEU D 230 -11.50 6.23 -2.11
C LEU D 230 -10.38 5.32 -2.60
N ALA D 231 -9.14 5.58 -2.20
CA ALA D 231 -8.05 4.63 -2.41
C ALA D 231 -8.04 3.47 -1.41
N ALA D 232 -8.39 3.73 -0.15
CA ALA D 232 -8.19 2.75 0.92
C ALA D 232 -8.94 1.45 0.67
N PHE D 233 -10.26 1.54 0.44
CA PHE D 233 -11.07 0.35 0.19
C PHE D 233 -10.61 -0.45 -1.04
N LEU D 234 -9.96 0.19 -2.00
CA LEU D 234 -9.48 -0.50 -3.19
C LEU D 234 -8.08 -1.07 -3.07
N THR D 235 -7.41 -0.94 -1.93
CA THR D 235 -6.00 -1.31 -1.85
C THR D 235 -5.58 -2.03 -0.58
N VAL D 236 -6.38 -2.05 0.48
CA VAL D 236 -5.97 -2.74 1.70
C VAL D 236 -7.17 -3.44 2.35
N GLU D 237 -7.70 -4.44 1.66
CA GLU D 237 -8.83 -5.19 2.20
C GLU D 237 -8.39 -6.10 3.35
N ARG D 238 -9.23 -6.15 4.40
CA ARG D 238 -9.07 -7.14 5.46
C ARG D 238 -10.42 -7.44 6.11
N MET D 239 -11.00 -6.42 6.75
CA MET D 239 -12.37 -6.43 7.25
C MET D 239 -12.75 -7.65 8.09
N VAL D 240 -12.26 -7.70 9.33
CA VAL D 240 -12.85 -8.59 10.32
C VAL D 240 -14.21 -8.02 10.74
N SER D 241 -15.20 -8.89 10.93
CA SER D 241 -16.54 -8.36 11.14
C SER D 241 -17.51 -9.25 11.93
N PRO D 242 -17.75 -10.51 11.52
CA PRO D 242 -19.05 -11.14 11.81
C PRO D 242 -19.49 -11.15 13.27
N ILE D 243 -18.65 -11.59 14.20
CA ILE D 243 -19.04 -11.62 15.60
C ILE D 243 -17.81 -11.72 16.50
N GLU D 244 -17.42 -10.61 17.14
CA GLU D 244 -16.06 -10.50 17.64
C GLU D 244 -15.84 -11.41 18.85
N SER D 245 -16.80 -11.45 19.78
CA SER D 245 -16.55 -12.08 21.07
C SER D 245 -17.01 -13.53 21.14
N ALA D 246 -17.83 -13.97 20.18
CA ALA D 246 -18.57 -15.23 20.25
C ALA D 246 -19.54 -15.33 21.42
N GLU D 247 -19.43 -14.41 22.39
CA GLU D 247 -20.45 -14.30 23.43
C GLU D 247 -21.63 -13.46 22.98
N ASP D 248 -21.38 -12.23 22.51
CA ASP D 248 -22.43 -11.24 22.34
C ASP D 248 -23.45 -11.61 21.27
N LEU D 249 -23.15 -12.57 20.40
CA LEU D 249 -24.17 -13.13 19.52
C LEU D 249 -25.34 -13.72 20.29
N SER D 250 -25.16 -14.03 21.58
CA SER D 250 -26.29 -14.37 22.45
C SER D 250 -27.34 -13.28 22.50
N LYS D 251 -26.93 -12.01 22.39
CA LYS D 251 -27.79 -10.87 22.67
C LYS D 251 -28.46 -10.31 21.42
N GLN D 252 -28.68 -11.14 20.41
CA GLN D 252 -29.31 -10.69 19.17
C GLN D 252 -30.23 -11.79 18.65
N THR D 253 -31.06 -11.43 17.67
CA THR D 253 -32.15 -12.30 17.23
C THR D 253 -32.13 -12.57 15.73
N GLU D 254 -31.11 -12.12 15.02
CA GLU D 254 -31.00 -12.41 13.59
C GLU D 254 -30.25 -13.72 13.36
N ILE D 255 -29.05 -13.84 13.93
CA ILE D 255 -28.24 -15.04 13.79
C ILE D 255 -28.78 -16.11 14.73
N ALA D 256 -29.10 -17.28 14.19
CA ALA D 256 -29.61 -18.38 15.00
C ALA D 256 -28.45 -19.18 15.57
N TYR D 257 -28.70 -19.81 16.72
CA TYR D 257 -27.71 -20.68 17.33
C TYR D 257 -28.41 -21.82 18.07
N GLY D 258 -27.70 -22.92 18.22
CA GLY D 258 -28.25 -24.12 18.82
C GLY D 258 -27.15 -25.12 19.11
N THR D 259 -27.57 -26.35 19.42
CA THR D 259 -26.63 -27.36 19.88
C THR D 259 -26.92 -28.69 19.20
N LEU D 260 -25.92 -29.56 19.25
CA LEU D 260 -26.14 -30.99 19.12
C LEU D 260 -27.09 -31.47 20.21
N ASP D 261 -27.91 -32.47 19.86
CA ASP D 261 -28.87 -33.06 20.77
C ASP D 261 -28.30 -34.32 21.41
N SER D 262 -29.07 -34.89 22.35
CA SER D 262 -28.81 -36.22 22.89
C SER D 262 -27.43 -36.31 23.53
N GLY D 263 -27.01 -35.26 24.21
CA GLY D 263 -25.70 -35.28 24.85
C GLY D 263 -25.55 -34.21 25.91
N SER D 264 -24.43 -34.31 26.62
CA SER D 264 -24.14 -33.47 27.78
C SER D 264 -24.12 -31.98 27.45
N THR D 265 -23.87 -31.61 26.19
CA THR D 265 -23.89 -30.19 25.82
C THR D 265 -25.23 -29.55 26.12
N LYS D 266 -26.33 -30.27 25.89
CA LYS D 266 -27.66 -29.78 26.28
C LYS D 266 -27.78 -29.66 27.80
N GLU D 267 -27.35 -30.70 28.52
CA GLU D 267 -27.42 -30.68 29.98
C GLU D 267 -26.67 -29.49 30.56
N PHE D 268 -25.54 -29.11 29.97
CA PHE D 268 -24.78 -27.97 30.47
C PHE D 268 -25.63 -26.70 30.51
N PHE D 269 -26.37 -26.43 29.43
CA PHE D 269 -27.29 -25.29 29.43
C PHE D 269 -28.44 -25.50 30.40
N ARG D 270 -29.09 -26.68 30.34
CA ARG D 270 -30.23 -26.95 31.20
C ARG D 270 -29.91 -26.72 32.67
N ARG D 271 -28.72 -27.11 33.09
CA ARG D 271 -28.30 -27.06 34.49
C ARG D 271 -28.00 -25.65 34.99
N SER D 272 -27.72 -24.70 34.11
CA SER D 272 -26.89 -23.56 34.50
C SER D 272 -27.59 -22.67 35.51
N LYS D 273 -26.77 -22.07 36.38
CA LYS D 273 -27.11 -20.91 37.21
C LYS D 273 -27.17 -19.60 36.45
N ILE D 274 -26.54 -19.51 35.28
CA ILE D 274 -25.99 -18.25 34.78
C ILE D 274 -26.97 -17.59 33.83
N ALA D 275 -27.19 -16.28 34.02
CA ALA D 275 -28.20 -15.52 33.31
C ALA D 275 -28.04 -15.62 31.80
N VAL D 276 -26.82 -15.35 31.29
CA VAL D 276 -26.58 -15.40 29.86
C VAL D 276 -26.93 -16.78 29.28
N PHE D 277 -26.48 -17.85 29.95
CA PHE D 277 -26.78 -19.20 29.46
C PHE D 277 -28.28 -19.51 29.52
N ASP D 278 -28.95 -19.06 30.58
CA ASP D 278 -30.42 -19.24 30.63
C ASP D 278 -31.12 -18.46 29.53
N LYS D 279 -30.68 -17.22 29.29
CA LYS D 279 -31.21 -16.40 28.20
C LYS D 279 -31.06 -17.10 26.85
N MET D 280 -29.93 -17.77 26.63
CA MET D 280 -29.74 -18.55 25.42
C MET D 280 -30.64 -19.78 25.38
N TRP D 281 -30.64 -20.56 26.46
CA TRP D 281 -31.48 -21.77 26.52
C TRP D 281 -32.96 -21.45 26.30
N THR D 282 -33.44 -20.32 26.82
CA THR D 282 -34.83 -19.91 26.61
C THR D 282 -35.17 -19.84 25.13
N TYR D 283 -34.29 -19.25 24.31
CA TYR D 283 -34.50 -19.25 22.87
C TYR D 283 -34.33 -20.65 22.29
N MET D 284 -33.23 -21.32 22.65
CA MET D 284 -32.92 -22.62 22.06
C MET D 284 -33.95 -23.69 22.38
N ARG D 285 -34.72 -23.53 23.47
CA ARG D 285 -35.82 -24.42 23.76
C ARG D 285 -37.15 -23.96 23.17
N SER D 286 -37.19 -22.77 22.57
CA SER D 286 -38.41 -22.22 22.00
C SER D 286 -38.28 -21.91 20.51
N ALA D 287 -37.07 -21.89 19.97
CA ALA D 287 -36.87 -21.60 18.55
C ALA D 287 -37.57 -22.61 17.66
N GLU D 288 -37.96 -22.15 16.47
CA GLU D 288 -38.51 -22.98 15.42
C GLU D 288 -38.04 -22.40 14.09
N PRO D 289 -37.91 -23.22 13.04
CA PRO D 289 -38.06 -24.68 12.97
C PRO D 289 -36.97 -25.43 13.71
N SER D 290 -37.06 -26.77 13.74
CA SER D 290 -36.24 -27.65 14.57
C SER D 290 -34.77 -27.23 14.64
N VAL D 291 -34.36 -26.77 15.81
CA VAL D 291 -33.07 -26.12 15.99
C VAL D 291 -31.98 -27.14 16.31
N PHE D 292 -32.31 -28.24 16.96
CA PHE D 292 -31.33 -29.26 17.31
C PHE D 292 -31.06 -30.17 16.12
N VAL D 293 -29.95 -30.90 16.22
CA VAL D 293 -29.54 -31.90 15.24
C VAL D 293 -29.10 -33.15 15.97
N ARG D 294 -29.26 -34.30 15.31
CA ARG D 294 -28.99 -35.58 15.94
C ARG D 294 -27.54 -36.01 15.85
N THR D 295 -26.78 -35.51 14.86
CA THR D 295 -25.43 -35.98 14.62
C THR D 295 -24.56 -34.81 14.17
N THR D 296 -23.24 -35.02 14.32
CA THR D 296 -22.24 -34.07 13.83
C THR D 296 -22.42 -33.78 12.35
N ALA D 297 -22.68 -34.82 11.56
CA ALA D 297 -22.86 -34.64 10.12
C ALA D 297 -24.05 -33.76 9.79
N GLU D 298 -25.18 -33.95 10.50
CA GLU D 298 -26.35 -33.10 10.24
C GLU D 298 -26.09 -31.66 10.65
N GLY D 299 -25.32 -31.45 11.71
CA GLY D 299 -24.89 -30.11 12.06
C GLY D 299 -24.04 -29.45 10.99
N VAL D 300 -22.94 -30.11 10.61
CA VAL D 300 -22.09 -29.56 9.56
C VAL D 300 -22.88 -29.31 8.28
N ALA D 301 -23.80 -30.22 7.93
CA ALA D 301 -24.65 -30.02 6.76
C ALA D 301 -25.60 -28.85 6.91
N ARG D 302 -25.94 -28.46 8.14
CA ARG D 302 -26.76 -27.27 8.31
C ARG D 302 -25.92 -26.01 8.19
N VAL D 303 -24.78 -25.97 8.89
CA VAL D 303 -24.00 -24.75 9.02
C VAL D 303 -23.55 -24.23 7.67
N ARG D 304 -23.35 -25.12 6.69
CA ARG D 304 -22.97 -24.71 5.35
C ARG D 304 -24.12 -24.13 4.54
N LYS D 305 -25.37 -24.24 5.02
CA LYS D 305 -26.51 -23.83 4.21
C LYS D 305 -26.80 -22.33 4.32
N SER D 306 -27.46 -21.92 5.41
CA SER D 306 -27.79 -20.51 5.62
C SER D 306 -26.54 -19.79 6.10
N LYS D 307 -25.63 -19.53 5.15
CA LYS D 307 -24.28 -19.13 5.47
C LYS D 307 -24.25 -17.85 6.30
N GLY D 308 -23.47 -17.87 7.39
CA GLY D 308 -23.47 -16.80 8.37
C GLY D 308 -24.62 -16.76 9.34
N LYS D 309 -25.68 -17.52 9.11
CA LYS D 309 -26.92 -17.31 9.86
C LYS D 309 -27.15 -18.32 10.97
N TYR D 310 -26.65 -19.55 10.86
CA TYR D 310 -26.80 -20.56 11.89
C TYR D 310 -25.44 -20.84 12.52
N ALA D 311 -25.30 -20.50 13.79
CA ALA D 311 -24.11 -20.89 14.56
C ALA D 311 -24.33 -22.24 15.21
N TYR D 312 -23.23 -22.94 15.47
CA TYR D 312 -23.30 -24.31 15.98
C TYR D 312 -22.20 -24.50 17.02
N LEU D 313 -22.47 -25.34 18.01
CA LEU D 313 -21.57 -25.58 19.13
C LEU D 313 -21.15 -27.04 19.17
N LEU D 314 -19.86 -27.29 19.33
CA LEU D 314 -19.35 -28.64 19.52
C LEU D 314 -17.97 -28.59 20.15
N GLU D 315 -17.38 -29.78 20.29
CA GLU D 315 -16.08 -29.96 20.95
C GLU D 315 -14.96 -29.21 20.23
N SER D 316 -14.26 -28.36 20.98
CA SER D 316 -13.30 -27.44 20.37
C SER D 316 -12.20 -28.17 19.60
N THR D 317 -11.88 -29.40 20.00
CA THR D 317 -10.89 -30.19 19.27
C THR D 317 -11.39 -30.53 17.87
N MET D 318 -12.65 -30.96 17.76
CA MET D 318 -13.23 -31.22 16.45
C MET D 318 -13.45 -29.92 15.69
N ASN D 319 -13.82 -28.85 16.39
CA ASN D 319 -13.98 -27.55 15.75
C ASN D 319 -12.67 -27.12 15.07
N GLU D 320 -11.55 -27.21 15.78
CA GLU D 320 -10.26 -26.91 15.17
C GLU D 320 -9.93 -27.90 14.05
N TYR D 321 -10.25 -29.18 14.24
CA TYR D 321 -9.93 -30.20 13.24
C TYR D 321 -10.59 -29.88 11.91
N ILE D 322 -11.90 -29.59 11.93
CA ILE D 322 -12.67 -29.44 10.70
C ILE D 322 -12.14 -28.29 9.84
N GLU D 323 -11.65 -27.22 10.48
CA GLU D 323 -11.11 -26.10 9.72
C GLU D 323 -9.94 -26.50 8.84
N GLN D 324 -9.12 -27.45 9.28
CA GLN D 324 -7.87 -27.75 8.60
C GLN D 324 -8.07 -28.53 7.31
N ARG D 325 -9.29 -28.98 7.02
CA ARG D 325 -9.59 -29.73 5.80
C ARG D 325 -10.31 -28.84 4.79
N LYS D 326 -10.31 -29.28 3.53
CA LYS D 326 -11.17 -28.69 2.52
C LYS D 326 -12.63 -28.84 2.93
N PRO D 327 -13.50 -27.89 2.55
CA PRO D 327 -13.22 -26.65 1.81
C PRO D 327 -12.72 -25.49 2.66
N CYS D 328 -12.34 -25.75 3.90
CA CYS D 328 -11.84 -24.76 4.85
C CYS D 328 -12.84 -23.65 5.16
N ASP D 329 -14.11 -23.81 4.77
CA ASP D 329 -15.08 -22.73 4.89
C ASP D 329 -15.65 -22.60 6.29
N THR D 330 -14.89 -23.02 7.30
CA THR D 330 -15.32 -22.91 8.69
C THR D 330 -14.12 -22.63 9.58
N MET D 331 -14.36 -21.94 10.69
CA MET D 331 -13.27 -21.41 11.50
C MET D 331 -13.78 -21.16 12.92
N LYS D 332 -12.84 -21.07 13.86
CA LYS D 332 -13.12 -20.91 15.28
C LYS D 332 -13.05 -19.44 15.69
N VAL D 333 -13.79 -19.10 16.76
CA VAL D 333 -13.91 -17.75 17.27
C VAL D 333 -13.87 -17.78 18.79
N GLY D 334 -13.67 -16.60 19.38
CA GLY D 334 -13.85 -16.40 20.81
C GLY D 334 -13.03 -17.36 21.67
N GLY D 335 -13.67 -17.97 22.66
CA GLY D 335 -12.95 -18.87 23.54
C GLY D 335 -13.86 -19.82 24.28
N ASN D 336 -13.24 -20.67 25.10
CA ASN D 336 -13.94 -21.74 25.78
C ASN D 336 -14.83 -21.20 26.90
N LEU D 337 -16.02 -21.80 27.04
CA LEU D 337 -16.90 -21.49 28.16
C LEU D 337 -16.67 -22.38 29.38
N ASP D 338 -15.99 -23.51 29.22
CA ASP D 338 -15.76 -24.43 30.33
C ASP D 338 -14.49 -25.22 30.07
N SER D 339 -14.01 -25.91 31.09
CA SER D 339 -12.82 -26.74 31.00
C SER D 339 -13.15 -28.19 31.34
N LYS D 340 -12.90 -29.09 30.39
CA LYS D 340 -12.93 -30.53 30.63
C LYS D 340 -11.77 -31.15 29.87
N GLY D 341 -11.52 -32.44 30.13
CA GLY D 341 -10.35 -33.08 29.56
C GLY D 341 -10.46 -34.59 29.50
N TYR D 342 -9.68 -35.18 28.60
CA TYR D 342 -9.59 -36.61 28.44
C TYR D 342 -8.42 -37.15 29.26
N GLY D 343 -8.46 -38.45 29.54
CA GLY D 343 -7.42 -39.08 30.33
C GLY D 343 -7.28 -40.54 30.00
N ILE D 344 -6.11 -41.08 30.34
CA ILE D 344 -5.90 -42.52 30.27
C ILE D 344 -6.73 -43.21 31.34
N ALA D 345 -7.23 -44.40 31.00
CA ALA D 345 -8.10 -45.17 31.89
C ALA D 345 -7.59 -46.60 32.01
N THR D 346 -7.65 -47.14 33.21
CA THR D 346 -7.17 -48.47 33.54
C THR D 346 -8.21 -49.15 34.41
N PRO D 347 -8.23 -50.48 34.44
CA PRO D 347 -9.06 -51.18 35.43
C PRO D 347 -8.72 -50.75 36.85
N LYS D 348 -9.71 -50.88 37.73
CA LYS D 348 -9.51 -50.61 39.15
C LYS D 348 -8.39 -51.48 39.71
N GLY D 349 -7.48 -50.84 40.47
CA GLY D 349 -6.43 -51.56 41.16
C GLY D 349 -5.39 -52.20 40.27
N SER D 350 -5.29 -51.78 39.01
CA SER D 350 -4.22 -52.25 38.14
C SER D 350 -2.85 -51.91 38.75
N SER D 351 -1.90 -52.83 38.55
CA SER D 351 -0.51 -52.54 38.88
C SER D 351 0.07 -51.40 38.03
N LEU D 352 -0.52 -51.15 36.86
CA LEU D 352 -0.09 -50.06 36.00
C LEU D 352 -0.51 -48.68 36.52
N GLY D 353 -1.36 -48.62 37.54
CA GLY D 353 -1.92 -47.37 37.98
C GLY D 353 -0.91 -46.33 38.45
N THR D 354 0.27 -46.76 38.86
CA THR D 354 1.38 -45.83 39.13
C THR D 354 2.25 -45.49 37.92
N PRO D 355 2.80 -46.46 37.16
CA PRO D 355 3.73 -46.05 36.10
C PRO D 355 3.10 -45.24 34.99
N VAL D 356 1.90 -45.62 34.53
CA VAL D 356 1.24 -44.85 33.47
C VAL D 356 0.92 -43.45 33.97
N ASN D 357 0.39 -43.35 35.20
CA ASN D 357 0.04 -42.07 35.79
C ASN D 357 1.26 -41.15 35.87
N LEU D 358 2.40 -41.68 36.31
CA LEU D 358 3.62 -40.88 36.28
C LEU D 358 3.99 -40.51 34.85
N ALA D 359 3.98 -41.49 33.94
CA ALA D 359 4.52 -41.29 32.61
C ALA D 359 3.81 -40.16 31.88
N VAL D 360 2.48 -40.07 32.06
CA VAL D 360 1.72 -39.05 31.35
C VAL D 360 2.21 -37.66 31.73
N LEU D 361 2.65 -37.48 32.98
CA LEU D 361 3.22 -36.19 33.37
C LEU D 361 4.47 -35.89 32.55
N LYS D 362 5.38 -36.86 32.48
CA LYS D 362 6.64 -36.69 31.77
C LYS D 362 6.41 -36.30 30.31
N LEU D 363 5.50 -37.02 29.64
CA LEU D 363 5.19 -36.73 28.24
C LEU D 363 4.62 -35.32 28.04
N SER D 364 4.04 -34.71 29.06
CA SER D 364 3.58 -33.34 29.00
C SER D 364 4.65 -32.33 29.40
N GLU D 365 5.44 -32.63 30.43
CA GLU D 365 6.47 -31.71 30.89
C GLU D 365 7.58 -31.51 29.87
N GLN D 366 7.83 -32.49 29.01
CA GLN D 366 8.80 -32.33 27.93
C GLN D 366 8.15 -32.12 26.56
N GLY D 367 6.88 -31.68 26.54
CA GLY D 367 6.27 -31.23 25.30
C GLY D 367 6.00 -32.27 24.25
N VAL D 368 6.18 -33.56 24.56
CA VAL D 368 5.99 -34.61 23.57
C VAL D 368 4.55 -34.58 23.05
N LEU D 369 3.58 -34.46 23.97
CA LEU D 369 2.19 -34.35 23.56
C LEU D 369 1.96 -33.12 22.69
N ASP D 370 2.62 -32.00 23.01
CA ASP D 370 2.48 -30.80 22.19
C ASP D 370 3.02 -31.03 20.79
N LYS D 371 4.17 -31.68 20.68
CA LYS D 371 4.72 -32.05 19.38
C LYS D 371 3.77 -32.92 18.58
N LEU D 372 3.20 -33.95 19.22
CA LEU D 372 2.25 -34.82 18.53
C LEU D 372 0.99 -34.09 18.11
N LYS D 373 0.52 -33.15 18.93
CA LYS D 373 -0.62 -32.32 18.53
C LYS D 373 -0.28 -31.44 17.34
N ASN D 374 0.90 -30.82 17.36
CA ASN D 374 1.37 -30.04 16.22
C ASN D 374 1.38 -30.88 14.96
N LYS D 375 1.90 -32.11 15.07
CA LYS D 375 1.86 -33.06 13.95
C LYS D 375 0.44 -33.26 13.44
N TRP D 376 -0.43 -33.80 14.29
CA TRP D 376 -1.73 -34.31 13.88
C TRP D 376 -2.80 -33.23 13.79
N TRP D 377 -2.42 -31.95 13.89
CA TRP D 377 -3.33 -30.88 13.50
C TRP D 377 -2.74 -29.87 12.52
N TYR D 378 -1.43 -29.85 12.29
CA TYR D 378 -0.85 -28.87 11.39
C TYR D 378 0.14 -29.47 10.40
N ASP D 379 0.96 -30.43 10.85
CA ASP D 379 1.97 -30.99 9.94
C ASP D 379 1.40 -32.10 9.07
N LYS D 380 0.26 -32.67 9.43
CA LYS D 380 -0.65 -33.28 8.48
C LYS D 380 -1.88 -32.41 8.25
N GLY D 381 -1.79 -31.12 8.58
CA GLY D 381 -2.74 -30.15 8.10
C GLY D 381 -2.68 -29.95 6.60
N GLU D 382 -3.72 -29.31 6.08
CA GLU D 382 -3.98 -29.36 4.64
C GLU D 382 -4.57 -28.05 4.12
N CYS D 383 -4.45 -26.94 4.86
CA CYS D 383 -5.02 -25.68 4.40
C CYS D 383 -4.11 -24.51 4.76
N GLY D 384 -4.14 -23.50 3.89
CA GLY D 384 -3.37 -22.28 4.06
C GLY D 384 -4.22 -21.06 4.37
N ALA D 385 -5.45 -21.30 4.84
CA ALA D 385 -6.46 -20.25 4.89
C ALA D 385 -5.99 -19.04 5.69
N LYS D 386 -5.39 -19.28 6.85
CA LYS D 386 -4.81 -18.20 7.64
C LYS D 386 -3.67 -17.49 6.91
N ASP D 387 -3.03 -18.14 5.93
CA ASP D 387 -1.78 -17.68 5.36
C ASP D 387 -1.92 -17.24 3.91
N SER D 388 -3.14 -17.13 3.40
CA SER D 388 -3.43 -17.03 1.96
C SER D 388 -3.15 -15.65 1.39
N GLY D 389 -2.14 -14.94 1.90
CA GLY D 389 -1.82 -13.58 1.48
C GLY D 389 -1.08 -13.46 0.16
N SER D 390 -0.91 -14.57 -0.56
CA SER D 390 -0.12 -14.56 -1.79
C SER D 390 -0.81 -13.82 -2.93
N LYS D 391 -2.14 -13.84 -2.96
CA LYS D 391 -2.88 -13.32 -4.11
C LYS D 391 -2.73 -11.81 -4.23
N GLU D 392 -2.80 -11.32 -5.48
CA GLU D 392 -3.00 -9.91 -5.74
C GLU D 392 -4.31 -9.40 -5.13
N LYS D 393 -4.23 -8.24 -4.48
CA LYS D 393 -5.23 -7.86 -3.49
C LYS D 393 -6.58 -7.54 -4.12
N THR D 394 -6.59 -6.86 -5.27
CA THR D 394 -7.82 -6.36 -5.89
C THR D 394 -7.57 -6.15 -7.38
N SER D 395 -8.68 -5.99 -8.11
CA SER D 395 -8.60 -5.70 -9.54
C SER D 395 -9.92 -5.11 -10.02
N ALA D 396 -9.86 -4.49 -11.20
CA ALA D 396 -11.00 -4.08 -12.00
C ALA D 396 -12.01 -3.19 -11.29
N LEU D 397 -13.23 -3.14 -11.80
CA LEU D 397 -14.40 -2.62 -11.10
C LEU D 397 -15.63 -3.25 -11.76
N SER D 398 -16.83 -2.77 -11.40
CA SER D 398 -18.03 -3.19 -12.12
C SER D 398 -19.04 -2.05 -12.19
N LEU D 399 -19.92 -2.16 -13.19
CA LEU D 399 -21.06 -1.26 -13.33
C LEU D 399 -21.93 -1.18 -12.08
N SER D 400 -22.10 -2.31 -11.39
CA SER D 400 -22.90 -2.34 -10.17
C SER D 400 -22.34 -1.42 -9.09
N ASN D 401 -21.04 -1.13 -9.12
CA ASN D 401 -20.48 -0.17 -8.18
C ASN D 401 -21.02 1.23 -8.38
N VAL D 402 -21.15 1.69 -9.63
CA VAL D 402 -21.47 3.09 -9.90
C VAL D 402 -22.98 3.32 -10.11
N ALA D 403 -23.78 2.25 -10.17
CA ALA D 403 -25.22 2.37 -10.47
C ALA D 403 -25.93 3.41 -9.62
N GLY D 404 -25.49 3.58 -8.37
CA GLY D 404 -26.07 4.58 -7.48
C GLY D 404 -26.04 6.00 -8.01
N VAL D 405 -25.17 6.28 -8.98
CA VAL D 405 -25.25 7.56 -9.67
C VAL D 405 -26.26 7.49 -10.80
N PHE D 406 -26.20 6.42 -11.59
CA PHE D 406 -26.98 6.33 -12.82
C PHE D 406 -28.47 6.44 -12.51
N TYR D 407 -28.93 5.78 -11.44
CA TYR D 407 -30.34 5.89 -11.07
C TYR D 407 -30.73 7.35 -10.85
N ILE D 408 -29.96 8.07 -10.01
CA ILE D 408 -30.40 9.41 -9.64
C ILE D 408 -30.29 10.34 -10.84
N LEU D 409 -29.38 10.04 -11.77
CA LEU D 409 -29.33 10.75 -13.04
C LEU D 409 -30.64 10.59 -13.82
N VAL D 410 -31.09 9.34 -13.98
CA VAL D 410 -32.33 9.12 -14.71
C VAL D 410 -33.53 9.70 -13.96
N GLY D 411 -33.48 9.71 -12.63
CA GLY D 411 -34.44 10.40 -11.80
C GLY D 411 -34.56 11.87 -12.12
N GLY D 412 -33.42 12.57 -12.08
CA GLY D 412 -33.40 13.99 -12.37
C GLY D 412 -33.87 14.30 -13.78
N LEU D 413 -33.42 13.52 -14.77
CA LEU D 413 -33.86 13.72 -16.14
C LEU D 413 -35.36 13.47 -16.32
N GLY D 414 -35.91 12.46 -15.66
CA GLY D 414 -37.35 12.27 -15.68
C GLY D 414 -38.10 13.40 -14.99
N LEU D 415 -37.53 13.93 -13.90
CA LEU D 415 -38.21 14.98 -13.14
C LEU D 415 -38.26 16.29 -13.89
N ALA D 416 -37.18 16.66 -14.58
CA ALA D 416 -37.07 17.99 -15.18
C ALA D 416 -38.24 18.34 -16.11
N MET D 417 -38.81 17.35 -16.80
CA MET D 417 -39.94 17.61 -17.68
C MET D 417 -41.18 18.15 -16.95
N LEU D 418 -41.31 17.85 -15.66
CA LEU D 418 -42.48 18.29 -14.90
C LEU D 418 -42.67 19.80 -14.95
N VAL D 419 -41.57 20.56 -14.80
CA VAL D 419 -41.66 22.02 -14.81
C VAL D 419 -42.20 22.53 -16.14
N ALA D 420 -41.78 21.92 -17.25
CA ALA D 420 -42.32 22.29 -18.54
C ALA D 420 -43.79 21.91 -18.67
N LEU D 421 -44.18 20.72 -18.20
CA LEU D 421 -45.58 20.33 -18.34
C LEU D 421 -46.50 21.19 -17.48
N ILE D 422 -46.07 21.55 -16.27
CA ILE D 422 -46.86 22.47 -15.45
C ILE D 422 -46.91 23.87 -16.04
N GLU D 423 -45.84 24.31 -16.73
CA GLU D 423 -45.95 25.57 -17.46
C GLU D 423 -46.94 25.45 -18.61
N PHE D 424 -46.91 24.33 -19.33
CA PHE D 424 -47.86 24.07 -20.41
C PHE D 424 -49.30 24.20 -19.95
N CYS D 425 -49.64 23.51 -18.86
CA CYS D 425 -51.02 23.55 -18.41
C CYS D 425 -51.39 24.85 -17.72
N TYR D 426 -50.46 25.50 -17.01
CA TYR D 426 -50.75 26.85 -16.54
C TYR D 426 -51.06 27.79 -17.69
N LYS D 427 -50.29 27.69 -18.79
CA LYS D 427 -50.51 28.44 -20.01
C LYS D 427 -51.53 27.77 -20.93
N SER D 428 -52.35 26.85 -20.42
CA SER D 428 -53.33 26.16 -21.25
C SER D 428 -54.66 25.95 -20.54
N ARG D 429 -54.95 26.74 -19.50
CA ARG D 429 -56.18 26.59 -18.74
C ARG D 429 -56.63 27.93 -18.16
N ARG E 1 -6.25 62.69 -6.04
CA ARG E 1 -5.67 63.90 -5.49
C ARG E 1 -5.66 63.87 -3.97
N GLY E 2 -5.48 65.03 -3.35
CA GLY E 2 -5.31 65.11 -1.92
C GLY E 2 -3.90 64.81 -1.45
N VAL E 3 -3.78 64.66 -0.12
CA VAL E 3 -2.49 64.49 0.53
C VAL E 3 -1.78 63.21 0.10
N GLN E 4 -2.53 62.21 -0.39
CA GLN E 4 -1.98 60.89 -0.65
C GLN E 4 -0.75 60.93 -1.54
N MET E 5 -0.65 61.95 -2.41
CA MET E 5 0.57 62.21 -3.16
C MET E 5 1.83 62.15 -2.30
N LEU E 6 1.77 62.73 -1.09
CA LEU E 6 2.95 62.80 -0.23
C LEU E 6 3.21 61.51 0.56
N LEU E 7 2.16 60.73 0.84
CA LEU E 7 2.32 59.51 1.63
C LEU E 7 3.19 58.46 0.93
N THR E 8 3.39 58.59 -0.38
CA THR E 8 4.44 57.85 -1.08
C THR E 8 5.78 57.86 -0.35
N THR E 9 6.21 59.03 0.14
CA THR E 9 7.49 59.13 0.83
C THR E 9 7.50 58.33 2.13
N VAL E 10 6.39 58.35 2.85
CA VAL E 10 6.28 57.58 4.09
C VAL E 10 6.32 56.09 3.79
N GLY E 11 5.56 55.65 2.79
CA GLY E 11 5.59 54.26 2.38
C GLY E 11 6.97 53.79 1.96
N ALA E 12 7.68 54.60 1.17
CA ALA E 12 9.05 54.27 0.78
C ALA E 12 9.99 54.19 1.97
N PHE E 13 9.96 55.20 2.84
CA PHE E 13 10.81 55.19 4.03
C PHE E 13 10.57 53.96 4.89
N ALA E 14 9.31 53.60 5.11
CA ALA E 14 9.01 52.40 5.89
C ALA E 14 9.47 51.14 5.18
N ALA E 15 9.26 51.06 3.86
CA ALA E 15 9.72 49.89 3.11
C ALA E 15 11.21 49.70 3.24
N PHE E 16 11.98 50.80 3.15
CA PHE E 16 13.43 50.69 3.08
C PHE E 16 14.06 50.48 4.45
N SER E 17 13.62 51.21 5.48
CA SER E 17 14.36 51.31 6.73
C SER E 17 14.52 49.97 7.45
N LEU E 18 13.55 49.06 7.29
CA LEU E 18 13.60 47.78 8.00
C LEU E 18 14.73 46.86 7.54
N MET E 19 15.21 47.00 6.30
CA MET E 19 15.92 45.90 5.66
C MET E 19 17.32 45.67 6.24
N THR E 20 17.95 46.72 6.79
CA THR E 20 19.35 46.62 7.21
C THR E 20 19.60 45.51 8.23
N ILE E 21 18.60 45.11 9.00
CA ILE E 21 18.78 44.08 10.02
C ILE E 21 19.15 42.75 9.37
N ALA E 22 18.58 42.47 8.20
CA ALA E 22 18.62 41.13 7.61
C ALA E 22 20.01 40.76 7.13
N VAL E 23 20.77 41.74 6.62
CA VAL E 23 21.98 41.50 5.84
C VAL E 23 23.19 41.28 6.75
N GLY E 24 22.97 40.68 7.91
CA GLY E 24 24.10 40.42 8.79
C GLY E 24 23.85 40.01 10.23
N THR E 25 22.74 40.42 10.83
CA THR E 25 22.48 39.99 12.19
C THR E 25 22.17 38.49 12.23
N ASP E 26 22.44 37.88 13.38
CA ASP E 26 22.40 36.43 13.54
C ASP E 26 21.02 35.88 13.87
N TYR E 27 20.04 36.73 14.11
CA TYR E 27 18.70 36.31 14.53
C TYR E 27 17.84 35.77 13.38
N TRP E 28 18.46 35.00 12.48
CA TRP E 28 17.70 34.31 11.44
C TRP E 28 17.08 33.01 11.93
N LEU E 29 17.75 32.29 12.83
CA LEU E 29 17.36 30.91 13.13
C LEU E 29 17.84 30.54 14.51
N TYR E 30 16.98 29.85 15.26
CA TYR E 30 17.33 29.23 16.52
C TYR E 30 17.55 27.73 16.34
N SER E 31 18.66 27.22 16.87
CA SER E 31 18.97 25.80 16.83
C SER E 31 20.08 25.53 17.84
N ARG E 32 20.32 24.26 18.11
CA ARG E 32 21.58 23.86 18.73
C ARG E 32 22.71 23.81 17.72
N GLY E 33 23.92 24.06 18.21
CA GLY E 33 25.09 24.17 17.36
C GLY E 33 26.37 24.26 18.17
N VAL E 34 27.40 24.89 17.62
CA VAL E 34 28.70 25.00 18.27
C VAL E 34 29.32 26.35 17.95
N CYS E 35 30.15 26.84 18.88
CA CYS E 35 31.11 27.90 18.61
C CYS E 35 32.54 27.38 18.57
N LYS E 36 32.72 26.07 18.42
CA LYS E 36 34.03 25.47 18.29
C LYS E 36 34.79 25.99 17.08
N GLU E 51 27.77 20.48 22.22
CA GLU E 51 26.79 21.23 21.44
C GLU E 51 25.90 22.08 22.36
N VAL E 52 25.47 23.23 21.85
CA VAL E 52 24.93 24.29 22.69
C VAL E 52 23.90 25.06 21.87
N MET E 53 22.96 25.71 22.57
CA MET E 53 21.99 26.56 21.90
C MET E 53 22.68 27.67 21.12
N THR E 54 22.21 27.90 19.90
CA THR E 54 23.00 28.64 18.91
C THR E 54 22.05 29.42 18.02
N HIS E 55 22.55 30.54 17.48
CA HIS E 55 21.92 31.24 16.38
C HIS E 55 23.00 31.78 15.46
N SER E 56 22.67 31.95 14.18
CA SER E 56 23.65 32.21 13.14
C SER E 56 23.18 33.25 12.14
N GLY E 57 24.07 34.17 11.79
CA GLY E 57 23.86 35.05 10.65
C GLY E 57 24.42 34.48 9.35
N LEU E 58 24.51 35.35 8.35
CA LEU E 58 25.18 34.98 7.10
C LEU E 58 26.67 34.77 7.29
N TRP E 59 27.33 35.66 8.03
CA TRP E 59 28.78 35.70 8.08
C TRP E 59 29.36 35.13 9.38
N ARG E 60 28.54 34.94 10.41
CA ARG E 60 29.01 34.76 11.76
C ARG E 60 28.00 33.91 12.52
N THR E 61 28.38 33.51 13.73
CA THR E 61 27.54 32.67 14.57
C THR E 61 27.88 32.94 16.03
N CYS E 62 26.89 32.80 16.90
CA CYS E 62 27.09 33.02 18.33
C CYS E 62 26.30 31.99 19.13
N CYS E 63 26.73 31.79 20.37
CA CYS E 63 26.22 30.74 21.24
C CYS E 63 25.66 31.35 22.52
N LEU E 64 24.69 30.64 23.11
CA LEU E 64 23.98 31.13 24.28
C LEU E 64 23.63 29.94 25.18
N GLU E 65 23.38 30.25 26.46
CA GLU E 65 22.97 29.27 27.46
C GLU E 65 24.03 28.16 27.63
N GLY E 66 25.28 28.58 27.77
CA GLY E 66 26.34 27.62 28.00
C GLY E 66 27.65 28.33 28.29
N ASN E 67 28.72 27.54 28.34
CA ASN E 67 30.04 28.11 28.56
C ASN E 67 30.44 29.09 27.46
N PHE E 68 30.01 28.84 26.23
CA PHE E 68 30.18 29.76 25.12
C PHE E 68 29.12 30.88 25.08
N LYS E 69 28.39 31.12 26.16
CA LYS E 69 27.40 32.19 26.16
C LYS E 69 28.07 33.54 25.90
N GLY E 70 27.69 34.16 24.78
CA GLY E 70 28.28 35.40 24.33
C GLY E 70 29.52 35.25 23.47
N LEU E 71 30.01 34.03 23.29
CA LEU E 71 31.08 33.78 22.33
C LEU E 71 30.53 33.78 20.91
N CYS E 72 31.36 34.19 19.96
CA CYS E 72 30.96 34.21 18.56
C CYS E 72 32.10 33.73 17.68
N LYS E 73 31.75 33.30 16.48
CA LYS E 73 32.72 32.83 15.51
C LYS E 73 32.25 33.20 14.12
N GLN E 74 33.17 33.17 13.16
CA GLN E 74 32.84 33.21 11.75
C GLN E 74 32.09 31.95 11.33
N ILE E 75 31.35 32.07 10.22
CA ILE E 75 30.70 30.94 9.58
C ILE E 75 30.90 31.04 8.08
N ASP E 76 30.86 29.89 7.41
CA ASP E 76 31.45 29.76 6.09
C ASP E 76 30.76 28.63 5.35
N HIS E 77 30.98 28.58 4.04
CA HIS E 77 30.56 27.44 3.22
C HIS E 77 31.71 26.76 2.50
N PHE E 78 32.88 27.38 2.44
CA PHE E 78 34.05 26.75 1.84
C PHE E 78 35.18 26.58 2.86
N ALA E 89 24.14 23.16 -10.37
CA ALA E 89 24.46 22.10 -9.42
C ALA E 89 24.60 22.66 -8.01
N GLU E 90 24.81 21.75 -7.05
CA GLU E 90 24.95 22.17 -5.66
C GLU E 90 26.10 23.16 -5.47
N TYR E 91 27.17 23.03 -6.25
CA TYR E 91 28.27 23.98 -6.20
C TYR E 91 27.79 25.40 -6.49
N PHE E 92 27.06 25.56 -7.59
CA PHE E 92 26.51 26.88 -7.92
C PHE E 92 25.45 27.31 -6.91
N LEU E 93 24.63 26.37 -6.46
CA LEU E 93 23.62 26.69 -5.46
C LEU E 93 24.25 27.10 -4.13
N ARG E 94 25.30 26.39 -3.72
CA ARG E 94 26.10 26.81 -2.56
C ARG E 94 26.69 28.21 -2.75
N ALA E 95 27.25 28.49 -3.93
CA ALA E 95 27.79 29.82 -4.20
C ALA E 95 26.73 30.91 -4.12
N VAL E 96 25.54 30.66 -4.69
CA VAL E 96 24.44 31.61 -4.60
C VAL E 96 24.00 31.82 -3.16
N ARG E 97 23.86 30.72 -2.40
CA ARG E 97 23.50 30.84 -0.99
C ARG E 97 24.52 31.62 -0.19
N ALA E 98 25.81 31.40 -0.46
CA ALA E 98 26.86 32.09 0.29
C ALA E 98 27.01 33.55 -0.12
N SER E 99 26.76 33.89 -1.39
CA SER E 99 26.78 35.30 -1.79
C SER E 99 25.52 36.06 -1.41
N SER E 100 24.37 35.39 -1.33
CA SER E 100 23.15 35.95 -0.72
C SER E 100 22.75 37.28 -1.38
N ILE E 101 22.89 37.34 -2.71
CA ILE E 101 22.95 38.62 -3.41
C ILE E 101 21.61 39.35 -3.38
N PHE E 102 20.50 38.61 -3.35
CA PHE E 102 19.16 39.22 -3.42
C PHE E 102 18.86 40.25 -2.34
N PRO E 103 19.22 40.06 -1.06
CA PRO E 103 19.27 41.19 -0.13
C PRO E 103 19.87 42.48 -0.67
N ILE E 104 21.09 42.43 -1.20
CA ILE E 104 21.74 43.64 -1.70
C ILE E 104 21.00 44.21 -2.90
N LEU E 105 20.57 43.34 -3.82
CA LEU E 105 19.83 43.80 -4.99
C LEU E 105 18.55 44.53 -4.58
N SER E 106 17.72 43.89 -3.75
CA SER E 106 16.49 44.52 -3.28
C SER E 106 16.75 45.81 -2.53
N VAL E 107 17.83 45.86 -1.73
CA VAL E 107 18.20 47.12 -1.06
C VAL E 107 18.45 48.22 -2.07
N ILE E 108 19.28 47.93 -3.08
CA ILE E 108 19.59 48.92 -4.11
C ILE E 108 18.32 49.33 -4.84
N LEU E 109 17.44 48.38 -5.14
CA LEU E 109 16.22 48.70 -5.86
C LEU E 109 15.31 49.62 -5.05
N LEU E 110 15.09 49.29 -3.77
CA LEU E 110 14.29 50.15 -2.90
C LEU E 110 14.87 51.56 -2.78
N PHE E 111 16.19 51.65 -2.58
CA PHE E 111 16.85 52.95 -2.51
C PHE E 111 16.67 53.76 -3.80
N MET E 112 16.90 53.13 -4.95
CA MET E 112 16.70 53.82 -6.22
C MET E 112 15.24 54.20 -6.46
N GLY E 113 14.28 53.39 -6.01
CA GLY E 113 12.89 53.82 -6.01
C GLY E 113 12.64 55.06 -5.18
N GLY E 114 13.24 55.11 -3.98
CA GLY E 114 13.15 56.32 -3.17
C GLY E 114 13.73 57.53 -3.87
N LEU E 115 14.90 57.38 -4.48
CA LEU E 115 15.48 58.46 -5.29
C LEU E 115 14.61 58.84 -6.48
N CYS E 116 13.86 57.89 -7.02
CA CYS E 116 12.90 58.19 -8.09
C CYS E 116 11.74 59.04 -7.59
N ILE E 117 11.09 58.63 -6.49
CA ILE E 117 9.92 59.39 -6.05
C ILE E 117 10.29 60.80 -5.59
N ALA E 118 11.57 61.05 -5.31
CA ALA E 118 12.03 62.40 -4.97
C ALA E 118 12.04 63.35 -6.17
N ALA E 119 11.88 62.84 -7.40
CA ALA E 119 12.11 63.63 -8.60
C ALA E 119 11.02 64.68 -8.83
N SER E 120 11.04 65.74 -8.04
CA SER E 120 10.14 66.87 -8.22
C SER E 120 10.68 67.93 -9.17
N GLU E 121 12.00 67.98 -9.41
CA GLU E 121 12.66 69.12 -10.03
C GLU E 121 13.16 68.84 -11.45
N PHE E 122 12.79 67.71 -12.04
CA PHE E 122 13.06 67.51 -13.46
C PHE E 122 11.95 66.65 -14.07
N TYR E 123 11.84 66.72 -15.40
CA TYR E 123 10.68 66.21 -16.14
C TYR E 123 9.37 66.81 -15.64
N LYS E 124 9.45 68.00 -15.02
CA LYS E 124 8.39 68.58 -14.20
C LYS E 124 7.01 68.43 -14.82
N THR E 125 6.14 67.72 -14.11
CA THR E 125 4.74 67.43 -14.46
C THR E 125 4.58 66.42 -15.59
N ARG E 126 5.65 66.12 -16.33
CA ARG E 126 5.66 64.84 -17.06
C ARG E 126 6.12 63.69 -16.16
N HIS E 127 7.11 63.95 -15.32
CA HIS E 127 7.57 63.06 -14.25
C HIS E 127 7.80 61.63 -14.74
N ASN E 128 8.56 61.50 -15.83
CA ASN E 128 8.87 60.19 -16.41
C ASN E 128 9.53 59.28 -15.37
N ILE E 129 10.29 59.86 -14.46
CA ILE E 129 10.90 59.13 -13.36
C ILE E 129 9.83 58.54 -12.44
N ILE E 130 8.77 59.31 -12.16
CA ILE E 130 7.70 58.81 -11.32
C ILE E 130 6.95 57.68 -12.01
N LEU E 131 6.79 57.78 -13.34
CA LEU E 131 6.30 56.64 -14.11
C LEU E 131 7.19 55.41 -13.93
N SER E 132 8.51 55.59 -14.03
CA SER E 132 9.44 54.47 -13.91
C SER E 132 9.49 53.88 -12.50
N ALA E 133 9.15 54.66 -11.47
CA ALA E 133 9.45 54.27 -10.09
C ALA E 133 8.86 52.91 -9.70
N GLY E 134 7.72 52.53 -10.29
CA GLY E 134 7.13 51.24 -9.97
C GLY E 134 8.04 50.05 -10.23
N ILE E 135 8.91 50.16 -11.23
CA ILE E 135 9.81 49.07 -11.61
C ILE E 135 10.66 48.64 -10.42
N PHE E 136 11.19 49.60 -9.66
CA PHE E 136 12.01 49.27 -8.51
C PHE E 136 11.22 48.53 -7.45
N PHE E 137 10.05 49.04 -7.09
CA PHE E 137 9.27 48.41 -6.02
C PHE E 137 8.86 46.99 -6.40
N VAL E 138 8.45 46.79 -7.66
CA VAL E 138 8.12 45.45 -8.14
C VAL E 138 9.36 44.55 -8.08
N SER E 139 10.48 45.00 -8.64
CA SER E 139 11.63 44.11 -8.74
C SER E 139 12.17 43.77 -7.35
N ALA E 140 12.20 44.76 -6.45
CA ALA E 140 12.56 44.52 -5.06
C ALA E 140 11.64 43.51 -4.40
N GLY E 141 10.36 43.50 -4.79
CA GLY E 141 9.44 42.49 -4.33
C GLY E 141 9.84 41.11 -4.80
N LEU E 142 9.84 40.94 -6.13
CA LEU E 142 10.12 39.63 -6.73
C LEU E 142 11.47 39.06 -6.32
N SER E 143 12.48 39.93 -6.14
CA SER E 143 13.77 39.53 -5.58
C SER E 143 13.64 38.63 -4.35
N ASN E 144 12.80 39.02 -3.40
CA ASN E 144 12.87 38.38 -2.10
C ASN E 144 12.14 37.05 -2.07
N ILE E 145 11.29 36.75 -3.05
CA ILE E 145 10.71 35.41 -3.15
C ILE E 145 11.84 34.39 -3.37
N ILE E 146 12.66 34.64 -4.39
CA ILE E 146 13.82 33.78 -4.65
C ILE E 146 14.75 33.81 -3.45
N GLY E 147 15.05 35.00 -2.93
CA GLY E 147 15.93 35.09 -1.77
C GLY E 147 15.50 34.19 -0.63
N ILE E 148 14.22 34.29 -0.25
CA ILE E 148 13.66 33.46 0.81
C ILE E 148 13.78 31.99 0.48
N ILE E 149 13.34 31.59 -0.73
CA ILE E 149 13.27 30.17 -1.04
C ILE E 149 14.68 29.56 -1.09
N VAL E 150 15.65 30.28 -1.65
CA VAL E 150 17.04 29.87 -1.59
C VAL E 150 17.51 29.71 -0.15
N TYR E 151 17.27 30.74 0.67
CA TYR E 151 17.74 30.73 2.05
C TYR E 151 17.17 29.55 2.83
N ILE E 152 15.85 29.37 2.77
CA ILE E 152 15.18 28.30 3.51
C ILE E 152 15.63 26.94 3.00
N SER E 153 15.56 26.72 1.67
CA SER E 153 15.86 25.41 1.12
C SER E 153 17.31 24.99 1.37
N ALA E 154 18.24 25.94 1.31
CA ALA E 154 19.63 25.62 1.62
C ALA E 154 19.82 25.34 3.11
N ASN E 155 19.25 26.18 3.98
CA ASN E 155 19.42 26.00 5.41
C ASN E 155 18.81 24.69 5.90
N ALA E 156 17.74 24.22 5.26
CA ALA E 156 17.15 22.94 5.62
C ALA E 156 18.05 21.76 5.29
N GLY E 157 19.11 21.97 4.52
CA GLY E 157 19.97 20.88 4.06
C GLY E 157 20.53 20.01 5.17
N ASN E 167 11.25 18.92 15.12
CA ASN E 167 12.66 19.28 14.97
C ASN E 167 12.99 20.53 15.79
N SER E 168 11.97 21.05 16.48
CA SER E 168 12.12 22.08 17.51
C SER E 168 12.62 23.42 16.99
N TYR E 169 13.28 23.45 15.84
CA TYR E 169 13.83 24.71 15.33
C TYR E 169 12.70 25.64 14.93
N SER E 170 12.98 26.94 14.98
CA SER E 170 12.01 27.93 14.52
C SER E 170 12.72 29.16 13.99
N TYR E 171 12.00 29.88 13.13
CA TYR E 171 12.54 31.01 12.39
C TYR E 171 12.65 32.26 13.28
N GLY E 172 13.82 32.90 13.24
CA GLY E 172 14.04 34.10 14.02
C GLY E 172 13.46 35.35 13.37
N TRP E 173 13.36 36.40 14.18
CA TRP E 173 12.54 37.57 13.83
C TRP E 173 13.03 38.33 12.61
N SER E 174 14.30 38.18 12.22
CA SER E 174 14.79 38.86 11.02
C SER E 174 14.05 38.38 9.76
N PHE E 175 13.65 37.11 9.75
CA PHE E 175 12.79 36.60 8.68
C PHE E 175 11.46 37.35 8.64
N TYR E 176 10.86 37.57 9.81
CA TYR E 176 9.62 38.36 9.86
C TYR E 176 9.85 39.80 9.45
N PHE E 177 11.00 40.38 9.82
CA PHE E 177 11.30 41.75 9.40
C PHE E 177 11.40 41.85 7.88
N GLY E 178 12.09 40.89 7.25
CA GLY E 178 12.16 40.88 5.80
C GLY E 178 10.82 40.67 5.13
N ALA E 179 9.99 39.78 5.66
CA ALA E 179 8.62 39.63 5.17
C ALA E 179 7.82 40.92 5.30
N LEU E 180 7.92 41.60 6.44
CA LEU E 180 7.20 42.86 6.61
C LEU E 180 7.69 43.92 5.63
N SER E 181 9.01 44.03 5.43
CA SER E 181 9.55 44.93 4.42
C SER E 181 8.99 44.61 3.04
N PHE E 182 8.90 43.32 2.70
CA PHE E 182 8.25 42.90 1.46
C PHE E 182 6.80 43.38 1.40
N ILE E 183 6.05 43.23 2.49
CA ILE E 183 4.66 43.66 2.52
C ILE E 183 4.54 45.15 2.23
N ILE E 184 5.32 45.98 2.92
CA ILE E 184 5.24 47.43 2.64
C ILE E 184 5.74 47.78 1.24
N ALA E 185 6.75 47.08 0.73
CA ALA E 185 7.15 47.28 -0.66
C ALA E 185 6.02 46.98 -1.64
N GLU E 186 5.29 45.88 -1.41
CA GLU E 186 4.12 45.57 -2.23
C GLU E 186 3.00 46.58 -2.07
N MET E 187 2.88 47.18 -0.89
CA MET E 187 1.95 48.29 -0.72
C MET E 187 2.36 49.48 -1.57
N VAL E 188 3.59 49.96 -1.35
CA VAL E 188 4.01 51.25 -1.89
C VAL E 188 4.14 51.18 -3.41
N GLY E 189 4.45 50.01 -3.97
CA GLY E 189 4.52 49.93 -5.43
C GLY E 189 3.19 50.26 -6.08
N VAL E 190 2.14 49.57 -5.64
CA VAL E 190 0.79 49.81 -6.14
C VAL E 190 0.36 51.25 -5.86
N LEU E 191 0.62 51.71 -4.62
CA LEU E 191 0.25 53.08 -4.26
C LEU E 191 0.91 54.10 -5.20
N ALA E 192 2.22 53.99 -5.38
CA ALA E 192 2.97 54.92 -6.23
C ALA E 192 2.49 54.87 -7.68
N VAL E 193 2.19 53.68 -8.20
CA VAL E 193 1.66 53.59 -9.56
C VAL E 193 0.29 54.27 -9.66
N HIS E 194 -0.60 54.03 -8.69
CA HIS E 194 -1.87 54.75 -8.66
C HIS E 194 -1.67 56.26 -8.52
N MET E 195 -0.60 56.70 -7.86
CA MET E 195 -0.33 58.12 -7.74
C MET E 195 0.19 58.73 -9.04
N PHE E 196 1.02 57.99 -9.78
CA PHE E 196 1.33 58.42 -11.15
C PHE E 196 0.08 58.48 -12.03
N ILE E 197 -0.82 57.50 -11.89
CA ILE E 197 -2.07 57.53 -12.64
C ILE E 197 -2.89 58.76 -12.29
N ASP E 198 -2.93 59.12 -11.01
CA ASP E 198 -3.62 60.34 -10.58
C ASP E 198 -2.96 61.60 -11.14
N ARG E 199 -1.63 61.72 -10.98
CA ARG E 199 -0.95 62.96 -11.33
C ARG E 199 -0.85 63.18 -12.84
N HIS E 200 -0.70 62.13 -13.64
CA HIS E 200 -0.40 62.36 -15.05
C HIS E 200 -1.33 61.60 -15.98
N LYS E 201 -1.50 60.29 -15.76
CA LYS E 201 -2.29 59.48 -16.69
C LYS E 201 -3.72 59.99 -16.76
N GLN E 202 -4.28 60.39 -15.62
CA GLN E 202 -5.60 61.03 -15.59
C GLN E 202 -5.70 62.19 -16.57
N LEU E 203 -4.60 62.89 -16.84
CA LEU E 203 -4.61 63.99 -17.78
C LEU E 203 -4.50 63.53 -19.24
N THR E 204 -4.00 62.32 -19.48
CA THR E 204 -3.81 61.83 -20.83
C THR E 204 -5.06 61.19 -21.39
N GLY E 205 -5.94 60.67 -20.53
CA GLY E 205 -7.15 60.00 -20.99
C GLY E 205 -6.90 58.60 -21.53
N ARG F 1 2.60 45.35 -47.10
CA ARG F 1 2.47 44.94 -48.50
C ARG F 1 3.84 44.85 -49.17
N GLY F 2 3.93 44.02 -50.22
CA GLY F 2 5.17 43.85 -50.93
C GLY F 2 6.19 42.95 -50.24
N VAL F 3 6.94 43.54 -49.31
CA VAL F 3 8.07 42.85 -48.68
C VAL F 3 7.60 41.58 -47.97
N GLN F 4 6.45 41.66 -47.29
CA GLN F 4 5.90 40.47 -46.63
C GLN F 4 5.50 39.40 -47.63
N MET F 5 4.92 39.81 -48.76
CA MET F 5 4.54 38.85 -49.80
C MET F 5 5.77 38.20 -50.43
N LEU F 6 6.79 39.01 -50.75
CA LEU F 6 8.03 38.47 -51.30
C LEU F 6 8.71 37.50 -50.33
N LEU F 7 8.75 37.85 -49.04
CA LEU F 7 9.37 36.95 -48.07
C LEU F 7 8.57 35.66 -47.93
N THR F 8 7.25 35.76 -47.76
CA THR F 8 6.47 34.53 -47.64
C THR F 8 6.43 33.70 -48.93
N THR F 9 6.69 34.31 -50.09
CA THR F 9 6.91 33.58 -51.33
C THR F 9 8.36 33.23 -51.63
N VAL F 10 9.29 33.41 -50.68
CA VAL F 10 10.67 33.01 -50.97
C VAL F 10 11.25 32.13 -49.85
N GLY F 11 10.84 32.36 -48.61
CA GLY F 11 11.43 31.68 -47.46
C GLY F 11 11.03 30.24 -47.25
N ALA F 12 10.27 29.63 -48.16
CA ALA F 12 9.58 28.38 -47.89
C ALA F 12 10.46 27.13 -47.98
N PHE F 13 11.59 27.19 -48.70
CA PHE F 13 12.28 25.96 -49.10
C PHE F 13 12.92 25.21 -47.94
N ALA F 14 13.12 25.88 -46.80
CA ALA F 14 13.89 25.28 -45.72
C ALA F 14 13.25 24.01 -45.18
N ALA F 15 11.92 23.93 -45.19
CA ALA F 15 11.26 22.82 -44.50
C ALA F 15 11.58 21.49 -45.17
N PHE F 16 11.36 21.40 -46.50
CA PHE F 16 11.76 20.20 -47.21
C PHE F 16 13.28 20.06 -47.29
N SER F 17 14.02 21.17 -47.35
CA SER F 17 15.48 21.06 -47.39
C SER F 17 16.03 20.40 -46.12
N LEU F 18 15.38 20.65 -44.98
CA LEU F 18 15.68 19.91 -43.75
C LEU F 18 15.16 18.47 -43.80
N MET F 19 13.90 18.28 -44.19
CA MET F 19 13.28 16.96 -44.07
C MET F 19 13.93 15.92 -44.99
N THR F 20 14.31 16.31 -46.21
CA THR F 20 15.01 15.38 -47.09
C THR F 20 16.35 14.93 -46.52
N ILE F 21 17.02 15.79 -45.75
CA ILE F 21 18.23 15.38 -45.02
C ILE F 21 17.88 14.45 -43.87
N ALA F 22 16.86 14.83 -43.09
CA ALA F 22 16.46 14.03 -41.92
C ALA F 22 16.10 12.60 -42.31
N VAL F 23 15.21 12.44 -43.28
CA VAL F 23 14.84 11.11 -43.75
C VAL F 23 15.94 10.49 -44.62
N GLY F 24 16.78 11.31 -45.25
CA GLY F 24 17.92 10.80 -45.98
C GLY F 24 19.08 10.30 -45.14
N THR F 25 18.97 10.33 -43.82
CA THR F 25 20.05 9.89 -42.94
C THR F 25 19.48 9.07 -41.79
N ASP F 26 20.33 8.23 -41.22
CA ASP F 26 19.98 7.27 -40.18
C ASP F 26 20.77 7.52 -38.90
N TYR F 27 21.00 8.79 -38.58
CA TYR F 27 21.62 9.21 -37.33
C TYR F 27 20.58 9.58 -36.27
N TRP F 28 19.46 8.85 -36.24
CA TRP F 28 18.35 9.22 -35.37
C TRP F 28 18.58 8.73 -33.94
N LEU F 29 18.84 7.43 -33.78
CA LEU F 29 18.96 6.81 -32.47
C LEU F 29 20.36 6.24 -32.30
N TYR F 30 21.04 6.68 -31.25
CA TYR F 30 22.33 6.14 -30.86
C TYR F 30 22.14 5.22 -29.65
N SER F 31 22.71 4.03 -29.72
CA SER F 31 22.35 2.93 -28.83
C SER F 31 23.42 1.86 -28.96
N ARG F 32 23.15 0.68 -28.41
CA ARG F 32 24.00 -0.48 -28.57
C ARG F 32 23.27 -1.60 -29.30
N GLY F 33 24.00 -2.29 -30.19
CA GLY F 33 23.43 -3.37 -30.97
C GLY F 33 24.36 -3.90 -32.06
N VAL F 34 24.35 -5.22 -32.22
CA VAL F 34 25.23 -5.95 -33.12
C VAL F 34 24.85 -5.66 -34.57
N CYS F 35 25.70 -4.92 -35.29
CA CYS F 35 25.40 -4.58 -36.68
C CYS F 35 25.96 -5.62 -37.63
N LYS F 36 27.02 -6.31 -37.24
CA LYS F 36 27.76 -7.17 -38.15
C LYS F 36 26.93 -8.37 -38.56
N GLU F 51 28.56 -6.25 -25.97
CA GLU F 51 27.84 -5.13 -26.56
C GLU F 51 28.79 -4.21 -27.33
N VAL F 52 28.21 -3.41 -28.24
CA VAL F 52 28.95 -2.40 -28.98
C VAL F 52 27.98 -1.26 -29.28
N MET F 53 28.51 -0.04 -29.32
CA MET F 53 27.67 1.11 -29.61
C MET F 53 27.27 1.13 -31.09
N THR F 54 26.13 1.77 -31.36
CA THR F 54 25.63 1.89 -32.71
C THR F 54 24.76 3.14 -32.84
N HIS F 55 24.64 3.64 -34.05
CA HIS F 55 23.59 4.58 -34.41
C HIS F 55 22.71 3.98 -35.50
N SER F 56 21.44 4.36 -35.50
CA SER F 56 20.48 3.76 -36.41
C SER F 56 19.35 4.74 -36.70
N GLY F 57 18.67 4.51 -37.81
CA GLY F 57 17.44 5.21 -38.14
C GLY F 57 16.37 4.30 -38.68
N LEU F 58 15.59 4.80 -39.64
CA LEU F 58 14.49 4.00 -40.20
C LEU F 58 15.00 2.73 -40.88
N TRP F 59 16.19 2.78 -41.47
CA TRP F 59 16.63 1.75 -42.40
C TRP F 59 17.75 0.87 -41.87
N ARG F 60 18.82 1.48 -41.34
CA ARG F 60 20.06 0.76 -41.10
C ARG F 60 20.51 0.96 -39.65
N THR F 61 21.24 -0.01 -39.14
CA THR F 61 21.88 0.05 -37.82
C THR F 61 23.37 -0.07 -38.01
N CYS F 62 24.13 0.93 -37.56
CA CYS F 62 25.54 1.02 -37.88
C CYS F 62 26.36 1.28 -36.62
N CYS F 63 27.48 0.59 -36.48
CA CYS F 63 28.22 0.42 -35.23
C CYS F 63 29.41 1.36 -35.16
N LEU F 64 29.85 1.60 -33.92
CA LEU F 64 30.97 2.46 -33.60
C LEU F 64 31.48 2.00 -32.24
N GLU F 65 32.65 2.52 -31.84
CA GLU F 65 33.36 2.01 -30.67
C GLU F 65 33.70 0.52 -30.83
N GLY F 66 33.91 0.08 -32.07
CA GLY F 66 34.15 -1.34 -32.31
C GLY F 66 34.95 -1.55 -33.57
N ASN F 67 35.33 -2.82 -33.77
CA ASN F 67 36.26 -3.18 -34.83
C ASN F 67 35.73 -2.88 -36.23
N PHE F 68 34.51 -3.32 -36.53
CA PHE F 68 33.91 -3.02 -37.83
C PHE F 68 33.38 -1.59 -37.85
N LYS F 69 34.30 -0.65 -37.76
CA LYS F 69 34.00 0.78 -37.67
C LYS F 69 33.10 1.22 -38.82
N GLY F 70 31.88 1.64 -38.47
CA GLY F 70 30.95 2.17 -39.45
C GLY F 70 30.17 1.15 -40.25
N LEU F 71 30.46 -0.14 -40.11
CA LEU F 71 29.74 -1.14 -40.87
C LEU F 71 28.34 -1.33 -40.29
N CYS F 72 27.45 -1.92 -41.09
CA CYS F 72 26.02 -1.76 -40.83
C CYS F 72 25.28 -3.07 -41.07
N LYS F 73 24.05 -3.12 -40.56
CA LYS F 73 23.00 -4.02 -41.02
C LYS F 73 21.73 -3.21 -41.32
N GLN F 74 20.93 -3.71 -42.25
CA GLN F 74 19.57 -3.23 -42.37
C GLN F 74 18.70 -3.76 -41.24
N ILE F 75 17.54 -3.13 -41.06
CA ILE F 75 16.57 -3.57 -40.07
C ILE F 75 16.12 -5.00 -40.36
N ASP F 76 15.75 -5.72 -39.31
CA ASP F 76 15.05 -7.00 -39.41
C ASP F 76 13.60 -6.79 -39.00
N HIS F 77 12.67 -7.15 -39.89
CA HIS F 77 11.25 -7.12 -39.55
C HIS F 77 10.77 -8.40 -38.87
N PHE F 78 11.51 -9.49 -38.99
CA PHE F 78 11.03 -10.80 -38.55
C PHE F 78 12.14 -11.58 -37.85
N ALA F 89 -3.79 -6.41 -32.73
CA ALA F 89 -2.74 -7.38 -32.41
C ALA F 89 -1.37 -6.83 -32.78
N GLU F 90 -0.33 -7.32 -32.07
CA GLU F 90 1.03 -6.86 -32.33
C GLU F 90 1.41 -7.01 -33.79
N TYR F 91 0.96 -8.09 -34.44
CA TYR F 91 1.22 -8.31 -35.86
C TYR F 91 0.90 -7.07 -36.70
N PHE F 92 -0.15 -6.34 -36.33
CA PHE F 92 -0.52 -5.13 -37.07
C PHE F 92 0.42 -3.98 -36.77
N LEU F 93 0.95 -3.90 -35.54
CA LEU F 93 1.99 -2.92 -35.26
C LEU F 93 3.30 -3.25 -35.96
N ARG F 94 3.63 -4.55 -36.05
CA ARG F 94 4.78 -4.96 -36.85
C ARG F 94 4.64 -4.52 -38.31
N ALA F 95 3.46 -4.75 -38.90
CA ALA F 95 3.21 -4.28 -40.27
C ALA F 95 3.27 -2.76 -40.39
N VAL F 96 2.83 -2.04 -39.36
CA VAL F 96 2.97 -0.58 -39.36
C VAL F 96 4.45 -0.18 -39.36
N ARG F 97 5.24 -0.81 -38.48
CA ARG F 97 6.68 -0.55 -38.47
C ARG F 97 7.33 -1.02 -39.77
N ALA F 98 6.90 -2.17 -40.29
CA ALA F 98 7.49 -2.69 -41.51
C ALA F 98 7.22 -1.80 -42.72
N SER F 99 6.03 -1.17 -42.76
CA SER F 99 5.78 -0.22 -43.85
C SER F 99 6.40 1.15 -43.61
N SER F 100 6.34 1.67 -42.37
CA SER F 100 6.98 2.95 -42.03
C SER F 100 6.49 4.08 -42.91
N ILE F 101 5.27 3.96 -43.46
CA ILE F 101 4.84 4.78 -44.57
C ILE F 101 4.53 6.23 -44.16
N PHE F 102 4.11 6.45 -42.91
CA PHE F 102 3.68 7.80 -42.51
C PHE F 102 4.78 8.84 -42.62
N PRO F 103 6.01 8.63 -42.12
CA PRO F 103 7.10 9.57 -42.44
C PRO F 103 7.30 9.81 -43.93
N ILE F 104 7.31 8.75 -44.74
CA ILE F 104 7.61 8.93 -46.17
C ILE F 104 6.50 9.74 -46.84
N LEU F 105 5.25 9.52 -46.45
CA LEU F 105 4.14 10.35 -46.92
C LEU F 105 4.31 11.80 -46.49
N SER F 106 4.79 12.03 -45.28
CA SER F 106 5.11 13.40 -44.85
C SER F 106 6.17 14.04 -45.74
N VAL F 107 7.21 13.28 -46.09
CA VAL F 107 8.22 13.77 -47.04
C VAL F 107 7.59 14.09 -48.39
N ILE F 108 6.77 13.19 -48.90
CA ILE F 108 6.13 13.37 -50.21
C ILE F 108 5.29 14.65 -50.23
N LEU F 109 4.47 14.85 -49.20
CA LEU F 109 3.64 16.04 -49.12
C LEU F 109 4.46 17.31 -48.94
N LEU F 110 5.52 17.27 -48.12
CA LEU F 110 6.29 18.49 -47.89
C LEU F 110 7.14 18.86 -49.09
N PHE F 111 7.68 17.85 -49.79
CA PHE F 111 8.39 18.11 -51.05
C PHE F 111 7.46 18.60 -52.15
N MET F 112 6.20 18.17 -52.15
CA MET F 112 5.22 18.87 -52.99
C MET F 112 4.95 20.34 -52.56
N GLY F 113 5.67 20.88 -51.57
CA GLY F 113 5.80 22.33 -51.47
C GLY F 113 6.24 23.01 -52.74
N GLY F 114 6.99 22.31 -53.60
CA GLY F 114 7.29 22.84 -54.93
C GLY F 114 6.09 23.01 -55.83
N LEU F 115 5.01 22.28 -55.58
CA LEU F 115 3.72 22.55 -56.18
C LEU F 115 2.92 23.58 -55.40
N CYS F 116 3.07 23.57 -54.08
CA CYS F 116 2.32 24.50 -53.22
C CYS F 116 2.67 25.96 -53.50
N ILE F 117 3.97 26.27 -53.55
CA ILE F 117 4.43 27.62 -53.91
C ILE F 117 4.14 27.96 -55.37
N ALA F 118 4.20 26.98 -56.27
CA ALA F 118 3.81 27.22 -57.65
C ALA F 118 2.32 27.55 -57.78
N ALA F 119 1.48 27.00 -56.89
CA ALA F 119 0.08 27.37 -56.82
C ALA F 119 -0.15 28.80 -56.36
N SER F 120 0.86 29.45 -55.80
CA SER F 120 0.83 30.90 -55.59
C SER F 120 1.38 31.67 -56.77
N GLU F 121 2.41 31.14 -57.44
CA GLU F 121 2.92 31.78 -58.65
C GLU F 121 1.87 31.84 -59.75
N PHE F 122 1.22 30.71 -60.03
CA PHE F 122 0.14 30.66 -61.01
C PHE F 122 -1.21 30.93 -60.33
N TYR F 123 -2.29 30.80 -61.11
CA TYR F 123 -3.64 31.20 -60.71
C TYR F 123 -3.73 32.68 -60.38
N LYS F 124 -2.96 33.48 -61.12
CA LYS F 124 -2.95 34.93 -61.01
C LYS F 124 -4.33 35.51 -61.25
N THR F 125 -4.69 36.51 -60.42
CA THR F 125 -6.01 37.14 -60.36
C THR F 125 -7.13 36.20 -59.92
N ARG F 126 -6.81 34.97 -59.52
CA ARG F 126 -7.86 33.99 -59.26
C ARG F 126 -7.69 33.44 -57.84
N HIS F 127 -6.44 33.37 -57.37
CA HIS F 127 -6.10 33.17 -55.96
C HIS F 127 -6.57 31.89 -55.28
N ASN F 128 -7.84 31.49 -55.48
CA ASN F 128 -8.46 30.50 -54.59
C ASN F 128 -7.68 29.18 -54.48
N ILE F 129 -6.90 28.82 -55.50
CA ILE F 129 -6.04 27.64 -55.41
C ILE F 129 -5.02 27.72 -54.27
N ILE F 130 -4.75 28.92 -53.74
CA ILE F 130 -3.88 29.06 -52.57
C ILE F 130 -4.24 28.07 -51.46
N LEU F 131 -5.53 27.81 -51.27
CA LEU F 131 -5.97 26.89 -50.21
C LEU F 131 -5.28 25.54 -50.26
N SER F 132 -4.97 25.06 -51.47
CA SER F 132 -4.32 23.75 -51.61
C SER F 132 -2.95 23.72 -50.94
N ALA F 133 -2.22 24.83 -50.96
CA ALA F 133 -0.91 24.84 -50.29
C ALA F 133 -1.06 24.66 -48.79
N GLY F 134 -1.96 25.42 -48.18
CA GLY F 134 -2.22 25.26 -46.76
C GLY F 134 -2.69 23.86 -46.41
N ILE F 135 -3.60 23.31 -47.21
CA ILE F 135 -4.09 21.95 -46.96
C ILE F 135 -2.96 20.93 -47.06
N PHE F 136 -2.07 21.10 -48.04
CA PHE F 136 -0.90 20.23 -48.17
C PHE F 136 0.03 20.30 -46.97
N PHE F 137 0.30 21.51 -46.46
CA PHE F 137 1.09 21.61 -45.24
C PHE F 137 0.38 20.98 -44.03
N VAL F 138 -0.92 21.21 -43.91
CA VAL F 138 -1.68 20.65 -42.78
C VAL F 138 -1.67 19.13 -42.81
N SER F 139 -1.80 18.54 -44.00
CA SER F 139 -1.72 17.09 -44.13
C SER F 139 -0.30 16.58 -43.89
N ALA F 140 0.71 17.29 -44.38
CA ALA F 140 2.10 16.91 -44.12
C ALA F 140 2.45 17.01 -42.64
N GLY F 141 1.73 17.83 -41.88
CA GLY F 141 2.06 18.09 -40.48
C GLY F 141 1.81 16.96 -39.50
N LEU F 142 0.55 16.72 -39.14
CA LEU F 142 0.21 15.74 -38.12
C LEU F 142 0.75 14.34 -38.44
N SER F 143 0.80 13.98 -39.73
CA SER F 143 1.38 12.70 -40.12
C SER F 143 2.83 12.56 -39.67
N ASN F 144 3.58 13.68 -39.62
CA ASN F 144 4.93 13.65 -39.06
C ASN F 144 4.93 13.20 -37.61
N ILE F 145 4.02 13.75 -36.80
CA ILE F 145 3.96 13.38 -35.39
C ILE F 145 3.50 11.93 -35.23
N ILE F 146 2.53 11.50 -36.05
CA ILE F 146 2.15 10.09 -36.06
C ILE F 146 3.36 9.21 -36.36
N GLY F 147 4.12 9.55 -37.41
CA GLY F 147 5.34 8.83 -37.73
C GLY F 147 6.31 8.75 -36.56
N ILE F 148 6.55 9.88 -35.89
CA ILE F 148 7.48 9.90 -34.76
C ILE F 148 6.98 9.01 -33.62
N ILE F 149 5.72 9.16 -33.24
CA ILE F 149 5.18 8.39 -32.12
C ILE F 149 5.20 6.89 -32.43
N VAL F 150 4.77 6.52 -33.64
CA VAL F 150 4.86 5.12 -34.08
C VAL F 150 6.30 4.61 -34.03
N TYR F 151 7.24 5.41 -34.54
CA TYR F 151 8.66 5.03 -34.53
C TYR F 151 9.17 4.78 -33.11
N ILE F 152 8.82 5.66 -32.17
CA ILE F 152 9.23 5.45 -30.78
C ILE F 152 8.57 4.21 -30.19
N SER F 153 7.26 4.06 -30.40
CA SER F 153 6.54 2.90 -29.87
C SER F 153 7.14 1.59 -30.38
N ALA F 154 7.47 1.53 -31.67
CA ALA F 154 8.06 0.32 -32.25
C ALA F 154 9.48 0.08 -31.75
N ASN F 155 10.34 1.10 -31.82
CA ASN F 155 11.75 0.89 -31.55
C ASN F 155 12.11 0.88 -30.07
N ALA F 156 11.26 1.44 -29.19
CA ALA F 156 11.55 1.40 -27.77
C ALA F 156 11.44 -0.02 -27.20
N GLY F 157 10.67 -0.88 -27.84
CA GLY F 157 10.46 -2.24 -27.35
C GLY F 157 11.70 -3.10 -27.43
N ASN F 167 18.44 1.51 -22.85
CA ASN F 167 19.38 1.98 -21.84
C ASN F 167 20.42 2.92 -22.45
N SER F 168 20.75 3.98 -21.71
CA SER F 168 21.89 4.86 -22.00
C SER F 168 21.94 5.32 -23.46
N TYR F 169 20.79 5.31 -24.14
CA TYR F 169 20.73 5.77 -25.52
C TYR F 169 20.90 7.28 -25.59
N SER F 170 21.05 7.78 -26.82
CA SER F 170 21.01 9.21 -27.06
C SER F 170 20.41 9.47 -28.44
N TYR F 171 19.97 10.72 -28.64
CA TYR F 171 19.27 11.15 -29.85
C TYR F 171 20.21 11.98 -30.70
N GLY F 172 20.23 11.69 -32.02
CA GLY F 172 21.05 12.45 -32.94
C GLY F 172 20.37 13.68 -33.53
N TRP F 173 21.20 14.52 -34.13
CA TRP F 173 20.74 15.81 -34.66
C TRP F 173 19.64 15.67 -35.69
N SER F 174 19.69 14.62 -36.51
CA SER F 174 18.76 14.46 -37.63
C SER F 174 17.30 14.40 -37.17
N PHE F 175 17.03 13.78 -36.02
CA PHE F 175 15.67 13.81 -35.47
C PHE F 175 15.23 15.24 -35.16
N TYR F 176 16.10 16.02 -34.53
CA TYR F 176 15.75 17.41 -34.24
C TYR F 176 15.65 18.25 -35.50
N PHE F 177 16.39 17.90 -36.56
CA PHE F 177 16.17 18.52 -37.86
C PHE F 177 14.79 18.20 -38.40
N GLY F 178 14.33 16.95 -38.24
CA GLY F 178 12.96 16.61 -38.54
C GLY F 178 11.95 17.46 -37.77
N ALA F 179 12.20 17.62 -36.47
CA ALA F 179 11.32 18.45 -35.64
C ALA F 179 11.27 19.89 -36.14
N LEU F 180 12.44 20.49 -36.38
CA LEU F 180 12.46 21.88 -36.80
C LEU F 180 11.86 22.04 -38.19
N SER F 181 12.04 21.03 -39.06
CA SER F 181 11.32 20.98 -40.33
C SER F 181 9.81 21.07 -40.12
N PHE F 182 9.30 20.27 -39.18
CA PHE F 182 7.87 20.33 -38.86
C PHE F 182 7.44 21.70 -38.35
N ILE F 183 8.24 22.26 -37.44
CA ILE F 183 7.91 23.57 -36.88
C ILE F 183 7.83 24.63 -37.98
N ILE F 184 8.87 24.71 -38.82
CA ILE F 184 8.86 25.70 -39.90
C ILE F 184 7.78 25.40 -40.94
N ALA F 185 7.47 24.12 -41.17
CA ALA F 185 6.35 23.77 -42.05
C ALA F 185 5.01 24.29 -41.52
N GLU F 186 4.83 24.29 -40.20
CA GLU F 186 3.68 24.95 -39.61
C GLU F 186 3.76 26.48 -39.75
N MET F 187 4.95 27.05 -39.53
CA MET F 187 5.08 28.50 -39.65
C MET F 187 4.74 28.99 -41.05
N VAL F 188 5.30 28.33 -42.07
CA VAL F 188 4.97 28.65 -43.45
C VAL F 188 3.53 28.30 -43.80
N GLY F 189 2.93 27.29 -43.16
CA GLY F 189 1.50 27.06 -43.37
C GLY F 189 0.65 28.22 -42.89
N VAL F 190 0.94 28.71 -41.67
CA VAL F 190 0.27 29.90 -41.14
C VAL F 190 0.48 31.08 -42.07
N LEU F 191 1.71 31.31 -42.50
CA LEU F 191 1.97 32.42 -43.44
C LEU F 191 1.25 32.24 -44.77
N ALA F 192 1.10 31.00 -45.24
CA ALA F 192 0.36 30.75 -46.48
C ALA F 192 -1.13 31.08 -46.32
N VAL F 193 -1.71 30.73 -45.18
CA VAL F 193 -3.09 31.16 -44.91
C VAL F 193 -3.19 32.68 -44.76
N HIS F 194 -2.16 33.32 -44.21
CA HIS F 194 -2.14 34.77 -44.18
C HIS F 194 -2.07 35.37 -45.59
N MET F 195 -1.33 34.74 -46.49
CA MET F 195 -1.33 35.17 -47.89
C MET F 195 -2.67 34.93 -48.57
N PHE F 196 -3.35 33.85 -48.20
CA PHE F 196 -4.73 33.67 -48.65
C PHE F 196 -5.61 34.82 -48.20
N ILE F 197 -5.48 35.24 -46.95
CA ILE F 197 -6.25 36.39 -46.48
C ILE F 197 -5.89 37.64 -47.26
N ASP F 198 -4.59 37.91 -47.40
CA ASP F 198 -3.93 39.04 -48.09
C ASP F 198 -4.03 38.97 -49.60
N ARG F 199 -4.82 38.04 -50.13
CA ARG F 199 -5.05 37.97 -51.57
C ARG F 199 -6.55 37.86 -51.87
N HIS F 200 -7.23 36.89 -51.27
CA HIS F 200 -8.67 36.76 -51.46
C HIS F 200 -9.46 37.70 -50.55
N LYS F 201 -9.27 37.59 -49.24
CA LYS F 201 -10.13 38.30 -48.29
C LYS F 201 -10.06 39.82 -48.50
N GLN F 202 -8.86 40.33 -48.78
CA GLN F 202 -8.71 41.76 -49.07
C GLN F 202 -9.53 42.21 -50.28
N LEU F 203 -9.89 41.29 -51.19
CA LEU F 203 -10.62 41.68 -52.38
C LEU F 203 -12.09 41.99 -52.09
N THR F 204 -12.64 41.47 -51.00
CA THR F 204 -14.01 41.74 -50.61
C THR F 204 -14.17 42.45 -49.27
N GLY F 205 -13.19 42.34 -48.39
CA GLY F 205 -13.43 42.46 -46.96
C GLY F 205 -13.99 41.20 -46.33
N ARG G 1 -38.96 21.97 -43.61
CA ARG G 1 -40.37 22.11 -43.94
C ARG G 1 -40.65 21.72 -45.39
N GLY G 2 -41.35 20.61 -45.57
CA GLY G 2 -41.41 19.97 -46.88
C GLY G 2 -41.38 18.46 -46.83
N VAL G 3 -40.40 17.87 -47.53
CA VAL G 3 -40.25 16.41 -47.58
C VAL G 3 -40.19 15.79 -46.20
N GLN G 4 -39.69 16.53 -45.21
CA GLN G 4 -39.66 16.06 -43.82
C GLN G 4 -41.04 15.67 -43.29
N MET G 5 -42.11 16.23 -43.86
CA MET G 5 -43.48 15.91 -43.45
C MET G 5 -43.71 14.40 -43.32
N LEU G 6 -43.23 13.62 -44.28
CA LEU G 6 -43.35 12.17 -44.25
C LEU G 6 -42.09 11.44 -43.79
N LEU G 7 -40.92 11.85 -44.28
CA LEU G 7 -39.69 11.11 -44.02
C LEU G 7 -39.35 11.01 -42.54
N THR G 8 -39.74 12.01 -41.74
CA THR G 8 -39.46 11.95 -40.30
C THR G 8 -40.24 10.85 -39.58
N THR G 9 -41.35 10.38 -40.14
CA THR G 9 -42.14 9.35 -39.48
C THR G 9 -41.46 7.97 -39.46
N VAL G 10 -40.55 7.71 -40.39
CA VAL G 10 -40.22 6.34 -40.79
C VAL G 10 -39.47 5.61 -39.68
N GLY G 11 -38.54 6.30 -38.99
CA GLY G 11 -37.65 5.62 -38.07
C GLY G 11 -38.35 4.95 -36.89
N ALA G 12 -39.42 5.56 -36.40
CA ALA G 12 -40.18 4.95 -35.31
C ALA G 12 -40.67 3.56 -35.69
N PHE G 13 -41.08 3.38 -36.95
CA PHE G 13 -41.63 2.10 -37.38
C PHE G 13 -40.61 0.98 -37.24
N ALA G 14 -39.36 1.24 -37.67
CA ALA G 14 -38.28 0.29 -37.47
C ALA G 14 -37.96 0.11 -36.00
N ALA G 15 -37.86 1.20 -35.24
CA ALA G 15 -37.46 1.07 -33.85
C ALA G 15 -38.45 0.21 -33.07
N PHE G 16 -39.74 0.43 -33.29
CA PHE G 16 -40.78 -0.39 -32.67
C PHE G 16 -40.74 -1.84 -33.15
N SER G 17 -40.57 -2.06 -34.47
CA SER G 17 -40.53 -3.43 -34.95
C SER G 17 -39.31 -4.19 -34.42
N LEU G 18 -38.19 -3.49 -34.23
CA LEU G 18 -37.02 -4.10 -33.61
C LEU G 18 -37.26 -4.42 -32.14
N MET G 19 -37.93 -3.53 -31.40
CA MET G 19 -37.89 -3.61 -29.94
C MET G 19 -38.56 -4.87 -29.40
N THR G 20 -39.64 -5.31 -30.05
CA THR G 20 -40.34 -6.51 -29.59
C THR G 20 -39.48 -7.77 -29.66
N ILE G 21 -38.48 -7.80 -30.55
CA ILE G 21 -37.67 -9.00 -30.75
C ILE G 21 -36.87 -9.35 -29.48
N ALA G 22 -36.41 -8.33 -28.75
CA ALA G 22 -35.58 -8.58 -27.57
C ALA G 22 -36.39 -9.17 -26.42
N VAL G 23 -37.69 -8.88 -26.35
CA VAL G 23 -38.52 -9.36 -25.25
C VAL G 23 -38.73 -10.87 -25.29
N GLY G 24 -38.58 -11.51 -26.45
CA GLY G 24 -38.85 -12.93 -26.53
C GLY G 24 -37.72 -13.86 -26.93
N THR G 25 -36.79 -13.40 -27.77
CA THR G 25 -35.71 -14.27 -28.22
C THR G 25 -34.72 -14.54 -27.10
N ASP G 26 -34.35 -15.81 -26.93
CA ASP G 26 -33.47 -16.26 -25.87
C ASP G 26 -32.00 -16.05 -26.23
N TYR G 27 -31.64 -14.85 -26.65
CA TYR G 27 -30.30 -14.54 -27.14
C TYR G 27 -29.83 -13.23 -26.53
N TRP G 28 -30.00 -13.11 -25.21
CA TRP G 28 -29.44 -12.00 -24.45
C TRP G 28 -27.99 -12.24 -24.03
N LEU G 29 -27.62 -13.49 -23.73
CA LEU G 29 -26.38 -13.75 -23.02
C LEU G 29 -25.95 -15.18 -23.31
N TYR G 30 -24.65 -15.36 -23.53
CA TYR G 30 -24.05 -16.68 -23.66
C TYR G 30 -23.31 -17.07 -22.39
N SER G 31 -23.53 -18.30 -21.93
CA SER G 31 -22.90 -18.80 -20.72
C SER G 31 -23.12 -20.31 -20.69
N ARG G 32 -22.53 -20.96 -19.69
CA ARG G 32 -22.90 -22.31 -19.32
C ARG G 32 -24.16 -22.32 -18.45
N GLY G 33 -24.90 -23.42 -18.53
CA GLY G 33 -26.13 -23.53 -17.79
C GLY G 33 -26.63 -24.96 -17.80
N VAL G 34 -27.83 -25.15 -17.24
CA VAL G 34 -28.36 -26.47 -16.96
C VAL G 34 -29.79 -26.55 -17.46
N CYS G 35 -30.11 -27.62 -18.18
CA CYS G 35 -31.49 -27.93 -18.56
C CYS G 35 -32.02 -29.16 -17.84
N LYS G 36 -31.27 -29.73 -16.91
CA LYS G 36 -31.74 -30.84 -16.08
C LYS G 36 -33.00 -30.45 -15.30
N GLU G 51 -24.39 -28.62 -17.18
CA GLU G 51 -23.52 -27.45 -17.13
C GLU G 51 -22.95 -27.14 -18.50
N VAL G 52 -23.66 -27.57 -19.54
CA VAL G 52 -23.26 -27.33 -20.92
C VAL G 52 -23.55 -25.86 -21.25
N MET G 53 -23.16 -25.42 -22.45
CA MET G 53 -23.41 -24.05 -22.88
C MET G 53 -24.91 -23.78 -22.97
N THR G 54 -25.28 -22.51 -22.79
CA THR G 54 -26.67 -22.12 -22.92
C THR G 54 -26.76 -20.70 -23.50
N HIS G 55 -27.82 -20.47 -24.26
CA HIS G 55 -28.21 -19.14 -24.72
C HIS G 55 -29.44 -18.68 -23.94
N SER G 56 -29.37 -17.46 -23.40
CA SER G 56 -30.17 -17.05 -22.25
C SER G 56 -31.23 -16.04 -22.68
N GLY G 57 -32.44 -16.23 -22.17
CA GLY G 57 -33.53 -15.31 -22.36
C GLY G 57 -33.93 -14.58 -21.09
N LEU G 58 -35.03 -13.83 -21.20
CA LEU G 58 -35.60 -13.17 -20.03
C LEU G 58 -36.26 -14.17 -19.09
N TRP G 59 -37.00 -15.13 -19.66
CA TRP G 59 -37.87 -15.99 -18.88
C TRP G 59 -37.29 -17.39 -18.68
N ARG G 60 -36.29 -17.75 -19.47
CA ARG G 60 -35.91 -19.14 -19.69
C ARG G 60 -34.50 -19.17 -20.25
N THR G 61 -33.93 -20.37 -20.30
CA THR G 61 -32.67 -20.57 -21.01
C THR G 61 -32.71 -21.92 -21.70
N CYS G 62 -31.90 -22.04 -22.75
CA CYS G 62 -31.93 -23.19 -23.64
C CYS G 62 -30.52 -23.70 -23.88
N CYS G 63 -30.36 -25.03 -23.84
CA CYS G 63 -29.05 -25.63 -23.89
C CYS G 63 -28.62 -25.87 -25.33
N LEU G 64 -27.31 -25.85 -25.55
CA LEU G 64 -26.71 -26.24 -26.82
C LEU G 64 -25.29 -26.75 -26.58
N GLU G 65 -24.72 -27.36 -27.62
CA GLU G 65 -23.45 -28.08 -27.55
C GLU G 65 -23.53 -29.36 -26.71
N GLY G 66 -24.71 -29.96 -26.59
CA GLY G 66 -24.82 -31.21 -25.88
C GLY G 66 -26.10 -31.95 -26.19
N ASN G 67 -26.35 -33.00 -25.41
CA ASN G 67 -27.53 -33.82 -25.62
C ASN G 67 -28.82 -33.04 -25.43
N PHE G 68 -28.81 -32.05 -24.54
CA PHE G 68 -29.96 -31.17 -24.33
C PHE G 68 -30.08 -30.08 -25.39
N LYS G 69 -29.35 -30.17 -26.50
CA LYS G 69 -29.43 -29.15 -27.55
C LYS G 69 -30.86 -28.97 -28.02
N GLY G 70 -31.39 -27.78 -27.80
CA GLY G 70 -32.77 -27.45 -28.12
C GLY G 70 -33.77 -27.65 -27.01
N LEU G 71 -33.34 -28.18 -25.87
CA LEU G 71 -34.17 -28.22 -24.68
C LEU G 71 -34.08 -26.89 -23.94
N CYS G 72 -35.13 -26.56 -23.19
CA CYS G 72 -35.16 -25.32 -22.45
C CYS G 72 -35.80 -25.56 -21.09
N LYS G 73 -35.51 -24.67 -20.14
CA LYS G 73 -36.27 -24.62 -18.90
C LYS G 73 -36.38 -23.20 -18.41
N GLN G 74 -37.40 -22.96 -17.59
CA GLN G 74 -37.67 -21.66 -17.00
C GLN G 74 -36.55 -21.23 -16.06
N ILE G 75 -36.51 -19.94 -15.75
CA ILE G 75 -35.74 -19.42 -14.63
C ILE G 75 -36.67 -18.59 -13.75
N ASP G 76 -36.48 -18.68 -12.44
CA ASP G 76 -37.36 -18.02 -11.49
C ASP G 76 -36.55 -17.54 -10.29
N HIS G 77 -37.06 -16.53 -9.61
CA HIS G 77 -36.43 -15.99 -8.42
C HIS G 77 -37.40 -15.81 -7.26
N PHE G 78 -38.67 -16.20 -7.41
CA PHE G 78 -39.60 -16.24 -6.30
C PHE G 78 -40.42 -17.52 -6.32
N ALA G 89 -33.98 -3.61 1.46
CA ALA G 89 -33.42 -4.73 0.72
C ALA G 89 -33.63 -4.54 -0.78
N GLU G 90 -32.85 -5.26 -1.58
CA GLU G 90 -33.04 -5.29 -3.03
C GLU G 90 -34.24 -6.13 -3.45
N TYR G 91 -35.13 -6.44 -2.51
CA TYR G 91 -36.33 -7.22 -2.79
C TYR G 91 -37.15 -6.63 -3.94
N PHE G 92 -37.28 -5.29 -3.97
CA PHE G 92 -38.00 -4.65 -5.07
C PHE G 92 -37.25 -4.72 -6.38
N LEU G 93 -35.92 -4.58 -6.36
CA LEU G 93 -35.16 -4.75 -7.60
C LEU G 93 -35.24 -6.18 -8.12
N ARG G 94 -35.23 -7.16 -7.21
CA ARG G 94 -35.52 -8.55 -7.56
C ARG G 94 -36.87 -8.70 -8.26
N ALA G 95 -37.92 -8.09 -7.68
CA ALA G 95 -39.24 -8.13 -8.33
C ALA G 95 -39.25 -7.43 -9.69
N VAL G 96 -38.54 -6.30 -9.82
CA VAL G 96 -38.43 -5.60 -11.09
C VAL G 96 -37.72 -6.44 -12.15
N ARG G 97 -36.69 -7.18 -11.75
CA ARG G 97 -36.07 -8.12 -12.69
C ARG G 97 -37.00 -9.27 -13.03
N ALA G 98 -37.67 -9.84 -12.02
CA ALA G 98 -38.55 -10.98 -12.25
C ALA G 98 -39.70 -10.63 -13.20
N SER G 99 -40.22 -9.40 -13.10
CA SER G 99 -41.21 -8.96 -14.08
C SER G 99 -40.61 -8.41 -15.37
N SER G 100 -39.38 -7.88 -15.31
CA SER G 100 -38.72 -7.31 -16.50
C SER G 100 -39.61 -6.29 -17.20
N ILE G 101 -40.16 -5.36 -16.41
CA ILE G 101 -41.31 -4.58 -16.85
C ILE G 101 -40.93 -3.57 -17.94
N PHE G 102 -39.77 -2.92 -17.78
CA PHE G 102 -39.46 -1.74 -18.58
C PHE G 102 -39.53 -1.91 -20.10
N PRO G 103 -39.11 -3.03 -20.69
CA PRO G 103 -39.33 -3.20 -22.14
C PRO G 103 -40.79 -3.01 -22.56
N ILE G 104 -41.74 -3.54 -21.79
CA ILE G 104 -43.16 -3.40 -22.15
C ILE G 104 -43.57 -1.94 -22.09
N LEU G 105 -43.08 -1.22 -21.09
CA LEU G 105 -43.41 0.20 -20.94
C LEU G 105 -42.87 1.00 -22.11
N SER G 106 -41.58 0.85 -22.41
CA SER G 106 -40.98 1.60 -23.51
C SER G 106 -41.63 1.25 -24.85
N VAL G 107 -42.00 -0.01 -25.05
CA VAL G 107 -42.71 -0.42 -26.27
C VAL G 107 -44.05 0.30 -26.37
N ILE G 108 -44.82 0.31 -25.29
CA ILE G 108 -46.10 1.00 -25.28
C ILE G 108 -45.91 2.49 -25.55
N LEU G 109 -44.92 3.11 -24.91
CA LEU G 109 -44.66 4.53 -25.11
C LEU G 109 -44.35 4.84 -26.57
N LEU G 110 -43.41 4.10 -27.15
CA LEU G 110 -43.05 4.33 -28.55
C LEU G 110 -44.23 4.11 -29.50
N PHE G 111 -45.02 3.06 -29.24
CA PHE G 111 -46.21 2.84 -30.05
C PHE G 111 -47.22 3.97 -29.93
N MET G 112 -47.41 4.52 -28.72
CA MET G 112 -48.29 5.68 -28.57
C MET G 112 -47.72 6.94 -29.23
N GLY G 113 -46.40 7.06 -29.29
CA GLY G 113 -45.80 8.09 -30.13
C GLY G 113 -46.15 7.92 -31.60
N GLY G 114 -46.03 6.69 -32.10
CA GLY G 114 -46.50 6.42 -33.46
C GLY G 114 -47.97 6.74 -33.65
N LEU G 115 -48.80 6.40 -32.67
CA LEU G 115 -50.22 6.71 -32.78
C LEU G 115 -50.46 8.21 -32.78
N CYS G 116 -49.61 8.97 -32.07
CA CYS G 116 -49.66 10.42 -32.16
C CYS G 116 -49.37 10.92 -33.57
N ILE G 117 -48.29 10.41 -34.17
CA ILE G 117 -47.96 10.90 -35.52
C ILE G 117 -48.88 10.27 -36.57
N ALA G 118 -49.41 9.07 -36.33
CA ALA G 118 -50.26 8.39 -37.30
C ALA G 118 -51.52 9.18 -37.67
N ALA G 119 -51.96 10.09 -36.79
CA ALA G 119 -53.12 10.92 -37.10
C ALA G 119 -52.85 11.99 -38.15
N SER G 120 -51.59 12.35 -38.38
CA SER G 120 -51.24 13.64 -38.98
C SER G 120 -51.70 13.78 -40.43
N GLU G 121 -52.32 12.78 -41.05
CA GLU G 121 -53.00 12.99 -42.31
C GLU G 121 -54.38 13.63 -42.15
N PHE G 122 -54.93 13.66 -40.95
CA PHE G 122 -56.13 14.43 -40.65
C PHE G 122 -55.91 15.21 -39.35
N TYR G 123 -56.89 16.03 -38.98
CA TYR G 123 -56.77 16.92 -37.82
C TYR G 123 -55.51 17.78 -37.89
N LYS G 124 -55.05 18.07 -39.11
CA LYS G 124 -53.86 18.89 -39.31
C LYS G 124 -54.04 20.27 -38.70
N THR G 125 -52.89 20.95 -38.51
CA THR G 125 -52.76 22.32 -38.05
C THR G 125 -53.17 22.52 -36.59
N ARG G 126 -53.49 21.45 -35.85
CA ARG G 126 -53.82 21.62 -34.44
C ARG G 126 -52.60 22.00 -33.61
N HIS G 127 -51.39 21.81 -34.15
CA HIS G 127 -50.11 21.90 -33.44
C HIS G 127 -49.94 20.87 -32.31
N ASN G 128 -50.97 20.69 -31.49
CA ASN G 128 -50.94 19.65 -30.46
C ASN G 128 -50.70 18.27 -31.05
N ILE G 129 -51.23 18.01 -32.24
CA ILE G 129 -51.06 16.73 -32.91
C ILE G 129 -49.58 16.36 -33.09
N ILE G 130 -48.72 17.34 -33.35
CA ILE G 130 -47.29 17.09 -33.41
C ILE G 130 -46.63 17.21 -32.04
N LEU G 131 -46.93 18.28 -31.29
CA LEU G 131 -46.26 18.55 -30.03
C LEU G 131 -46.41 17.40 -29.03
N SER G 132 -47.57 16.74 -29.02
CA SER G 132 -47.82 15.63 -28.10
C SER G 132 -46.91 14.42 -28.29
N ALA G 133 -46.29 14.26 -29.46
CA ALA G 133 -45.49 13.04 -29.69
C ALA G 133 -44.18 13.01 -28.91
N GLY G 134 -43.54 14.16 -28.71
CA GLY G 134 -42.17 14.17 -28.20
C GLY G 134 -41.99 13.47 -26.86
N ILE G 135 -42.98 13.59 -25.98
CA ILE G 135 -42.91 12.98 -24.65
C ILE G 135 -42.70 11.48 -24.74
N PHE G 136 -43.37 10.81 -25.68
CA PHE G 136 -43.23 9.37 -25.81
C PHE G 136 -41.81 9.00 -26.26
N PHE G 137 -41.26 9.74 -27.21
CA PHE G 137 -39.94 9.43 -27.75
C PHE G 137 -38.86 9.63 -26.70
N VAL G 138 -38.99 10.68 -25.88
CA VAL G 138 -38.12 10.82 -24.71
C VAL G 138 -38.31 9.65 -23.75
N SER G 139 -39.54 9.41 -23.32
CA SER G 139 -39.80 8.51 -22.20
C SER G 139 -39.41 7.07 -22.50
N ALA G 140 -39.68 6.60 -23.72
CA ALA G 140 -39.23 5.25 -24.10
C ALA G 140 -37.72 5.12 -24.03
N GLY G 141 -37.00 6.15 -24.45
CA GLY G 141 -35.56 6.18 -24.36
C GLY G 141 -35.10 6.07 -22.92
N LEU G 142 -35.58 6.97 -22.06
CA LEU G 142 -35.16 6.92 -20.66
C LEU G 142 -35.53 5.58 -20.02
N SER G 143 -36.71 5.05 -20.35
CA SER G 143 -37.12 3.74 -19.85
C SER G 143 -36.13 2.65 -20.21
N ASN G 144 -35.58 2.71 -21.43
CA ASN G 144 -34.58 1.72 -21.81
C ASN G 144 -33.33 1.83 -20.95
N ILE G 145 -32.99 3.03 -20.48
CA ILE G 145 -31.76 3.18 -19.69
C ILE G 145 -31.87 2.34 -18.42
N ILE G 146 -32.97 2.54 -17.67
CA ILE G 146 -33.19 1.79 -16.44
C ILE G 146 -33.32 0.30 -16.73
N GLY G 147 -34.07 -0.06 -17.78
CA GLY G 147 -34.17 -1.47 -18.15
C GLY G 147 -32.81 -2.12 -18.35
N ILE G 148 -31.94 -1.47 -19.12
CA ILE G 148 -30.58 -1.96 -19.34
C ILE G 148 -29.84 -2.09 -18.01
N ILE G 149 -29.81 -1.01 -17.23
CA ILE G 149 -28.95 -0.97 -16.05
C ILE G 149 -29.39 -2.01 -15.02
N VAL G 150 -30.70 -2.14 -14.81
CA VAL G 150 -31.23 -3.19 -13.94
C VAL G 150 -30.87 -4.58 -14.47
N TYR G 151 -31.14 -4.84 -15.76
CA TYR G 151 -30.89 -6.16 -16.33
C TYR G 151 -29.41 -6.57 -16.21
N ILE G 152 -28.51 -5.65 -16.55
CA ILE G 152 -27.08 -5.94 -16.47
C ILE G 152 -26.66 -6.23 -15.04
N SER G 153 -27.01 -5.33 -14.12
CA SER G 153 -26.57 -5.48 -12.73
C SER G 153 -27.16 -6.71 -12.06
N ALA G 154 -28.38 -7.10 -12.42
CA ALA G 154 -28.97 -8.32 -11.86
C ALA G 154 -28.29 -9.57 -12.41
N ASN G 155 -28.19 -9.68 -13.73
CA ASN G 155 -27.60 -10.86 -14.35
C ASN G 155 -26.11 -10.97 -14.13
N ALA G 156 -25.43 -9.87 -13.79
CA ALA G 156 -24.03 -9.95 -13.38
C ALA G 156 -23.85 -10.74 -12.09
N GLY G 157 -24.92 -10.95 -11.33
CA GLY G 157 -24.84 -11.68 -10.07
C GLY G 157 -24.34 -13.10 -10.22
N ASN G 167 -14.65 -13.50 -16.99
CA ASN G 167 -15.33 -14.80 -16.95
C ASN G 167 -15.76 -15.23 -18.34
N SER G 168 -15.31 -14.49 -19.35
CA SER G 168 -15.49 -14.79 -20.77
C SER G 168 -16.95 -14.78 -21.20
N TYR G 169 -17.87 -14.32 -20.35
CA TYR G 169 -19.25 -14.13 -20.77
C TYR G 169 -19.33 -13.06 -21.85
N SER G 170 -20.35 -13.15 -22.69
CA SER G 170 -20.49 -12.20 -23.78
C SER G 170 -21.97 -11.98 -24.11
N TYR G 171 -22.25 -10.78 -24.59
CA TYR G 171 -23.61 -10.29 -24.80
C TYR G 171 -24.19 -10.80 -26.10
N GLY G 172 -25.39 -11.39 -26.03
CA GLY G 172 -26.07 -11.84 -27.22
C GLY G 172 -26.73 -10.70 -27.99
N TRP G 173 -27.02 -10.98 -29.26
CA TRP G 173 -27.38 -9.93 -30.22
C TRP G 173 -28.63 -9.14 -29.84
N SER G 174 -29.53 -9.70 -29.03
CA SER G 174 -30.73 -8.94 -28.64
C SER G 174 -30.38 -7.69 -27.84
N PHE G 175 -29.25 -7.72 -27.12
CA PHE G 175 -28.73 -6.52 -26.48
C PHE G 175 -28.43 -5.43 -27.51
N TYR G 176 -27.75 -5.81 -28.61
CA TYR G 176 -27.50 -4.87 -29.69
C TYR G 176 -28.79 -4.44 -30.37
N PHE G 177 -29.77 -5.32 -30.48
CA PHE G 177 -31.05 -4.95 -31.06
C PHE G 177 -31.72 -3.85 -30.23
N GLY G 178 -31.76 -4.02 -28.91
CA GLY G 178 -32.35 -3.00 -28.05
C GLY G 178 -31.57 -1.70 -28.04
N ALA G 179 -30.24 -1.78 -28.04
CA ALA G 179 -29.42 -0.58 -28.18
C ALA G 179 -29.71 0.16 -29.49
N LEU G 180 -29.79 -0.58 -30.60
CA LEU G 180 -30.11 0.04 -31.87
C LEU G 180 -31.50 0.68 -31.86
N SER G 181 -32.48 0.00 -31.28
CA SER G 181 -33.80 0.58 -31.12
C SER G 181 -33.75 1.90 -30.35
N PHE G 182 -32.95 1.96 -29.29
CA PHE G 182 -32.72 3.21 -28.58
C PHE G 182 -32.09 4.27 -29.49
N ILE G 183 -31.07 3.87 -30.25
CA ILE G 183 -30.36 4.81 -31.12
C ILE G 183 -31.33 5.48 -32.09
N ILE G 184 -32.19 4.69 -32.74
CA ILE G 184 -33.17 5.30 -33.65
C ILE G 184 -34.25 6.08 -32.88
N ALA G 185 -34.69 5.56 -31.74
CA ALA G 185 -35.70 6.28 -30.95
C ALA G 185 -35.24 7.67 -30.53
N GLU G 186 -33.93 7.85 -30.31
CA GLU G 186 -33.43 9.19 -30.01
C GLU G 186 -33.48 10.15 -31.20
N MET G 187 -33.68 9.67 -32.43
CA MET G 187 -33.84 10.57 -33.58
C MET G 187 -35.17 11.31 -33.52
N VAL G 188 -36.27 10.55 -33.47
CA VAL G 188 -37.58 11.12 -33.77
C VAL G 188 -38.01 12.12 -32.71
N GLY G 189 -37.50 12.02 -31.47
CA GLY G 189 -37.75 13.09 -30.51
C GLY G 189 -37.26 14.44 -30.97
N VAL G 190 -36.07 14.49 -31.57
CA VAL G 190 -35.56 15.71 -32.18
C VAL G 190 -36.40 16.10 -33.39
N LEU G 191 -36.70 15.13 -34.24
CA LEU G 191 -37.44 15.42 -35.47
C LEU G 191 -38.85 15.95 -35.19
N ALA G 192 -39.45 15.52 -34.08
CA ALA G 192 -40.77 16.02 -33.71
C ALA G 192 -40.76 17.52 -33.44
N VAL G 193 -39.77 18.00 -32.69
CA VAL G 193 -39.62 19.44 -32.49
C VAL G 193 -39.28 20.14 -33.81
N HIS G 194 -38.38 19.55 -34.61
CA HIS G 194 -38.01 20.17 -35.88
C HIS G 194 -39.22 20.35 -36.78
N MET G 195 -40.15 19.40 -36.77
CA MET G 195 -41.44 19.55 -37.47
C MET G 195 -42.35 20.57 -36.82
N PHE G 196 -42.57 20.47 -35.51
CA PHE G 196 -43.52 21.34 -34.81
C PHE G 196 -43.16 22.82 -34.89
N ILE G 197 -41.89 23.16 -34.60
CA ILE G 197 -41.57 24.48 -34.06
C ILE G 197 -41.88 25.58 -35.07
N ASP G 198 -41.65 25.33 -36.36
CA ASP G 198 -41.86 26.39 -37.34
C ASP G 198 -43.33 26.74 -37.53
N ARG G 199 -44.25 25.81 -37.27
CA ARG G 199 -45.67 26.12 -37.36
C ARG G 199 -46.19 26.92 -36.16
N HIS G 200 -45.61 26.70 -34.98
CA HIS G 200 -45.86 27.61 -33.86
C HIS G 200 -45.17 28.95 -34.06
N LYS G 201 -43.99 28.95 -34.68
CA LYS G 201 -43.34 30.21 -35.05
C LYS G 201 -44.22 31.05 -35.97
N GLN G 202 -44.84 30.42 -36.96
CA GLN G 202 -45.76 31.12 -37.86
C GLN G 202 -46.92 31.78 -37.14
N LEU G 203 -47.22 31.36 -35.91
CA LEU G 203 -48.21 32.04 -35.08
C LEU G 203 -47.62 33.01 -34.07
N THR G 204 -46.29 33.02 -33.92
CA THR G 204 -45.65 33.75 -32.82
C THR G 204 -44.47 34.60 -33.25
N GLY G 205 -44.05 34.54 -34.51
CA GLY G 205 -43.08 35.48 -35.03
C GLY G 205 -41.91 34.82 -35.74
N ARG H 1 -48.20 39.59 -3.08
CA ARG H 1 -48.71 40.73 -2.34
C ARG H 1 -49.65 40.25 -1.23
N GLY H 2 -49.85 41.10 -0.22
CA GLY H 2 -50.81 40.80 0.82
C GLY H 2 -50.32 39.90 1.92
N VAL H 3 -50.21 38.60 1.61
CA VAL H 3 -50.15 37.56 2.64
C VAL H 3 -48.91 37.64 3.50
N GLN H 4 -47.84 38.30 3.04
CA GLN H 4 -46.56 38.21 3.73
C GLN H 4 -46.60 38.84 5.12
N MET H 5 -47.47 39.83 5.33
CA MET H 5 -47.32 40.75 6.45
C MET H 5 -47.40 40.04 7.80
N LEU H 6 -48.51 39.33 8.03
CA LEU H 6 -48.68 38.54 9.24
C LEU H 6 -47.93 37.22 9.19
N LEU H 7 -48.11 36.46 8.09
CA LEU H 7 -47.69 35.06 8.06
C LEU H 7 -46.19 34.90 8.26
N THR H 8 -45.38 35.86 7.81
CA THR H 8 -43.94 35.82 8.08
C THR H 8 -43.66 35.94 9.57
N THR H 9 -44.28 36.90 10.23
CA THR H 9 -44.03 37.11 11.66
C THR H 9 -44.50 35.92 12.49
N VAL H 10 -45.70 35.41 12.22
CA VAL H 10 -46.14 34.22 12.96
C VAL H 10 -45.31 32.99 12.60
N GLY H 11 -44.77 32.89 11.38
CA GLY H 11 -43.80 31.86 11.08
C GLY H 11 -42.55 31.94 11.94
N ALA H 12 -42.01 33.16 12.07
CA ALA H 12 -40.86 33.37 12.96
C ALA H 12 -41.21 33.04 14.41
N PHE H 13 -42.37 33.45 14.89
CA PHE H 13 -42.79 33.11 16.25
C PHE H 13 -42.95 31.60 16.46
N ALA H 14 -43.42 30.89 15.43
CA ALA H 14 -43.50 29.43 15.52
C ALA H 14 -42.12 28.78 15.52
N ALA H 15 -41.22 29.24 14.65
CA ALA H 15 -39.84 28.75 14.66
C ALA H 15 -39.16 29.01 16.00
N PHE H 16 -39.41 30.17 16.61
CA PHE H 16 -38.91 30.45 17.96
C PHE H 16 -39.51 29.51 18.99
N SER H 17 -40.82 29.28 18.93
CA SER H 17 -41.49 28.40 19.89
C SER H 17 -40.93 26.98 19.84
N LEU H 18 -40.86 26.39 18.65
CA LEU H 18 -40.32 25.04 18.53
C LEU H 18 -38.81 24.97 18.78
N MET H 19 -38.09 26.08 18.59
CA MET H 19 -36.67 26.11 18.95
C MET H 19 -36.45 26.12 20.46
N THR H 20 -37.18 26.95 21.19
CA THR H 20 -37.09 26.91 22.65
C THR H 20 -37.60 25.61 23.25
N ILE H 21 -38.61 24.99 22.62
CA ILE H 21 -39.00 23.63 22.99
C ILE H 21 -37.84 22.66 22.77
N ALA H 22 -37.15 22.77 21.63
CA ALA H 22 -35.99 21.91 21.37
C ALA H 22 -34.93 22.06 22.45
N VAL H 23 -34.54 23.30 22.75
CA VAL H 23 -33.58 23.57 23.82
C VAL H 23 -34.11 23.11 25.17
N GLY H 24 -35.43 23.12 25.34
CA GLY H 24 -36.09 22.67 26.55
C GLY H 24 -36.31 21.18 26.70
N THR H 25 -35.93 20.35 25.73
CA THR H 25 -36.29 18.94 25.75
C THR H 25 -35.07 18.06 25.46
N ASP H 26 -34.94 17.00 26.26
CA ASP H 26 -33.76 16.16 26.40
C ASP H 26 -33.63 15.11 25.31
N TYR H 27 -34.03 15.42 24.08
CA TYR H 27 -34.10 14.46 23.00
C TYR H 27 -33.23 14.88 21.82
N TRP H 28 -32.07 15.45 22.14
CA TRP H 28 -31.06 15.75 21.13
C TRP H 28 -30.31 14.50 20.68
N LEU H 29 -30.20 13.51 21.57
CA LEU H 29 -29.47 12.28 21.27
C LEU H 29 -30.17 11.13 21.98
N TYR H 30 -30.13 9.96 21.34
CA TYR H 30 -30.48 8.69 21.96
C TYR H 30 -29.34 7.71 21.83
N SER H 31 -29.09 6.96 22.89
CA SER H 31 -27.84 6.21 23.06
C SER H 31 -28.05 5.23 24.21
N ARG H 32 -26.96 4.60 24.66
CA ARG H 32 -26.93 3.81 25.87
C ARG H 32 -25.82 4.29 26.79
N GLY H 33 -26.08 4.24 28.11
CA GLY H 33 -25.17 4.84 29.07
C GLY H 33 -25.61 4.66 30.51
N VAL H 34 -25.21 5.59 31.38
CA VAL H 34 -25.53 5.54 32.81
C VAL H 34 -26.09 6.90 33.23
N CYS H 35 -27.12 6.88 34.06
CA CYS H 35 -27.73 8.11 34.54
C CYS H 35 -27.85 8.12 36.06
N LYS H 36 -28.07 6.96 36.66
CA LYS H 36 -28.24 6.88 38.11
C LYS H 36 -26.93 7.22 38.83
N GLU H 51 -24.94 -0.94 30.63
CA GLU H 51 -25.60 0.26 30.14
C GLU H 51 -27.10 0.06 30.00
N VAL H 52 -27.83 1.18 29.92
CA VAL H 52 -29.26 1.18 29.69
C VAL H 52 -29.55 2.25 28.63
N MET H 53 -30.71 2.11 27.98
CA MET H 53 -31.13 3.10 26.99
C MET H 53 -31.13 4.51 27.57
N THR H 54 -30.53 5.44 26.82
CA THR H 54 -30.11 6.72 27.37
C THR H 54 -30.39 7.81 26.34
N HIS H 55 -30.76 9.00 26.82
CA HIS H 55 -31.01 10.14 25.96
C HIS H 55 -30.59 11.41 26.67
N SER H 56 -30.28 12.44 25.88
CA SER H 56 -29.58 13.60 26.41
C SER H 56 -30.03 14.86 25.69
N GLY H 57 -29.83 16.00 26.36
CA GLY H 57 -29.95 17.29 25.73
C GLY H 57 -28.67 18.09 25.80
N LEU H 58 -28.77 19.41 25.64
CA LEU H 58 -27.63 20.28 25.89
C LEU H 58 -27.22 20.27 27.36
N TRP H 59 -28.21 20.25 28.26
CA TRP H 59 -28.00 20.52 29.68
C TRP H 59 -27.66 19.27 30.48
N ARG H 60 -28.15 18.10 30.06
CA ARG H 60 -28.33 16.99 30.97
C ARG H 60 -28.46 15.70 30.16
N THR H 61 -28.31 14.58 30.86
CA THR H 61 -28.49 13.26 30.26
C THR H 61 -29.49 12.46 31.08
N CYS H 62 -30.31 11.68 30.38
CA CYS H 62 -31.45 11.02 30.97
C CYS H 62 -31.54 9.59 30.44
N CYS H 63 -32.23 8.73 31.20
CA CYS H 63 -32.32 7.33 30.85
C CYS H 63 -33.79 6.93 30.78
N LEU H 64 -34.09 5.93 29.95
CA LEU H 64 -35.46 5.51 29.69
C LEU H 64 -35.55 4.00 29.64
N GLU H 65 -36.78 3.50 29.77
CA GLU H 65 -37.13 2.09 29.63
C GLU H 65 -36.51 1.15 30.66
N GLY H 66 -35.39 1.54 31.28
CA GLY H 66 -34.87 0.77 32.40
C GLY H 66 -35.57 1.10 33.71
N ASN H 67 -34.89 0.72 34.80
CA ASN H 67 -35.47 0.87 36.13
C ASN H 67 -35.77 2.33 36.46
N PHE H 68 -34.73 3.17 36.51
CA PHE H 68 -34.89 4.60 36.78
C PHE H 68 -35.30 5.39 35.56
N LYS H 69 -36.24 4.88 34.77
CA LYS H 69 -36.65 5.51 33.52
C LYS H 69 -37.20 6.91 33.78
N GLY H 70 -36.67 7.90 33.06
CA GLY H 70 -37.00 9.29 33.26
C GLY H 70 -36.08 10.03 34.22
N LEU H 71 -35.25 9.33 34.99
CA LEU H 71 -34.33 10.00 35.89
C LEU H 71 -33.14 10.55 35.10
N CYS H 72 -32.49 11.56 35.68
CA CYS H 72 -31.52 12.34 34.93
C CYS H 72 -30.40 12.79 35.86
N LYS H 73 -29.29 13.21 35.24
CA LYS H 73 -28.32 14.07 35.90
C LYS H 73 -27.69 15.01 34.87
N GLN H 74 -27.24 16.16 35.33
CA GLN H 74 -26.66 17.18 34.47
C GLN H 74 -25.31 16.73 33.91
N ILE H 75 -24.88 17.43 32.86
CA ILE H 75 -23.57 17.16 32.26
C ILE H 75 -22.47 17.39 33.29
N ASP H 76 -21.35 16.69 33.09
CA ASP H 76 -20.09 16.99 33.79
C ASP H 76 -19.17 17.73 32.84
N HIS H 77 -18.80 18.97 33.21
CA HIS H 77 -17.84 19.73 32.42
C HIS H 77 -16.41 19.30 32.66
N PHE H 78 -16.12 18.64 33.77
CA PHE H 78 -14.75 18.46 34.22
C PHE H 78 -14.47 17.00 34.56
N ALA H 89 -5.37 23.80 22.50
CA ALA H 89 -5.79 22.71 23.37
C ALA H 89 -7.30 22.55 23.37
N GLU H 90 -7.76 21.32 23.60
CA GLU H 90 -9.20 21.05 23.66
C GLU H 90 -9.87 21.72 24.86
N TYR H 91 -9.09 22.16 25.86
CA TYR H 91 -9.62 22.94 26.96
C TYR H 91 -10.53 24.07 26.48
N PHE H 92 -10.16 24.72 25.38
CA PHE H 92 -10.99 25.79 24.83
C PHE H 92 -12.27 25.23 24.20
N LEU H 93 -12.17 24.08 23.53
CA LEU H 93 -13.37 23.39 23.06
C LEU H 93 -14.25 22.96 24.22
N ARG H 94 -13.64 22.42 25.28
CA ARG H 94 -14.39 22.09 26.48
C ARG H 94 -15.13 23.30 27.05
N ALA H 95 -14.45 24.45 27.13
CA ALA H 95 -15.08 25.68 27.59
C ALA H 95 -16.23 26.13 26.68
N VAL H 96 -16.09 25.98 25.38
CA VAL H 96 -17.19 26.28 24.46
C VAL H 96 -18.37 25.34 24.68
N ARG H 97 -18.09 24.05 24.83
CA ARG H 97 -19.17 23.09 25.09
C ARG H 97 -19.86 23.39 26.43
N ALA H 98 -19.09 23.74 27.45
CA ALA H 98 -19.65 24.06 28.76
C ALA H 98 -20.49 25.34 28.74
N SER H 99 -20.04 26.37 28.02
CA SER H 99 -20.87 27.57 27.92
C SER H 99 -22.05 27.42 26.99
N SER H 100 -21.96 26.58 25.96
CA SER H 100 -23.09 26.28 25.06
C SER H 100 -23.67 27.54 24.41
N ILE H 101 -22.89 28.61 24.33
CA ILE H 101 -23.43 29.94 24.08
C ILE H 101 -23.95 30.09 22.65
N PHE H 102 -23.21 29.55 21.68
CA PHE H 102 -23.54 29.78 20.26
C PHE H 102 -24.96 29.39 19.86
N PRO H 103 -25.52 28.24 20.25
CA PRO H 103 -26.93 27.98 19.90
C PRO H 103 -27.90 28.91 20.63
N ILE H 104 -27.64 29.22 21.90
CA ILE H 104 -28.52 30.11 22.66
C ILE H 104 -28.50 31.52 22.07
N LEU H 105 -27.36 31.96 21.53
CA LEU H 105 -27.30 33.25 20.86
C LEU H 105 -28.28 33.33 19.69
N SER H 106 -28.38 32.27 18.89
CA SER H 106 -29.36 32.25 17.80
C SER H 106 -30.78 32.42 18.32
N VAL H 107 -31.06 31.81 19.48
CA VAL H 107 -32.36 31.94 20.14
C VAL H 107 -32.64 33.39 20.52
N ILE H 108 -31.72 34.00 21.28
CA ILE H 108 -31.97 35.37 21.73
C ILE H 108 -31.98 36.36 20.57
N LEU H 109 -31.16 36.16 19.54
CA LEU H 109 -31.24 37.00 18.35
C LEU H 109 -32.58 36.85 17.62
N LEU H 110 -33.12 35.64 17.58
CA LEU H 110 -34.45 35.43 16.99
C LEU H 110 -35.54 36.09 17.82
N PHE H 111 -35.41 36.07 19.15
CA PHE H 111 -36.34 36.83 19.99
C PHE H 111 -36.20 38.34 19.79
N MET H 112 -34.97 38.83 19.62
CA MET H 112 -34.78 40.27 19.36
C MET H 112 -35.37 40.69 18.02
N GLY H 113 -35.22 39.85 16.99
CA GLY H 113 -35.99 40.08 15.76
C GLY H 113 -37.49 40.02 15.95
N GLY H 114 -37.97 39.08 16.77
CA GLY H 114 -39.39 39.08 17.12
C GLY H 114 -39.84 40.38 17.76
N LEU H 115 -38.99 40.93 18.63
CA LEU H 115 -39.24 42.23 19.24
C LEU H 115 -39.32 43.34 18.19
N CYS H 116 -38.36 43.34 17.26
CA CYS H 116 -38.30 44.42 16.27
C CYS H 116 -39.47 44.35 15.28
N ILE H 117 -39.89 43.14 14.90
CA ILE H 117 -41.10 43.03 14.09
C ILE H 117 -42.37 43.28 14.91
N ALA H 118 -42.38 42.90 16.19
CA ALA H 118 -43.52 43.21 17.05
C ALA H 118 -43.67 44.71 17.29
N ALA H 119 -42.56 45.45 17.34
CA ALA H 119 -42.64 46.90 17.34
C ALA H 119 -43.13 47.43 16.00
N SER H 120 -42.56 46.93 14.90
CA SER H 120 -42.82 47.53 13.59
C SER H 120 -44.21 47.23 13.06
N GLU H 121 -44.98 46.37 13.72
CA GLU H 121 -46.42 46.31 13.46
C GLU H 121 -47.16 47.51 14.05
N PHE H 122 -46.48 48.35 14.82
CA PHE H 122 -46.98 49.67 15.19
C PHE H 122 -45.91 50.69 14.83
N TYR H 123 -46.09 51.95 15.26
CA TYR H 123 -45.09 53.00 15.03
C TYR H 123 -44.73 53.11 13.56
N LYS H 124 -45.73 52.92 12.70
CA LYS H 124 -45.53 52.66 11.28
C LYS H 124 -45.05 53.92 10.56
N THR H 125 -44.62 53.71 9.31
CA THR H 125 -43.97 54.65 8.41
C THR H 125 -42.55 55.02 8.83
N ARG H 126 -42.00 54.38 9.86
CA ARG H 126 -40.58 54.52 10.13
C ARG H 126 -39.73 53.65 9.20
N HIS H 127 -40.31 52.55 8.71
CA HIS H 127 -39.75 51.66 7.71
C HIS H 127 -38.44 50.98 8.09
N ASN H 128 -37.46 51.74 8.59
CA ASN H 128 -36.09 51.22 8.70
C ASN H 128 -35.98 50.00 9.62
N ILE H 129 -36.91 49.83 10.55
CA ILE H 129 -36.82 48.77 11.55
C ILE H 129 -36.69 47.39 10.91
N ILE H 130 -37.49 47.12 9.88
CA ILE H 130 -37.53 45.77 9.29
C ILE H 130 -36.22 45.41 8.60
N LEU H 131 -35.45 46.39 8.15
CA LEU H 131 -34.10 46.12 7.68
C LEU H 131 -33.25 45.45 8.75
N SER H 132 -33.30 45.98 9.98
CA SER H 132 -32.58 45.39 11.11
C SER H 132 -33.11 44.01 11.48
N ALA H 133 -34.42 43.79 11.37
CA ALA H 133 -34.99 42.47 11.62
C ALA H 133 -34.46 41.41 10.67
N GLY H 134 -34.26 41.76 9.40
CA GLY H 134 -33.56 40.85 8.49
C GLY H 134 -32.18 40.48 8.96
N ILE H 135 -31.40 41.47 9.39
CA ILE H 135 -30.05 41.23 9.90
C ILE H 135 -30.05 40.32 11.13
N PHE H 136 -31.08 40.46 11.99
CA PHE H 136 -31.21 39.54 13.12
C PHE H 136 -31.35 38.09 12.68
N PHE H 137 -32.22 37.81 11.70
CA PHE H 137 -32.32 36.44 11.18
C PHE H 137 -31.01 35.98 10.57
N VAL H 138 -30.37 36.84 9.77
CA VAL H 138 -29.13 36.48 9.07
C VAL H 138 -28.04 36.14 10.07
N SER H 139 -27.85 36.98 11.09
CA SER H 139 -26.85 36.71 12.11
C SER H 139 -27.18 35.47 12.94
N ALA H 140 -28.45 35.30 13.32
CA ALA H 140 -28.82 34.13 14.10
C ALA H 140 -28.63 32.84 13.32
N GLY H 141 -28.78 32.90 12.00
CA GLY H 141 -28.75 31.72 11.17
C GLY H 141 -27.48 30.90 11.15
N LEU H 142 -26.38 31.47 10.64
CA LEU H 142 -25.12 30.72 10.66
C LEU H 142 -24.73 30.32 12.07
N SER H 143 -25.00 31.16 13.06
CA SER H 143 -24.70 30.77 14.43
C SER H 143 -25.49 29.53 14.86
N ASN H 144 -26.68 29.35 14.29
CA ASN H 144 -27.44 28.12 14.57
C ASN H 144 -26.72 26.89 14.02
N ILE H 145 -25.94 27.06 12.96
CA ILE H 145 -25.19 25.94 12.40
C ILE H 145 -23.93 25.71 13.23
N ILE H 146 -23.27 26.80 13.63
CA ILE H 146 -22.06 26.72 14.43
C ILE H 146 -22.32 25.97 15.72
N GLY H 147 -23.42 26.31 16.39
CA GLY H 147 -23.81 25.59 17.60
C GLY H 147 -23.95 24.10 17.39
N ILE H 148 -24.63 23.70 16.32
CA ILE H 148 -24.83 22.28 16.01
C ILE H 148 -23.49 21.60 15.76
N ILE H 149 -22.68 22.18 14.88
CA ILE H 149 -21.38 21.59 14.53
C ILE H 149 -20.52 21.41 15.76
N VAL H 150 -20.42 22.44 16.61
CA VAL H 150 -19.63 22.34 17.83
C VAL H 150 -20.19 21.27 18.76
N TYR H 151 -21.52 21.24 18.91
CA TYR H 151 -22.14 20.23 19.77
C TYR H 151 -21.90 18.81 19.27
N ILE H 152 -21.92 18.61 17.95
CA ILE H 152 -21.54 17.30 17.40
C ILE H 152 -20.07 17.01 17.65
N SER H 153 -19.20 18.00 17.41
CA SER H 153 -17.76 17.80 17.62
C SER H 153 -17.46 17.41 19.06
N ALA H 154 -18.13 18.03 20.02
CA ALA H 154 -17.96 17.66 21.43
C ALA H 154 -18.33 16.20 21.69
N ASN H 155 -19.22 15.62 20.89
CA ASN H 155 -19.55 14.21 21.04
C ASN H 155 -18.73 13.31 20.12
N ALA H 156 -18.40 13.77 18.91
CA ALA H 156 -17.67 12.94 17.97
C ALA H 156 -16.16 12.96 18.20
N GLY H 157 -15.67 13.81 19.09
CA GLY H 157 -14.26 13.85 19.41
C GLY H 157 -13.80 12.65 20.21
N ASN H 167 -21.67 4.39 19.05
CA ASN H 167 -22.14 3.10 18.54
C ASN H 167 -23.64 2.93 18.77
N SER H 168 -24.37 2.58 17.71
CA SER H 168 -25.79 2.25 17.76
C SER H 168 -26.63 3.39 18.30
N TYR H 169 -26.09 4.60 18.33
CA TYR H 169 -26.86 5.77 18.74
C TYR H 169 -27.96 6.08 17.72
N SER H 170 -28.90 6.92 18.13
CA SER H 170 -29.92 7.42 17.22
C SER H 170 -30.25 8.86 17.59
N TYR H 171 -30.90 9.55 16.65
CA TYR H 171 -31.18 10.97 16.74
C TYR H 171 -32.63 11.20 17.12
N GLY H 172 -32.84 12.02 18.16
CA GLY H 172 -34.19 12.35 18.60
C GLY H 172 -34.78 13.53 17.85
N TRP H 173 -36.11 13.69 18.03
CA TRP H 173 -36.85 14.69 17.28
C TRP H 173 -36.45 16.13 17.62
N SER H 174 -36.00 16.41 18.85
CA SER H 174 -35.75 17.80 19.23
C SER H 174 -34.52 18.38 18.55
N PHE H 175 -33.52 17.53 18.25
CA PHE H 175 -32.45 17.93 17.34
C PHE H 175 -33.02 18.32 15.98
N TYR H 176 -33.89 17.48 15.42
CA TYR H 176 -34.49 17.76 14.13
C TYR H 176 -35.27 19.08 14.17
N PHE H 177 -35.97 19.35 15.27
CA PHE H 177 -36.63 20.64 15.46
C PHE H 177 -35.62 21.78 15.44
N GLY H 178 -34.55 21.64 16.22
CA GLY H 178 -33.48 22.63 16.26
C GLY H 178 -32.81 22.89 14.93
N ALA H 179 -32.92 21.94 14.00
CA ALA H 179 -32.48 22.15 12.62
C ALA H 179 -33.58 22.80 11.78
N LEU H 180 -34.75 22.16 11.71
CA LEU H 180 -35.77 22.61 10.77
C LEU H 180 -36.23 24.02 11.09
N SER H 181 -36.12 24.45 12.36
CA SER H 181 -36.34 25.85 12.68
C SER H 181 -35.50 26.73 11.76
N PHE H 182 -34.21 26.40 11.62
CA PHE H 182 -33.33 27.16 10.75
C PHE H 182 -33.71 26.97 9.29
N ILE H 183 -34.00 25.73 8.92
CA ILE H 183 -34.26 25.39 7.52
C ILE H 183 -35.42 26.23 6.98
N ILE H 184 -36.51 26.33 7.75
CA ILE H 184 -37.63 27.18 7.36
C ILE H 184 -37.35 28.67 7.59
N ALA H 185 -36.75 29.02 8.73
CA ALA H 185 -36.53 30.43 9.08
C ALA H 185 -35.64 31.17 8.09
N GLU H 186 -34.71 30.47 7.43
CA GLU H 186 -33.98 31.13 6.34
C GLU H 186 -34.90 31.57 5.20
N MET H 187 -35.81 30.69 4.77
CA MET H 187 -36.73 31.05 3.71
C MET H 187 -37.76 32.08 4.16
N VAL H 188 -38.13 32.06 5.44
CA VAL H 188 -38.88 33.17 6.03
C VAL H 188 -38.10 34.48 5.96
N GLY H 189 -36.80 34.44 6.23
CA GLY H 189 -35.98 35.64 6.10
C GLY H 189 -35.91 36.16 4.68
N VAL H 190 -35.80 35.25 3.72
CA VAL H 190 -35.90 35.63 2.30
C VAL H 190 -37.22 36.32 2.01
N LEU H 191 -38.33 35.71 2.41
CA LEU H 191 -39.65 36.31 2.19
C LEU H 191 -39.79 37.65 2.92
N ALA H 192 -39.15 37.79 4.08
CA ALA H 192 -39.16 39.06 4.81
C ALA H 192 -38.40 40.16 4.07
N VAL H 193 -37.23 39.85 3.51
CA VAL H 193 -36.52 40.86 2.72
C VAL H 193 -37.24 41.17 1.41
N HIS H 194 -37.88 40.17 0.81
CA HIS H 194 -38.74 40.44 -0.34
C HIS H 194 -39.89 41.37 0.03
N MET H 195 -40.51 41.14 1.20
CA MET H 195 -41.56 42.06 1.65
C MET H 195 -40.99 43.45 1.94
N PHE H 196 -39.78 43.52 2.49
CA PHE H 196 -39.12 44.80 2.73
C PHE H 196 -38.97 45.62 1.45
N ILE H 197 -38.59 44.97 0.35
CA ILE H 197 -38.54 45.66 -0.94
C ILE H 197 -39.88 45.66 -1.67
N ASP H 198 -40.89 45.00 -1.13
CA ASP H 198 -42.27 45.15 -1.58
C ASP H 198 -42.97 46.34 -0.94
N ARG H 199 -42.83 46.48 0.38
CA ARG H 199 -43.57 47.46 1.18
C ARG H 199 -42.83 48.76 1.40
N HIS H 200 -41.50 48.76 1.37
CA HIS H 200 -40.74 50.00 1.18
C HIS H 200 -40.17 50.05 -0.23
N LYS H 201 -39.58 51.20 -0.55
CA LYS H 201 -39.20 51.64 -1.90
C LYS H 201 -40.37 51.68 -2.89
N GLN H 202 -41.53 51.12 -2.53
CA GLN H 202 -42.77 51.60 -3.12
C GLN H 202 -43.10 53.03 -2.75
N LEU H 203 -42.39 53.61 -1.78
CA LEU H 203 -42.58 55.02 -1.43
C LEU H 203 -42.02 55.97 -2.48
N THR H 204 -41.16 55.49 -3.37
CA THR H 204 -40.49 56.31 -4.37
C THR H 204 -40.76 55.80 -5.77
N GLY H 205 -41.96 55.27 -6.01
CA GLY H 205 -42.33 54.75 -7.31
C GLY H 205 -43.72 54.15 -7.34
#